data_2WOV
#
_entry.id   2WOV
#
_cell.length_a   100.870
_cell.length_b   63.450
_cell.length_c   169.350
_cell.angle_alpha   90.00
_cell.angle_beta   97.85
_cell.angle_gamma   90.00
#
_symmetry.space_group_name_H-M   'P 1 21 1'
#
loop_
_entity.id
_entity.type
_entity.pdbx_description
1 polymer 'TRYPANOTHIONE REDUCTASE'
2 non-polymer 'NADPH DIHYDRO-NICOTINAMIDE-ADENINE-DINUCLEOTIDE PHOSPHATE'
3 non-polymer 'FLAVIN-ADENINE DINUCLEOTIDE'
4 non-polymer 'SODIUM ION'
5 water water
#
_entity_poly.entity_id   1
_entity_poly.type   'polypeptide(L)'
_entity_poly.pdbx_seq_one_letter_code
;GSHMSKAFDLVVIGAGSGGLEAGWNAATLYGKRVAVVDVQTSHGPPFYAALGGTCVNVGCVPKKLMVTGAQYMDHLRESA
GFGWEFDGSSVKANWKKLIAAKNEAVLDINKSYEGMFNDTEGLDFFLGWGSLESKNVVVVRETADPKSAVKERLQADHIL
LATGSWPQMPAIPGIEHCISSNEAFYLPEPPRRVLTVGGGFISVEFAGIFNAYKPPGGKVTLCYRNNLILRGFDETIREE
VTKQLTANGIEIMTNENPAKVSLNTDGSKHVTFESGKTLDVDVVMMAIGRIPRTNDLQLGNVGVKLTPKGGVQVDEFSRT
NVPNIYAIGDITDRLMLTPVAINEGAALVDTVFGNKPRKTDHTRVASAVFSIPPIGTCGLIEEVAAKEFEKVAVYMSSFT
PLMHNISGSKYKKFVAKIVTNHSDGTVLGVHLLGDGAPEIIQAVGVCLRLNAKISDFYNTIGVHPTSAEELCSMRTPSYY
YVKGEKMEKLPDSNL
;
_entity_poly.pdbx_strand_id   A,B,C,D
#
loop_
_chem_comp.id
_chem_comp.type
_chem_comp.name
_chem_comp.formula
FAD non-polymer 'FLAVIN-ADENINE DINUCLEOTIDE' 'C27 H33 N9 O15 P2'
NA non-polymer 'SODIUM ION' 'Na 1'
NDP non-polymer 'NADPH DIHYDRO-NICOTINAMIDE-ADENINE-DINUCLEOTIDE PHOSPHATE' 'C21 H30 N7 O17 P3'
#
# COMPACT_ATOMS: atom_id res chain seq x y z
N SER A 2 -28.49 -35.43 81.13
CA SER A 2 -29.38 -36.47 81.67
C SER A 2 -29.04 -37.84 81.10
N HIS A 3 -29.70 -38.80 81.73
CA HIS A 3 -29.45 -40.19 81.54
C HIS A 3 -30.70 -40.76 80.89
N MET A 4 -31.54 -39.86 80.37
CA MET A 4 -32.76 -40.21 79.61
C MET A 4 -32.55 -40.23 78.11
N SER A 5 -33.32 -41.09 77.45
CA SER A 5 -33.21 -41.21 76.01
C SER A 5 -33.85 -39.98 75.40
N LYS A 6 -33.49 -39.67 74.17
CA LYS A 6 -34.14 -38.56 73.47
C LYS A 6 -35.05 -39.09 72.35
N ALA A 7 -36.10 -38.34 72.02
CA ALA A 7 -37.12 -38.80 71.07
C ALA A 7 -37.14 -37.94 69.79
N PHE A 8 -37.19 -38.60 68.62
CA PHE A 8 -37.19 -37.87 67.34
C PHE A 8 -38.32 -38.27 66.37
N ASP A 9 -38.64 -37.42 65.40
CA ASP A 9 -39.56 -37.83 64.36
C ASP A 9 -38.83 -38.81 63.42
N LEU A 10 -37.52 -38.60 63.31
CA LEU A 10 -36.71 -39.28 62.34
C LEU A 10 -35.30 -39.36 62.88
N VAL A 11 -34.79 -40.57 62.93
CA VAL A 11 -33.36 -40.84 63.11
C VAL A 11 -32.75 -41.32 61.78
N VAL A 12 -31.62 -40.71 61.43
CA VAL A 12 -30.90 -41.06 60.25
C VAL A 12 -29.58 -41.64 60.66
N ILE A 13 -29.29 -42.85 60.18
CA ILE A 13 -28.05 -43.48 60.54
C ILE A 13 -27.06 -43.32 59.38
N GLY A 14 -26.00 -42.57 59.61
CA GLY A 14 -25.02 -42.30 58.59
C GLY A 14 -25.18 -40.92 58.10
N ALA A 15 -24.21 -40.06 58.41
CA ALA A 15 -24.37 -38.65 58.14
C ALA A 15 -23.70 -38.26 56.82
N GLY A 16 -24.13 -38.89 55.74
CA GLY A 16 -23.38 -38.81 54.46
C GLY A 16 -24.20 -38.06 53.47
N SER A 17 -23.94 -38.24 52.18
CA SER A 17 -24.61 -37.45 51.15
C SER A 17 -26.16 -37.51 51.30
N GLY A 18 -26.67 -38.73 51.27
CA GLY A 18 -28.10 -38.95 51.41
C GLY A 18 -28.64 -38.56 52.78
N GLY A 19 -27.90 -38.90 53.84
CA GLY A 19 -28.44 -38.78 55.18
C GLY A 19 -28.55 -37.34 55.61
N LEU A 20 -27.48 -36.60 55.33
CA LEU A 20 -27.44 -35.15 55.50
C LEU A 20 -28.58 -34.42 54.77
N GLU A 21 -28.79 -34.71 53.48
CA GLU A 21 -29.87 -34.08 52.75
C GLU A 21 -31.20 -34.39 53.38
N ALA A 22 -31.41 -35.68 53.70
CA ALA A 22 -32.60 -36.16 54.41
C ALA A 22 -32.88 -35.39 55.72
N GLY A 23 -31.90 -35.42 56.62
CA GLY A 23 -31.99 -34.73 57.92
C GLY A 23 -32.30 -33.25 57.81
N TRP A 24 -31.44 -32.55 57.08
CA TRP A 24 -31.56 -31.13 56.90
C TRP A 24 -32.94 -30.79 56.36
N ASN A 25 -33.39 -31.52 55.35
CA ASN A 25 -34.67 -31.20 54.76
C ASN A 25 -35.83 -31.37 55.73
N ALA A 26 -35.84 -32.50 56.44
CA ALA A 26 -36.88 -32.82 57.38
C ALA A 26 -37.01 -31.72 58.44
N ALA A 27 -35.89 -31.25 58.96
CA ALA A 27 -35.89 -30.21 59.95
C ALA A 27 -36.29 -28.87 59.33
N THR A 28 -35.49 -28.36 58.39
CA THR A 28 -35.67 -26.96 57.99
C THR A 28 -36.93 -26.73 57.17
N LEU A 29 -37.24 -27.69 56.30
CA LEU A 29 -38.41 -27.59 55.46
C LEU A 29 -39.72 -27.87 56.21
N TYR A 30 -39.74 -28.95 56.99
CA TYR A 30 -41.00 -29.51 57.51
C TYR A 30 -41.16 -29.37 59.02
N GLY A 31 -40.25 -28.66 59.65
CA GLY A 31 -40.22 -28.51 61.09
C GLY A 31 -40.14 -29.78 61.93
N LYS A 32 -39.69 -30.89 61.36
CA LYS A 32 -39.47 -32.14 62.15
C LYS A 32 -38.21 -32.15 63.03
N ARG A 33 -38.28 -32.93 64.13
CA ARG A 33 -37.15 -33.17 65.02
C ARG A 33 -36.43 -34.36 64.46
N VAL A 34 -35.12 -34.18 64.28
CA VAL A 34 -34.30 -35.11 63.51
C VAL A 34 -33.04 -35.42 64.30
N ALA A 35 -32.58 -36.68 64.23
CA ALA A 35 -31.27 -37.05 64.76
C ALA A 35 -30.40 -37.64 63.67
N VAL A 36 -29.12 -37.33 63.71
CA VAL A 36 -28.23 -37.91 62.73
C VAL A 36 -27.04 -38.52 63.45
N VAL A 37 -26.67 -39.74 63.07
CA VAL A 37 -25.61 -40.49 63.75
C VAL A 37 -24.47 -40.79 62.78
N ASP A 38 -23.23 -40.57 63.20
CA ASP A 38 -22.05 -40.98 62.45
C ASP A 38 -20.94 -41.32 63.41
N VAL A 39 -19.93 -42.02 62.93
CA VAL A 39 -18.94 -42.61 63.82
C VAL A 39 -17.81 -41.67 64.15
N GLN A 40 -17.72 -40.55 63.43
CA GLN A 40 -16.50 -39.76 63.49
C GLN A 40 -16.74 -38.34 63.03
N THR A 41 -16.13 -37.35 63.70
CA THR A 41 -16.49 -35.96 63.39
C THR A 41 -15.69 -35.44 62.22
N SER A 42 -14.52 -36.02 61.99
CA SER A 42 -13.71 -35.59 60.86
C SER A 42 -13.03 -36.75 60.14
N HIS A 43 -12.41 -36.41 59.02
CA HIS A 43 -11.92 -37.42 58.09
C HIS A 43 -10.74 -38.22 58.60
N GLY A 44 -10.50 -39.39 57.99
CA GLY A 44 -9.29 -40.17 58.22
C GLY A 44 -9.43 -41.40 59.13
N PRO A 45 -8.31 -42.08 59.38
CA PRO A 45 -8.30 -43.20 60.31
C PRO A 45 -8.93 -42.76 61.63
N PRO A 46 -9.58 -43.70 62.32
CA PRO A 46 -9.60 -45.10 61.82
C PRO A 46 -10.77 -45.45 60.93
N PHE A 47 -11.75 -44.59 60.82
CA PHE A 47 -13.01 -45.05 60.19
C PHE A 47 -13.23 -44.48 58.78
N TYR A 48 -12.34 -43.55 58.40
CA TYR A 48 -12.22 -42.88 57.11
C TYR A 48 -13.34 -41.94 56.76
N ALA A 49 -14.54 -42.50 56.55
CA ALA A 49 -15.75 -41.74 56.43
C ALA A 49 -16.16 -41.15 57.79
N ALA A 50 -16.66 -39.93 57.75
CA ALA A 50 -17.05 -39.23 58.96
C ALA A 50 -18.22 -38.42 58.56
N LEU A 51 -18.75 -37.66 59.48
CA LEU A 51 -19.60 -36.53 59.16
C LEU A 51 -19.38 -35.99 57.72
N GLY A 52 -20.43 -36.04 56.89
CA GLY A 52 -20.29 -35.60 55.51
C GLY A 52 -20.18 -36.75 54.51
N GLY A 53 -19.82 -37.94 55.03
CA GLY A 53 -19.96 -39.17 54.27
C GLY A 53 -18.72 -39.57 53.49
N THR A 54 -18.93 -40.44 52.50
CA THR A 54 -17.78 -40.95 51.73
C THR A 54 -17.34 -39.86 50.74
N CYS A 55 -18.32 -39.27 50.12
CA CYS A 55 -18.10 -38.16 49.24
C CYS A 55 -17.09 -37.13 49.77
N VAL A 56 -17.49 -36.49 50.88
CA VAL A 56 -16.74 -35.36 51.42
C VAL A 56 -15.39 -35.81 51.95
N ASN A 57 -15.31 -36.99 52.57
CA ASN A 57 -14.15 -37.40 53.35
C ASN A 57 -13.08 -38.24 52.60
N VAL A 58 -13.57 -39.19 51.78
CA VAL A 58 -12.74 -40.19 51.13
C VAL A 58 -13.34 -40.62 49.77
N GLY A 59 -13.68 -39.63 48.94
CA GLY A 59 -14.50 -39.88 47.80
C GLY A 59 -14.55 -38.64 46.93
N CYS A 60 -15.73 -38.39 46.38
CA CYS A 60 -15.92 -37.28 45.43
C CYS A 60 -14.97 -36.08 45.67
N VAL A 61 -15.06 -35.45 46.83
CA VAL A 61 -14.35 -34.17 47.03
C VAL A 61 -12.84 -34.30 46.99
N PRO A 62 -12.25 -35.22 47.78
CA PRO A 62 -10.80 -35.24 47.70
C PRO A 62 -10.31 -35.91 46.43
N LYS A 63 -11.09 -36.80 45.82
CA LYS A 63 -10.44 -37.40 44.68
C LYS A 63 -10.32 -36.37 43.54
N LYS A 64 -11.25 -35.44 43.53
CA LYS A 64 -11.37 -34.50 42.46
C LYS A 64 -10.30 -33.46 42.62
N LEU A 65 -9.97 -33.11 43.86
CA LEU A 65 -8.82 -32.24 44.11
C LEU A 65 -7.53 -32.94 43.69
N MET A 66 -7.43 -34.24 44.01
CA MET A 66 -6.30 -35.01 43.61
C MET A 66 -6.14 -35.18 42.10
N VAL A 67 -7.25 -35.45 41.42
CA VAL A 67 -7.21 -35.57 39.99
C VAL A 67 -6.88 -34.18 39.43
N THR A 68 -7.30 -33.12 40.10
CA THR A 68 -7.04 -31.79 39.54
C THR A 68 -5.56 -31.46 39.61
N GLY A 69 -4.94 -31.74 40.77
CA GLY A 69 -3.49 -31.70 40.94
C GLY A 69 -2.86 -32.50 39.82
N ALA A 70 -3.29 -33.75 39.62
CA ALA A 70 -2.65 -34.56 38.59
C ALA A 70 -2.65 -34.01 37.16
N GLN A 71 -3.63 -33.16 36.82
CA GLN A 71 -3.83 -32.67 35.47
C GLN A 71 -2.75 -31.68 35.14
N TYR A 72 -2.18 -31.04 36.17
CA TYR A 72 -1.01 -30.16 36.00
C TYR A 72 0.16 -30.86 35.34
N MET A 73 0.32 -32.20 35.50
CA MET A 73 1.42 -32.93 34.78
C MET A 73 1.31 -32.66 33.32
N ASP A 74 0.10 -32.86 32.82
CA ASP A 74 -0.26 -32.62 31.45
C ASP A 74 -0.15 -31.16 31.10
N HIS A 75 -0.68 -30.28 31.92
CA HIS A 75 -0.70 -28.88 31.57
C HIS A 75 0.75 -28.38 31.38
N LEU A 76 1.58 -28.64 32.39
CA LEU A 76 2.99 -28.23 32.33
C LEU A 76 3.68 -28.67 31.06
N ARG A 77 3.50 -29.91 30.67
CA ARG A 77 4.16 -30.39 29.45
C ARG A 77 3.58 -29.69 28.21
N GLU A 78 2.26 -29.57 28.15
CA GLU A 78 1.59 -29.13 26.95
C GLU A 78 1.71 -27.63 26.73
N SER A 79 1.97 -26.88 27.80
CA SER A 79 2.20 -25.43 27.71
C SER A 79 3.36 -25.12 26.72
N ALA A 80 4.39 -25.99 26.67
CA ALA A 80 5.53 -25.83 25.74
C ALA A 80 5.11 -25.57 24.29
N GLY A 81 4.10 -26.29 23.80
CA GLY A 81 3.55 -26.06 22.47
C GLY A 81 3.06 -24.64 22.25
N PHE A 82 2.73 -23.95 23.33
CA PHE A 82 2.11 -22.63 23.20
C PHE A 82 3.10 -21.49 23.55
N GLY A 83 4.33 -21.89 23.82
CA GLY A 83 5.42 -20.97 23.88
C GLY A 83 5.96 -20.89 25.28
N TRP A 84 5.44 -21.70 26.19
CA TRP A 84 5.90 -21.56 27.56
C TRP A 84 7.23 -22.29 27.69
N GLU A 85 8.23 -21.58 28.20
CA GLU A 85 9.55 -22.13 28.42
C GLU A 85 9.92 -22.04 29.88
N PHE A 86 10.29 -23.18 30.43
CA PHE A 86 10.78 -23.22 31.79
C PHE A 86 11.81 -24.34 31.89
N ASP A 87 12.45 -24.46 33.05
CA ASP A 87 13.41 -25.50 33.25
C ASP A 87 12.69 -26.81 33.60
N GLY A 88 12.51 -27.62 32.55
CA GLY A 88 11.89 -28.93 32.65
C GLY A 88 12.54 -29.85 33.67
N SER A 89 13.86 -29.70 33.87
CA SER A 89 14.62 -30.57 34.78
C SER A 89 14.29 -30.32 36.26
N SER A 90 13.90 -29.10 36.59
CA SER A 90 13.58 -28.69 37.98
C SER A 90 12.24 -29.24 38.55
N VAL A 91 11.43 -29.84 37.66
CA VAL A 91 10.01 -30.16 37.94
C VAL A 91 9.75 -31.32 38.95
N LYS A 92 9.13 -31.00 40.08
CA LYS A 92 8.81 -32.05 41.04
C LYS A 92 7.32 -32.04 41.44
N ALA A 93 6.79 -33.23 41.64
CA ALA A 93 5.40 -33.42 42.06
C ALA A 93 5.44 -33.80 43.52
N ASN A 94 5.14 -32.85 44.40
CA ASN A 94 5.21 -33.07 45.84
C ASN A 94 3.86 -33.53 46.43
N TRP A 95 3.75 -34.84 46.65
CA TRP A 95 2.55 -35.49 47.15
C TRP A 95 2.15 -35.05 48.52
N LYS A 96 3.11 -34.83 49.40
CA LYS A 96 2.75 -34.49 50.79
C LYS A 96 2.04 -33.16 50.87
N LYS A 97 2.44 -32.25 49.98
CA LYS A 97 1.88 -30.91 49.88
C LYS A 97 0.41 -31.07 49.40
N LEU A 98 0.23 -31.82 48.31
CA LEU A 98 -1.07 -32.18 47.79
C LEU A 98 -1.98 -32.76 48.89
N ILE A 99 -1.47 -33.79 49.58
CA ILE A 99 -2.25 -34.47 50.60
C ILE A 99 -2.51 -33.53 51.78
N ALA A 100 -1.50 -32.80 52.21
CA ALA A 100 -1.77 -31.78 53.27
C ALA A 100 -2.87 -30.78 52.84
N ALA A 101 -2.84 -30.34 51.58
CA ALA A 101 -3.85 -29.36 51.15
C ALA A 101 -5.21 -30.04 51.02
N LYS A 102 -5.24 -31.27 50.53
CA LYS A 102 -6.49 -32.00 50.50
C LYS A 102 -7.07 -32.09 51.92
N ASN A 103 -6.23 -32.37 52.92
CA ASN A 103 -6.72 -32.60 54.31
C ASN A 103 -7.33 -31.36 54.98
N GLU A 104 -6.72 -30.21 54.68
CA GLU A 104 -7.16 -28.91 55.19
C GLU A 104 -8.54 -28.58 54.59
N ALA A 105 -8.68 -28.77 53.29
CA ALA A 105 -9.93 -28.56 52.60
C ALA A 105 -11.07 -29.45 53.17
N VAL A 106 -10.78 -30.76 53.24
CA VAL A 106 -11.68 -31.72 53.82
C VAL A 106 -12.11 -31.28 55.25
N LEU A 107 -11.12 -31.05 56.13
CA LEU A 107 -11.40 -30.63 57.52
C LEU A 107 -12.30 -29.42 57.66
N ASP A 108 -12.12 -28.38 56.83
CA ASP A 108 -13.03 -27.21 56.77
C ASP A 108 -14.50 -27.64 56.52
N ILE A 109 -14.70 -28.56 55.59
CA ILE A 109 -16.03 -29.05 55.34
C ILE A 109 -16.56 -29.76 56.60
N ASN A 110 -15.75 -30.63 57.22
CA ASN A 110 -16.14 -31.28 58.49
C ASN A 110 -16.56 -30.25 59.54
N LYS A 111 -15.68 -29.27 59.75
CA LYS A 111 -15.88 -28.21 60.73
C LYS A 111 -17.12 -27.39 60.47
N SER A 112 -17.43 -27.14 59.20
CA SER A 112 -18.64 -26.38 58.94
C SER A 112 -19.89 -27.24 59.18
N TYR A 113 -19.77 -28.54 59.00
CA TYR A 113 -20.90 -29.45 59.29
C TYR A 113 -21.18 -29.45 60.79
N GLU A 114 -20.14 -29.72 61.57
CA GLU A 114 -20.09 -29.48 63.03
C GLU A 114 -20.88 -28.17 63.32
N GLY A 115 -20.44 -27.04 62.78
CA GLY A 115 -21.12 -25.76 62.98
C GLY A 115 -22.63 -25.86 62.87
N MET A 116 -23.11 -26.37 61.74
CA MET A 116 -24.54 -26.43 61.36
C MET A 116 -25.43 -27.18 62.33
N PHE A 117 -24.96 -28.32 62.81
CA PHE A 117 -25.65 -29.19 63.77
C PHE A 117 -25.69 -28.61 65.19
N ASN A 118 -24.76 -27.69 65.48
CA ASN A 118 -24.79 -27.00 66.76
C ASN A 118 -25.80 -25.83 66.64
N ASP A 119 -26.13 -25.46 65.40
CA ASP A 119 -26.96 -24.28 65.09
C ASP A 119 -28.45 -24.49 64.80
N THR A 120 -28.81 -25.58 64.12
CA THR A 120 -30.15 -25.73 63.52
C THR A 120 -31.12 -26.41 64.47
N GLU A 121 -32.29 -25.77 64.62
CA GLU A 121 -33.37 -26.31 65.47
C GLU A 121 -33.94 -27.62 64.92
N GLY A 122 -33.88 -28.65 65.76
CA GLY A 122 -34.42 -29.96 65.42
C GLY A 122 -33.54 -30.79 64.50
N LEU A 123 -32.24 -30.50 64.50
CA LEU A 123 -31.24 -31.28 63.78
C LEU A 123 -30.04 -31.54 64.69
N ASP A 124 -30.05 -32.70 65.35
CA ASP A 124 -29.02 -33.04 66.31
C ASP A 124 -28.08 -34.11 65.78
N PHE A 125 -26.79 -33.94 66.11
CA PHE A 125 -25.78 -34.92 65.75
C PHE A 125 -25.42 -35.82 66.93
N PHE A 126 -25.32 -37.11 66.68
CA PHE A 126 -24.85 -38.04 67.66
C PHE A 126 -23.64 -38.83 67.15
N LEU A 127 -22.59 -38.85 67.97
CA LEU A 127 -21.31 -39.51 67.65
C LEU A 127 -21.33 -40.94 68.16
N GLY A 128 -21.31 -41.90 67.22
CA GLY A 128 -21.19 -43.30 67.55
C GLY A 128 -21.72 -44.20 66.45
N TRP A 129 -22.03 -45.46 66.82
CA TRP A 129 -22.48 -46.44 65.86
C TRP A 129 -23.96 -46.79 66.03
N GLY A 130 -24.77 -46.42 65.07
CA GLY A 130 -26.20 -46.66 65.17
C GLY A 130 -26.52 -48.11 64.80
N SER A 131 -27.45 -48.73 65.53
CA SER A 131 -28.06 -49.96 65.09
C SER A 131 -29.51 -49.95 65.47
N LEU A 132 -30.23 -50.93 64.95
CA LEU A 132 -31.64 -51.08 65.20
C LEU A 132 -31.91 -52.02 66.35
N GLU A 133 -32.42 -51.47 67.46
CA GLU A 133 -32.80 -52.27 68.62
C GLU A 133 -34.20 -52.79 68.37
N SER A 134 -35.07 -51.89 67.96
CA SER A 134 -36.42 -52.26 67.63
C SER A 134 -37.00 -51.23 66.64
N LYS A 135 -38.24 -51.46 66.23
CA LYS A 135 -39.00 -50.64 65.28
C LYS A 135 -38.81 -49.14 65.47
N ASN A 136 -38.76 -48.68 66.72
CA ASN A 136 -38.72 -47.26 67.03
C ASN A 136 -37.58 -46.91 67.98
N VAL A 137 -36.53 -47.75 68.06
CA VAL A 137 -35.36 -47.38 68.87
C VAL A 137 -34.06 -47.55 68.13
N VAL A 138 -33.35 -46.45 67.90
CA VAL A 138 -31.99 -46.63 67.40
C VAL A 138 -31.03 -46.57 68.57
N VAL A 139 -30.12 -47.55 68.67
CA VAL A 139 -29.12 -47.55 69.73
C VAL A 139 -27.82 -46.97 69.22
N VAL A 140 -27.18 -46.12 70.01
CA VAL A 140 -25.87 -45.64 69.62
C VAL A 140 -24.81 -46.18 70.59
N ARG A 141 -23.93 -47.02 70.05
CA ARG A 141 -22.90 -47.66 70.85
C ARG A 141 -21.54 -47.07 70.51
N GLU A 142 -20.54 -47.42 71.29
CA GLU A 142 -19.20 -46.89 71.15
C GLU A 142 -18.40 -47.49 70.00
N THR A 143 -18.75 -48.71 69.61
CA THR A 143 -18.18 -49.32 68.38
C THR A 143 -19.18 -50.21 67.68
N ALA A 144 -18.74 -50.72 66.53
CA ALA A 144 -19.51 -51.61 65.68
C ALA A 144 -19.87 -52.92 66.38
N ASP A 145 -19.03 -53.32 67.33
CA ASP A 145 -19.37 -54.45 68.17
C ASP A 145 -20.71 -54.15 68.86
N PRO A 146 -21.70 -55.04 68.64
CA PRO A 146 -23.04 -54.85 69.21
C PRO A 146 -23.04 -55.03 70.72
N LYS A 147 -21.88 -55.41 71.26
CA LYS A 147 -21.77 -55.56 72.71
C LYS A 147 -20.97 -54.44 73.39
N SER A 148 -20.63 -53.40 72.62
CA SER A 148 -19.92 -52.22 73.13
C SER A 148 -20.89 -51.41 73.99
N ALA A 149 -20.38 -50.42 74.72
CA ALA A 149 -21.23 -49.64 75.61
C ALA A 149 -22.23 -48.82 74.82
N VAL A 150 -23.38 -48.55 75.44
CA VAL A 150 -24.42 -47.69 74.88
C VAL A 150 -24.20 -46.21 75.28
N LYS A 151 -24.17 -45.32 74.28
CA LYS A 151 -24.00 -43.88 74.46
C LYS A 151 -25.38 -43.20 74.49
N GLU A 152 -26.31 -43.66 73.65
CA GLU A 152 -27.64 -43.06 73.58
C GLU A 152 -28.62 -44.13 73.12
N ARG A 153 -29.87 -43.99 73.53
CA ARG A 153 -30.96 -44.62 72.83
C ARG A 153 -31.81 -43.54 72.20
N LEU A 154 -32.06 -43.66 70.92
CA LEU A 154 -32.81 -42.65 70.23
C LEU A 154 -34.17 -43.16 69.78
N GLN A 155 -35.24 -42.60 70.32
CA GLN A 155 -36.59 -43.04 69.91
C GLN A 155 -36.94 -42.40 68.58
N ALA A 156 -37.42 -43.21 67.65
CA ALA A 156 -37.73 -42.76 66.28
C ALA A 156 -39.10 -43.21 65.74
N ASP A 157 -39.86 -42.30 65.14
CA ASP A 157 -41.15 -42.69 64.52
C ASP A 157 -40.83 -43.30 63.17
N HIS A 158 -39.80 -42.72 62.55
CA HIS A 158 -39.28 -43.14 61.25
C HIS A 158 -37.76 -43.20 61.34
N ILE A 159 -37.22 -44.33 60.88
CA ILE A 159 -35.76 -44.54 60.86
C ILE A 159 -35.34 -44.55 59.43
N LEU A 160 -34.29 -43.78 59.12
CA LEU A 160 -33.65 -43.85 57.81
C LEU A 160 -32.28 -44.49 57.90
N LEU A 161 -32.07 -45.49 57.05
CA LEU A 161 -30.78 -46.19 56.92
C LEU A 161 -30.01 -45.60 55.72
N ALA A 162 -28.85 -44.96 55.96
CA ALA A 162 -28.01 -44.31 54.94
C ALA A 162 -26.49 -44.41 55.32
N THR A 163 -26.08 -45.64 55.58
CA THR A 163 -24.72 -45.97 55.99
C THR A 163 -23.74 -46.21 54.82
N GLY A 164 -24.23 -46.06 53.60
CA GLY A 164 -23.38 -46.16 52.42
C GLY A 164 -22.72 -47.51 52.15
N SER A 165 -21.52 -47.45 51.59
CA SER A 165 -20.79 -48.66 51.25
C SER A 165 -19.34 -48.70 51.77
N TRP A 166 -18.62 -49.72 51.33
CA TRP A 166 -17.33 -50.10 51.90
C TRP A 166 -16.56 -50.86 50.86
N PRO A 167 -15.22 -50.73 50.83
CA PRO A 167 -14.53 -51.40 49.74
C PRO A 167 -14.59 -52.92 49.90
N GLN A 168 -14.81 -53.60 48.77
CA GLN A 168 -14.74 -55.07 48.65
C GLN A 168 -13.26 -55.45 48.53
N MET A 169 -12.84 -56.43 49.33
CA MET A 169 -11.48 -56.98 49.28
C MET A 169 -11.58 -58.46 48.94
N PRO A 170 -10.89 -58.92 47.87
CA PRO A 170 -11.06 -60.32 47.54
C PRO A 170 -10.32 -61.14 48.59
N ALA A 171 -10.78 -62.36 48.82
CA ALA A 171 -10.17 -63.21 49.86
C ALA A 171 -9.09 -64.01 49.20
N ILE A 172 -7.88 -63.47 49.12
CA ILE A 172 -6.72 -64.16 48.50
C ILE A 172 -5.56 -64.22 49.50
N PRO A 173 -4.61 -65.17 49.33
CA PRO A 173 -3.45 -65.13 50.21
C PRO A 173 -2.73 -63.76 50.22
N GLY A 174 -2.51 -63.22 51.42
CA GLY A 174 -1.68 -62.02 51.58
C GLY A 174 -2.45 -60.76 51.22
N ILE A 175 -3.77 -60.87 51.35
CA ILE A 175 -4.68 -59.78 51.14
C ILE A 175 -4.33 -58.67 52.13
N GLU A 176 -3.80 -59.04 53.29
CA GLU A 176 -3.43 -58.03 54.31
C GLU A 176 -2.29 -57.06 53.85
N HIS A 177 -1.57 -57.42 52.79
CA HIS A 177 -0.52 -56.54 52.26
C HIS A 177 -1.09 -55.50 51.31
N CYS A 178 -2.40 -55.61 51.06
CA CYS A 178 -3.14 -54.71 50.17
C CYS A 178 -3.91 -53.58 50.87
N ILE A 179 -4.10 -52.50 50.12
CA ILE A 179 -4.91 -51.42 50.60
C ILE A 179 -6.20 -51.24 49.74
N SER A 180 -7.07 -50.35 50.21
CA SER A 180 -8.17 -49.88 49.40
C SER A 180 -8.06 -48.36 49.17
N SER A 181 -9.06 -47.75 48.54
CA SER A 181 -9.03 -46.32 48.26
C SER A 181 -8.91 -45.54 49.55
N ASN A 182 -9.32 -46.15 50.67
CA ASN A 182 -9.39 -45.41 51.92
C ASN A 182 -7.96 -45.04 52.29
N GLU A 183 -7.06 -46.03 52.23
CA GLU A 183 -5.72 -45.87 52.68
C GLU A 183 -5.00 -45.06 51.64
N ALA A 184 -5.47 -45.12 50.39
CA ALA A 184 -4.77 -44.41 49.32
C ALA A 184 -4.69 -42.92 49.64
N PHE A 185 -5.78 -42.38 50.19
CA PHE A 185 -5.90 -40.95 50.48
C PHE A 185 -4.93 -40.46 51.55
N TYR A 186 -4.28 -41.39 52.23
CA TYR A 186 -3.47 -41.05 53.40
C TYR A 186 -2.02 -41.56 53.29
N LEU A 187 -1.63 -42.05 52.12
CA LEU A 187 -0.30 -42.54 51.95
C LEU A 187 0.75 -41.48 52.34
N PRO A 188 1.74 -41.86 53.19
CA PRO A 188 2.76 -40.87 53.55
C PRO A 188 3.60 -40.42 52.35
N GLU A 189 3.68 -41.28 51.32
CA GLU A 189 4.49 -41.03 50.13
C GLU A 189 3.79 -41.59 48.90
N PRO A 190 3.95 -40.92 47.75
CA PRO A 190 3.44 -41.51 46.52
C PRO A 190 4.25 -42.78 46.16
N PRO A 191 3.58 -43.86 45.74
CA PRO A 191 4.38 -45.05 45.46
C PRO A 191 5.18 -44.93 44.19
N ARG A 192 6.39 -45.46 44.24
CA ARG A 192 7.24 -45.56 43.07
C ARG A 192 6.59 -46.50 42.06
N ARG A 193 6.24 -47.71 42.53
CA ARG A 193 5.55 -48.72 41.71
C ARG A 193 4.25 -49.04 42.41
N VAL A 194 3.14 -49.03 41.68
CA VAL A 194 1.83 -49.30 42.28
C VAL A 194 0.97 -50.07 41.31
N LEU A 195 0.27 -51.07 41.83
CA LEU A 195 -0.69 -51.86 41.03
C LEU A 195 -2.10 -51.45 41.49
N THR A 196 -2.94 -50.94 40.58
CA THR A 196 -4.38 -50.67 40.92
C THR A 196 -5.18 -51.76 40.27
N VAL A 197 -5.81 -52.59 41.11
CA VAL A 197 -6.57 -53.79 40.71
C VAL A 197 -8.06 -53.40 40.45
N GLY A 198 -8.52 -53.58 39.23
CA GLY A 198 -9.91 -53.37 38.91
C GLY A 198 -9.95 -52.57 37.64
N GLY A 199 -11.04 -52.66 36.90
CA GLY A 199 -11.21 -51.89 35.65
C GLY A 199 -12.33 -50.89 35.74
N GLY A 200 -12.63 -50.40 36.94
CA GLY A 200 -13.76 -49.51 37.15
C GLY A 200 -13.38 -48.09 37.48
N PHE A 201 -14.34 -47.34 38.03
CA PHE A 201 -14.17 -45.93 38.42
C PHE A 201 -12.90 -45.68 39.23
N ILE A 202 -12.75 -46.44 40.31
CA ILE A 202 -11.74 -46.09 41.33
C ILE A 202 -10.33 -46.44 40.89
N SER A 203 -10.19 -47.59 40.23
CA SER A 203 -8.93 -48.00 39.73
C SER A 203 -8.40 -47.04 38.66
N VAL A 204 -9.28 -46.60 37.79
CA VAL A 204 -8.85 -45.84 36.64
C VAL A 204 -8.63 -44.42 37.08
N GLU A 205 -9.39 -43.97 38.06
CA GLU A 205 -9.19 -42.61 38.51
C GLU A 205 -7.94 -42.55 39.31
N PHE A 206 -7.73 -43.52 40.19
CA PHE A 206 -6.50 -43.47 41.00
C PHE A 206 -5.22 -43.66 40.21
N ALA A 207 -5.28 -44.44 39.11
CA ALA A 207 -4.12 -44.73 38.31
C ALA A 207 -3.60 -43.43 37.77
N GLY A 208 -4.55 -42.62 37.28
CA GLY A 208 -4.28 -41.29 36.83
C GLY A 208 -3.61 -40.46 37.91
N ILE A 209 -4.11 -40.54 39.15
CA ILE A 209 -3.51 -39.77 40.22
C ILE A 209 -2.07 -40.26 40.48
N PHE A 210 -1.92 -41.54 40.75
CA PHE A 210 -0.59 -42.10 40.99
C PHE A 210 0.37 -41.81 39.85
N ASN A 211 -0.10 -41.85 38.62
CA ASN A 211 0.79 -41.63 37.46
C ASN A 211 1.42 -40.24 37.41
N ALA A 212 0.68 -39.21 37.80
CA ALA A 212 1.22 -37.85 37.81
C ALA A 212 2.22 -37.56 38.97
N TYR A 213 2.09 -38.30 40.06
CA TYR A 213 2.78 -37.95 41.29
C TYR A 213 3.89 -38.90 41.60
N LYS A 214 4.04 -39.88 40.71
CA LYS A 214 5.07 -40.90 40.89
C LYS A 214 6.44 -40.25 40.91
N PRO A 215 7.33 -40.77 41.76
CA PRO A 215 8.73 -40.34 41.67
C PRO A 215 9.42 -40.77 40.37
N PRO A 216 10.57 -40.18 40.05
CA PRO A 216 11.33 -40.63 38.89
C PRO A 216 11.52 -42.17 38.88
N GLY A 217 11.53 -42.74 37.67
CA GLY A 217 11.62 -44.20 37.46
C GLY A 217 10.40 -44.94 38.00
N GLY A 218 9.29 -44.24 38.18
CA GLY A 218 8.11 -44.83 38.77
C GLY A 218 7.23 -45.40 37.69
N LYS A 219 6.36 -46.32 38.06
CA LYS A 219 5.47 -46.99 37.12
C LYS A 219 4.08 -47.34 37.69
N VAL A 220 3.01 -46.93 37.01
CA VAL A 220 1.69 -47.34 37.50
C VAL A 220 1.21 -48.44 36.58
N THR A 221 0.65 -49.48 37.19
CA THR A 221 0.08 -50.60 36.43
C THR A 221 -1.34 -50.80 36.89
N LEU A 222 -2.27 -50.87 35.94
CA LEU A 222 -3.64 -51.20 36.29
C LEU A 222 -3.93 -52.59 35.71
N CYS A 223 -4.36 -53.54 36.54
CA CYS A 223 -4.82 -54.84 36.04
C CYS A 223 -6.37 -54.98 36.00
N TYR A 224 -6.85 -55.65 34.98
CA TYR A 224 -8.26 -55.92 34.84
C TYR A 224 -8.52 -57.39 34.45
N ARG A 225 -9.43 -58.06 35.17
CA ARG A 225 -9.61 -59.51 35.03
C ARG A 225 -10.15 -59.99 33.69
N ASN A 226 -10.73 -59.09 32.89
CA ASN A 226 -11.30 -59.44 31.57
C ASN A 226 -10.66 -58.61 30.43
N ASN A 227 -11.32 -58.49 29.28
CA ASN A 227 -10.57 -58.03 28.13
C ASN A 227 -10.51 -56.51 27.97
N LEU A 228 -11.60 -55.84 28.31
CA LEU A 228 -11.67 -54.39 28.09
C LEU A 228 -12.25 -53.66 29.33
N ILE A 229 -11.48 -52.73 29.89
CA ILE A 229 -11.89 -52.02 31.11
C ILE A 229 -13.19 -51.22 30.95
N LEU A 230 -13.79 -50.89 32.10
CA LEU A 230 -14.92 -49.96 32.11
C LEU A 230 -16.19 -50.52 31.42
N ARG A 231 -16.47 -51.78 31.74
CA ARG A 231 -17.72 -52.42 31.40
C ARG A 231 -18.88 -51.52 31.89
N GLY A 232 -19.89 -51.37 31.03
CA GLY A 232 -21.05 -50.53 31.31
C GLY A 232 -20.95 -49.19 30.58
N PHE A 233 -19.74 -48.81 30.18
CA PHE A 233 -19.59 -47.57 29.49
C PHE A 233 -19.56 -47.86 28.00
N ASP A 234 -19.63 -46.77 27.23
CA ASP A 234 -19.63 -46.82 25.80
C ASP A 234 -18.39 -47.56 25.31
N GLU A 235 -18.62 -48.54 24.44
CA GLU A 235 -17.52 -49.32 23.86
C GLU A 235 -16.37 -48.50 23.20
N THR A 236 -16.70 -47.56 22.30
CA THR A 236 -15.70 -46.70 21.70
C THR A 236 -14.91 -46.03 22.81
N ILE A 237 -15.63 -45.50 23.82
CA ILE A 237 -14.98 -44.84 24.93
C ILE A 237 -14.12 -45.77 25.75
N ARG A 238 -14.57 -47.00 26.02
CA ARG A 238 -13.70 -47.93 26.76
C ARG A 238 -12.35 -48.14 26.06
N GLU A 239 -12.39 -48.32 24.73
CA GLU A 239 -11.20 -48.58 23.95
C GLU A 239 -10.35 -47.34 23.87
N GLU A 240 -10.98 -46.17 23.80
CA GLU A 240 -10.23 -44.89 23.68
C GLU A 240 -9.54 -44.51 24.99
N VAL A 241 -10.25 -44.68 26.12
CA VAL A 241 -9.61 -44.26 27.37
C VAL A 241 -8.39 -45.21 27.64
N THR A 242 -8.52 -46.47 27.23
CA THR A 242 -7.46 -47.43 27.31
C THR A 242 -6.24 -46.95 26.49
N LYS A 243 -6.44 -46.55 25.22
CA LYS A 243 -5.34 -45.94 24.43
C LYS A 243 -4.77 -44.76 25.16
N GLN A 244 -5.64 -43.91 25.69
CA GLN A 244 -5.15 -42.64 26.24
C GLN A 244 -4.38 -42.79 27.52
N LEU A 245 -4.77 -43.78 28.32
CA LEU A 245 -4.10 -44.01 29.57
C LEU A 245 -2.73 -44.56 29.28
N THR A 246 -2.68 -45.59 28.44
CA THR A 246 -1.43 -46.15 27.91
C THR A 246 -0.54 -45.04 27.37
N ALA A 247 -1.07 -44.22 26.46
CA ALA A 247 -0.27 -43.07 25.92
C ALA A 247 0.35 -42.17 26.99
N ASN A 248 -0.30 -42.04 28.15
CA ASN A 248 0.29 -41.20 29.21
C ASN A 248 1.17 -41.97 30.20
N GLY A 249 1.53 -43.22 29.89
CA GLY A 249 2.57 -43.94 30.64
C GLY A 249 2.10 -45.01 31.65
N ILE A 250 0.80 -45.37 31.61
CA ILE A 250 0.20 -46.36 32.51
C ILE A 250 0.06 -47.71 31.80
N GLU A 251 0.58 -48.77 32.39
CA GLU A 251 0.44 -50.09 31.79
C GLU A 251 -0.91 -50.65 32.18
N ILE A 252 -1.76 -50.89 31.19
CA ILE A 252 -2.99 -51.66 31.39
C ILE A 252 -2.83 -53.16 31.08
N MET A 253 -2.86 -53.97 32.14
CA MET A 253 -2.79 -55.43 32.05
C MET A 253 -4.19 -55.99 31.96
N THR A 254 -4.58 -56.52 30.80
CA THR A 254 -5.93 -57.06 30.64
C THR A 254 -5.89 -58.57 30.74
N ASN A 255 -7.02 -59.16 31.14
CA ASN A 255 -7.09 -60.58 31.37
C ASN A 255 -6.14 -61.09 32.42
N GLU A 256 -5.96 -60.31 33.49
CA GLU A 256 -5.04 -60.63 34.55
C GLU A 256 -5.64 -60.30 35.90
N ASN A 257 -5.46 -61.19 36.86
CA ASN A 257 -6.06 -61.02 38.18
C ASN A 257 -5.14 -61.50 39.27
N PRO A 258 -4.95 -60.71 40.31
CA PRO A 258 -4.03 -61.15 41.36
C PRO A 258 -4.51 -62.40 42.12
N ALA A 259 -3.63 -63.38 42.31
CA ALA A 259 -3.98 -64.65 42.97
C ALA A 259 -3.45 -64.70 44.38
N LYS A 260 -2.29 -64.06 44.54
CA LYS A 260 -1.65 -64.00 45.84
C LYS A 260 -0.63 -62.85 45.87
N VAL A 261 -0.32 -62.38 47.07
CA VAL A 261 0.63 -61.30 47.29
C VAL A 261 1.48 -61.76 48.44
N SER A 262 2.79 -61.63 48.32
CA SER A 262 3.68 -61.87 49.46
C SER A 262 4.67 -60.72 49.50
N LEU A 263 5.44 -60.62 50.59
CA LEU A 263 6.43 -59.55 50.76
C LEU A 263 7.78 -60.05 50.35
N ASN A 264 8.49 -59.27 49.54
CA ASN A 264 9.88 -59.57 49.28
C ASN A 264 10.74 -59.26 50.50
N THR A 265 12.03 -59.61 50.45
CA THR A 265 12.85 -59.42 51.62
C THR A 265 12.93 -57.94 51.93
N ASP A 266 12.98 -57.11 50.90
CA ASP A 266 13.07 -55.68 51.10
C ASP A 266 11.73 -55.00 51.47
N GLY A 267 10.69 -55.80 51.72
CA GLY A 267 9.36 -55.27 52.09
C GLY A 267 8.41 -54.86 50.97
N SER A 268 8.90 -54.73 49.74
CA SER A 268 8.02 -54.47 48.60
C SER A 268 7.11 -55.69 48.39
N LYS A 269 6.10 -55.52 47.52
CA LYS A 269 5.05 -56.51 47.33
C LYS A 269 5.22 -57.32 46.04
N HIS A 270 5.22 -58.63 46.20
CA HIS A 270 5.40 -59.57 45.11
C HIS A 270 4.05 -60.18 44.78
N VAL A 271 3.49 -59.69 43.67
CA VAL A 271 2.19 -60.16 43.15
C VAL A 271 2.34 -61.34 42.15
N THR A 272 1.52 -62.36 42.40
CA THR A 272 1.34 -63.47 41.47
C THR A 272 -0.11 -63.43 40.94
N PHE A 273 -0.24 -63.32 39.62
CA PHE A 273 -1.53 -63.37 38.92
C PHE A 273 -2.03 -64.81 38.72
N GLU A 274 -3.34 -64.97 38.54
CA GLU A 274 -3.93 -66.25 38.21
C GLU A 274 -3.17 -66.92 37.04
N SER A 275 -2.73 -66.11 36.09
CA SER A 275 -1.99 -66.62 34.94
C SER A 275 -0.60 -67.14 35.31
N GLY A 276 -0.22 -66.90 36.56
CA GLY A 276 1.14 -67.20 37.02
C GLY A 276 2.17 -66.11 36.79
N LYS A 277 1.85 -65.10 35.99
CA LYS A 277 2.75 -63.96 35.77
C LYS A 277 3.03 -63.25 37.09
N THR A 278 4.13 -62.53 37.17
CA THR A 278 4.49 -61.86 38.42
C THR A 278 4.70 -60.36 38.30
N LEU A 279 4.51 -59.63 39.41
CA LEU A 279 4.85 -58.22 39.42
C LEU A 279 5.17 -57.70 40.83
N ASP A 280 6.28 -56.95 40.92
CA ASP A 280 6.73 -56.34 42.13
C ASP A 280 6.33 -54.88 42.14
N VAL A 281 5.64 -54.49 43.21
CA VAL A 281 5.26 -53.10 43.41
C VAL A 281 5.45 -52.71 44.86
N ASP A 282 5.38 -51.40 45.09
CA ASP A 282 5.45 -50.86 46.44
C ASP A 282 4.11 -50.81 47.13
N VAL A 283 3.05 -50.71 46.33
CA VAL A 283 1.66 -50.61 46.80
C VAL A 283 0.69 -51.35 45.86
N VAL A 284 -0.14 -52.19 46.45
CA VAL A 284 -1.22 -52.83 45.72
C VAL A 284 -2.56 -52.28 46.22
N MET A 285 -3.23 -51.51 45.39
CA MET A 285 -4.53 -50.95 45.76
C MET A 285 -5.59 -51.76 45.07
N MET A 286 -6.37 -52.52 45.84
CA MET A 286 -7.60 -53.18 45.33
C MET A 286 -8.78 -52.23 45.14
N ALA A 287 -9.41 -52.28 43.96
CA ALA A 287 -10.56 -51.39 43.62
C ALA A 287 -11.52 -52.20 42.82
N ILE A 288 -12.02 -53.26 43.45
CA ILE A 288 -12.76 -54.28 42.73
C ILE A 288 -14.25 -54.21 43.02
N GLY A 289 -14.67 -53.10 43.62
CA GLY A 289 -16.08 -52.92 43.97
C GLY A 289 -16.24 -52.34 45.35
N ARG A 290 -17.46 -51.88 45.63
CA ARG A 290 -17.87 -51.43 46.95
C ARG A 290 -19.22 -52.06 47.30
N ILE A 291 -19.37 -52.47 48.56
CA ILE A 291 -20.59 -53.16 49.00
C ILE A 291 -21.37 -52.41 50.07
N PRO A 292 -22.72 -52.58 50.06
CA PRO A 292 -23.50 -51.87 51.02
C PRO A 292 -23.09 -52.25 52.43
N ARG A 293 -23.16 -51.27 53.32
CA ARG A 293 -22.74 -51.42 54.70
C ARG A 293 -23.95 -51.75 55.53
N THR A 294 -24.28 -53.04 55.57
CA THR A 294 -25.40 -53.51 56.37
C THR A 294 -24.97 -54.26 57.62
N ASN A 295 -23.76 -54.80 57.57
CA ASN A 295 -23.28 -55.68 58.61
CA ASN A 295 -23.16 -55.61 58.61
C ASN A 295 -23.42 -55.14 60.05
N ASP A 296 -23.34 -53.83 60.27
CA ASP A 296 -23.36 -53.36 61.66
C ASP A 296 -24.71 -52.87 62.15
N LEU A 297 -25.70 -52.83 61.26
CA LEU A 297 -26.99 -52.30 61.65
C LEU A 297 -27.91 -53.16 62.51
N GLN A 298 -27.61 -54.46 62.61
CA GLN A 298 -28.40 -55.48 63.38
C GLN A 298 -29.82 -55.53 62.86
N LEU A 299 -29.92 -55.67 61.54
CA LEU A 299 -31.20 -55.62 60.86
C LEU A 299 -32.03 -56.82 61.25
N GLY A 300 -31.33 -57.90 61.62
CA GLY A 300 -31.95 -59.08 62.19
C GLY A 300 -32.96 -58.78 63.29
N ASN A 301 -32.78 -57.67 64.01
CA ASN A 301 -33.61 -57.39 65.18
C ASN A 301 -35.01 -56.91 64.82
N VAL A 302 -35.19 -56.39 63.63
CA VAL A 302 -36.49 -55.85 63.22
C VAL A 302 -37.01 -56.56 61.99
N GLY A 303 -36.10 -57.25 61.28
CA GLY A 303 -36.47 -58.06 60.12
C GLY A 303 -36.43 -57.31 58.81
N VAL A 304 -35.52 -56.34 58.67
CA VAL A 304 -35.35 -55.63 57.40
C VAL A 304 -34.67 -56.59 56.47
N LYS A 305 -35.22 -56.79 55.27
CA LYS A 305 -34.75 -57.80 54.31
C LYS A 305 -33.70 -57.25 53.38
N LEU A 306 -32.71 -58.08 53.10
CA LEU A 306 -31.66 -57.72 52.18
C LEU A 306 -32.00 -58.29 50.83
N THR A 307 -31.42 -57.72 49.77
CA THR A 307 -31.45 -58.35 48.47
C THR A 307 -30.45 -59.49 48.49
N PRO A 308 -30.67 -60.48 47.61
CA PRO A 308 -29.74 -61.57 47.34
C PRO A 308 -28.32 -61.06 47.26
N LYS A 309 -28.18 -59.85 46.72
CA LYS A 309 -26.91 -59.15 46.54
C LYS A 309 -26.25 -58.68 47.84
N GLY A 310 -27.03 -58.01 48.70
CA GLY A 310 -26.54 -57.49 50.00
C GLY A 310 -27.08 -56.11 50.38
N GLY A 311 -27.68 -55.40 49.44
CA GLY A 311 -28.26 -54.12 49.73
C GLY A 311 -29.59 -54.24 50.44
N VAL A 312 -29.97 -53.21 51.18
CA VAL A 312 -31.32 -53.17 51.74
C VAL A 312 -32.36 -53.11 50.63
N GLN A 313 -33.28 -54.05 50.64
CA GLN A 313 -34.34 -54.03 49.64
C GLN A 313 -35.27 -52.87 49.84
N VAL A 314 -35.55 -52.18 48.74
CA VAL A 314 -36.47 -51.04 48.88
C VAL A 314 -37.45 -50.99 47.72
N ASP A 315 -38.61 -50.38 47.95
CA ASP A 315 -39.52 -50.12 46.83
C ASP A 315 -39.06 -48.82 46.17
N GLU A 316 -39.80 -48.34 45.19
CA GLU A 316 -39.37 -47.17 44.42
C GLU A 316 -39.29 -45.95 45.33
N PHE A 317 -40.01 -46.01 46.45
CA PHE A 317 -40.13 -44.90 47.41
C PHE A 317 -39.16 -45.00 48.61
N SER A 318 -38.20 -45.94 48.47
CA SER A 318 -37.13 -46.17 49.46
C SER A 318 -37.56 -46.91 50.70
N ARG A 319 -38.75 -47.49 50.69
CA ARG A 319 -39.26 -48.15 51.90
C ARG A 319 -38.83 -49.60 51.96
N THR A 320 -38.36 -49.99 53.13
CA THR A 320 -38.05 -51.38 53.42
C THR A 320 -39.32 -52.16 53.63
N ASN A 321 -39.18 -53.46 53.89
CA ASN A 321 -40.37 -54.23 54.22
C ASN A 321 -40.95 -53.85 55.58
N VAL A 322 -40.19 -53.10 56.37
CA VAL A 322 -40.65 -52.64 57.69
C VAL A 322 -41.20 -51.21 57.60
N PRO A 323 -42.49 -51.06 58.01
CA PRO A 323 -43.35 -49.92 57.65
C PRO A 323 -42.70 -48.52 57.68
N ASN A 324 -41.92 -48.25 58.74
CA ASN A 324 -41.40 -46.89 59.01
C ASN A 324 -39.86 -46.80 58.92
N ILE A 325 -39.25 -47.80 58.28
CA ILE A 325 -37.79 -47.88 58.18
C ILE A 325 -37.46 -47.75 56.71
N TYR A 326 -36.55 -46.84 56.39
CA TYR A 326 -36.26 -46.58 54.99
C TYR A 326 -34.77 -46.62 54.73
N ALA A 327 -34.40 -46.94 53.49
CA ALA A 327 -32.99 -46.91 53.13
C ALA A 327 -32.75 -46.06 51.89
N ILE A 328 -31.60 -45.38 51.84
CA ILE A 328 -31.19 -44.64 50.65
C ILE A 328 -29.70 -44.59 50.45
N GLY A 329 -29.29 -44.29 49.22
CA GLY A 329 -27.90 -44.14 48.90
C GLY A 329 -27.32 -45.51 48.66
N ASP A 330 -26.00 -45.65 48.79
CA ASP A 330 -25.31 -46.87 48.42
C ASP A 330 -25.81 -48.07 49.18
N ILE A 331 -26.49 -47.85 50.30
CA ILE A 331 -26.94 -48.97 51.10
C ILE A 331 -27.99 -49.78 50.35
N THR A 332 -28.58 -49.15 49.33
CA THR A 332 -29.52 -49.87 48.45
C THR A 332 -28.85 -50.47 47.20
N ASP A 333 -27.59 -50.11 46.97
CA ASP A 333 -26.86 -50.67 45.84
C ASP A 333 -27.64 -50.66 44.50
N ARG A 334 -28.32 -49.54 44.21
CA ARG A 334 -28.90 -49.35 42.91
C ARG A 334 -27.79 -48.60 42.20
N LEU A 335 -27.93 -47.29 42.05
CA LEU A 335 -26.89 -46.48 41.44
C LEU A 335 -26.02 -45.90 42.56
N MET A 336 -24.71 -46.12 42.53
CA MET A 336 -23.86 -45.51 43.58
C MET A 336 -23.23 -44.18 43.20
N LEU A 337 -24.01 -43.12 43.41
CA LEU A 337 -23.56 -41.76 43.14
C LEU A 337 -24.04 -40.82 44.24
N THR A 338 -23.22 -39.83 44.55
CA THR A 338 -23.55 -38.82 45.53
C THR A 338 -24.87 -38.13 45.18
N PRO A 339 -24.99 -37.56 43.97
CA PRO A 339 -26.21 -36.76 43.81
C PRO A 339 -27.46 -37.63 43.69
N VAL A 340 -27.26 -38.91 43.39
CA VAL A 340 -28.36 -39.86 43.40
C VAL A 340 -28.81 -40.05 44.85
N ALA A 341 -27.85 -40.23 45.76
CA ALA A 341 -28.11 -40.40 47.17
C ALA A 341 -28.83 -39.20 47.74
N ILE A 342 -28.38 -38.00 47.38
CA ILE A 342 -29.00 -36.74 47.71
C ILE A 342 -30.48 -36.67 47.25
N ASN A 343 -30.72 -37.07 45.99
CA ASN A 343 -32.08 -37.02 45.40
C ASN A 343 -32.97 -37.99 46.17
N GLU A 344 -32.48 -39.23 46.35
CA GLU A 344 -33.23 -40.23 47.16
C GLU A 344 -33.65 -39.71 48.54
N GLY A 345 -32.73 -39.08 49.26
CA GLY A 345 -33.02 -38.44 50.53
C GLY A 345 -34.13 -37.41 50.48
N ALA A 346 -34.02 -36.45 49.56
CA ALA A 346 -35.06 -35.42 49.38
C ALA A 346 -36.42 -36.01 49.01
N ALA A 347 -36.46 -36.88 48.01
CA ALA A 347 -37.69 -37.61 47.66
C ALA A 347 -38.28 -38.42 48.84
N LEU A 348 -37.44 -39.11 49.62
CA LEU A 348 -37.97 -39.84 50.77
C LEU A 348 -38.66 -38.87 51.72
N VAL A 349 -37.92 -37.86 52.15
CA VAL A 349 -38.42 -36.89 53.13
C VAL A 349 -39.72 -36.25 52.66
N ASP A 350 -39.74 -35.73 51.42
CA ASP A 350 -40.91 -35.12 50.84
C ASP A 350 -42.12 -36.07 50.91
N THR A 351 -41.88 -37.36 50.67
CA THR A 351 -42.93 -38.39 50.67
C THR A 351 -43.47 -38.70 52.05
N VAL A 352 -42.54 -38.91 52.98
CA VAL A 352 -42.86 -39.23 54.36
C VAL A 352 -43.47 -38.02 55.10
N PHE A 353 -42.90 -36.84 54.90
CA PHE A 353 -43.27 -35.70 55.70
C PHE A 353 -43.98 -34.64 54.89
N GLY A 354 -43.91 -34.74 53.57
CA GLY A 354 -44.68 -33.89 52.67
C GLY A 354 -46.04 -34.51 52.41
N ASN A 355 -46.91 -33.80 51.68
CA ASN A 355 -48.29 -34.24 51.40
C ASN A 355 -48.45 -35.04 50.11
N LYS A 356 -47.31 -35.35 49.48
CA LYS A 356 -47.22 -35.75 48.05
C LYS A 356 -46.01 -36.66 47.76
N PRO A 357 -46.26 -37.95 47.48
CA PRO A 357 -45.18 -38.89 47.20
C PRO A 357 -44.33 -38.50 46.00
N ARG A 358 -43.05 -38.84 46.09
CA ARG A 358 -42.07 -38.57 45.03
CA ARG A 358 -42.07 -38.56 45.04
C ARG A 358 -41.05 -39.71 44.98
N LYS A 359 -40.77 -40.21 43.78
CA LYS A 359 -39.71 -41.21 43.58
C LYS A 359 -38.58 -40.64 42.74
N THR A 360 -37.37 -41.01 43.11
CA THR A 360 -36.18 -40.74 42.33
C THR A 360 -36.17 -41.46 40.97
N ASP A 361 -35.94 -40.72 39.89
CA ASP A 361 -35.70 -41.38 38.59
C ASP A 361 -34.23 -41.83 38.34
N HIS A 362 -34.05 -43.14 38.42
CA HIS A 362 -32.77 -43.80 38.19
C HIS A 362 -32.33 -43.92 36.74
N THR A 363 -33.16 -43.54 35.78
CA THR A 363 -32.69 -43.63 34.40
C THR A 363 -32.15 -42.26 33.98
N ARG A 364 -31.36 -42.22 32.90
CA ARG A 364 -30.95 -40.92 32.37
C ARG A 364 -30.18 -40.04 33.39
N VAL A 365 -29.31 -40.71 34.16
CA VAL A 365 -28.55 -40.00 35.20
C VAL A 365 -27.19 -39.61 34.69
N ALA A 366 -26.97 -38.32 34.59
CA ALA A 366 -25.70 -37.88 34.09
C ALA A 366 -24.62 -38.24 35.12
N SER A 367 -23.44 -38.63 34.65
CA SER A 367 -22.36 -38.97 35.57
C SER A 367 -21.03 -38.92 34.87
N ALA A 368 -19.93 -39.09 35.59
CA ALA A 368 -18.59 -38.84 35.04
C ALA A 368 -17.54 -39.83 35.53
N VAL A 369 -16.47 -39.95 34.78
CA VAL A 369 -15.26 -40.56 35.32
C VAL A 369 -14.20 -39.47 35.26
N PHE A 370 -13.60 -39.14 36.40
CA PHE A 370 -12.53 -38.17 36.41
C PHE A 370 -11.19 -38.84 36.15
N SER A 371 -11.21 -39.57 35.05
CA SER A 371 -10.01 -40.12 34.51
C SER A 371 -9.30 -39.02 33.74
N ILE A 372 -8.03 -39.26 33.43
CA ILE A 372 -7.25 -38.37 32.59
C ILE A 372 -7.09 -39.04 31.24
N PRO A 373 -7.92 -38.70 30.26
CA PRO A 373 -8.92 -37.63 30.20
C PRO A 373 -10.28 -38.16 30.73
N PRO A 374 -11.22 -37.25 31.08
CA PRO A 374 -12.45 -37.63 31.74
C PRO A 374 -13.55 -38.06 30.80
N ILE A 375 -14.39 -38.94 31.30
CA ILE A 375 -15.61 -39.32 30.66
C ILE A 375 -16.81 -38.55 31.20
N GLY A 376 -17.80 -38.30 30.33
CA GLY A 376 -19.12 -37.79 30.72
C GLY A 376 -20.24 -38.53 30.00
N THR A 377 -21.18 -39.10 30.75
CA THR A 377 -22.18 -39.95 30.13
C THR A 377 -23.60 -39.74 30.69
N CYS A 378 -24.59 -39.88 29.83
CA CYS A 378 -25.98 -39.85 30.29
C CYS A 378 -26.76 -40.78 29.40
N GLY A 379 -27.38 -41.76 30.02
CA GLY A 379 -28.35 -42.60 29.32
C GLY A 379 -27.79 -43.91 28.88
N LEU A 380 -28.40 -44.48 27.86
CA LEU A 380 -28.16 -45.88 27.47
C LEU A 380 -27.00 -45.98 26.52
N ILE A 381 -26.18 -47.03 26.69
CA ILE A 381 -25.19 -47.34 25.68
C ILE A 381 -25.91 -48.04 24.53
N GLU A 382 -25.29 -48.06 23.35
CA GLU A 382 -25.95 -48.53 22.14
C GLU A 382 -26.37 -49.99 22.22
N GLU A 383 -25.50 -50.82 22.76
CA GLU A 383 -25.80 -52.25 22.83
C GLU A 383 -27.00 -52.54 23.75
N VAL A 384 -27.26 -51.68 24.73
CA VAL A 384 -28.45 -51.81 25.58
C VAL A 384 -29.72 -51.29 24.91
N ALA A 385 -29.62 -50.13 24.27
CA ALA A 385 -30.68 -49.57 23.46
C ALA A 385 -31.11 -50.59 22.41
N ALA A 386 -30.14 -51.17 21.72
CA ALA A 386 -30.40 -52.07 20.61
C ALA A 386 -31.13 -53.35 21.02
N LYS A 387 -31.02 -53.73 22.28
CA LYS A 387 -31.84 -54.79 22.82
C LYS A 387 -33.30 -54.36 23.12
N GLU A 388 -33.56 -53.05 23.19
CA GLU A 388 -34.91 -52.58 23.53
C GLU A 388 -35.64 -51.83 22.41
N PHE A 389 -34.96 -51.54 21.31
CA PHE A 389 -35.59 -50.81 20.21
C PHE A 389 -35.23 -51.38 18.87
N GLU A 390 -36.25 -51.73 18.08
CA GLU A 390 -36.03 -52.23 16.73
C GLU A 390 -35.05 -51.36 15.97
N LYS A 391 -35.19 -50.04 16.04
CA LYS A 391 -34.27 -49.19 15.27
C LYS A 391 -33.50 -48.17 16.11
N VAL A 392 -32.18 -48.31 16.08
CA VAL A 392 -31.24 -47.51 16.87
C VAL A 392 -30.24 -46.83 15.95
N ALA A 393 -30.12 -45.52 16.07
CA ALA A 393 -29.12 -44.78 15.33
C ALA A 393 -28.01 -44.32 16.28
N VAL A 394 -26.78 -44.35 15.78
CA VAL A 394 -25.64 -43.84 16.52
C VAL A 394 -24.95 -42.70 15.75
N TYR A 395 -24.78 -41.56 16.40
CA TYR A 395 -24.05 -40.44 15.80
C TYR A 395 -22.73 -40.29 16.50
N MET A 396 -21.64 -40.40 15.76
CA MET A 396 -20.32 -40.38 16.37
C MET A 396 -19.40 -39.32 15.78
N SER A 397 -18.72 -38.59 16.64
CA SER A 397 -17.68 -37.65 16.26
C SER A 397 -16.50 -37.88 17.18
N SER A 398 -15.34 -38.14 16.60
CA SER A 398 -14.14 -38.49 17.33
C SER A 398 -12.88 -38.04 16.59
N PHE A 399 -12.21 -37.03 17.11
CA PHE A 399 -11.19 -36.31 16.37
C PHE A 399 -10.27 -35.67 17.42
N THR A 400 -8.98 -35.57 17.14
CA THR A 400 -8.11 -34.75 17.97
C THR A 400 -8.47 -33.28 17.77
N PRO A 401 -8.69 -32.52 18.87
CA PRO A 401 -8.94 -31.07 18.84
C PRO A 401 -7.71 -30.32 18.44
N LEU A 402 -7.91 -29.23 17.70
CA LEU A 402 -6.81 -28.48 17.14
C LEU A 402 -5.78 -28.08 18.19
N MET A 403 -6.26 -27.70 19.38
CA MET A 403 -5.35 -27.30 20.48
C MET A 403 -4.38 -28.42 20.79
N HIS A 404 -4.78 -29.65 20.53
CA HIS A 404 -3.91 -30.76 20.85
C HIS A 404 -2.96 -31.19 19.70
N ASN A 405 -3.01 -30.52 18.55
CA ASN A 405 -1.96 -30.69 17.53
C ASN A 405 -0.81 -29.72 17.81
N ILE A 406 -1.07 -28.79 18.72
CA ILE A 406 -0.07 -27.82 19.11
C ILE A 406 0.60 -28.25 20.40
N SER A 407 -0.23 -28.63 21.37
CA SER A 407 0.18 -29.07 22.71
C SER A 407 1.08 -30.27 22.66
N GLY A 408 0.94 -31.06 21.61
CA GLY A 408 1.77 -32.23 21.41
C GLY A 408 1.11 -33.51 21.92
N SER A 409 -0.09 -33.41 22.51
CA SER A 409 -0.84 -34.60 22.92
C SER A 409 -1.76 -35.05 21.79
N LYS A 410 -1.20 -35.49 20.67
CA LYS A 410 -1.99 -35.95 19.52
C LYS A 410 -2.99 -37.04 19.87
N TYR A 411 -2.63 -37.90 20.80
CA TYR A 411 -3.50 -39.01 21.23
C TYR A 411 -4.79 -38.57 21.98
N LYS A 412 -5.01 -37.26 22.17
CA LYS A 412 -6.17 -36.85 22.94
C LYS A 412 -7.42 -36.63 22.09
N LYS A 413 -7.94 -37.72 21.51
CA LYS A 413 -9.16 -37.61 20.72
C LYS A 413 -10.33 -37.25 21.65
N PHE A 414 -11.08 -36.24 21.31
CA PHE A 414 -12.38 -36.03 21.94
C PHE A 414 -13.43 -36.84 21.23
N VAL A 415 -14.16 -37.65 21.99
CA VAL A 415 -15.23 -38.48 21.45
C VAL A 415 -16.62 -38.00 21.87
N ALA A 416 -17.52 -37.82 20.91
CA ALA A 416 -18.92 -37.44 21.21
C ALA A 416 -19.86 -38.35 20.45
N LYS A 417 -20.65 -39.13 21.21
CA LYS A 417 -21.57 -40.13 20.67
C LYS A 417 -22.97 -39.94 21.19
N ILE A 418 -23.94 -39.84 20.28
CA ILE A 418 -25.36 -39.70 20.64
C ILE A 418 -26.12 -40.92 20.15
N VAL A 419 -26.95 -41.49 21.03
CA VAL A 419 -27.67 -42.70 20.71
C VAL A 419 -29.19 -42.41 20.62
N THR A 420 -29.81 -42.82 19.51
CA THR A 420 -31.21 -42.49 19.32
C THR A 420 -32.06 -43.73 19.09
N ASN A 421 -33.33 -43.61 19.44
CA ASN A 421 -34.35 -44.48 18.89
C ASN A 421 -34.63 -43.85 17.55
N HIS A 422 -34.29 -44.54 16.47
CA HIS A 422 -34.40 -43.98 15.13
C HIS A 422 -35.84 -43.83 14.64
N SER A 423 -36.74 -44.65 15.16
CA SER A 423 -38.12 -44.51 14.79
C SER A 423 -38.54 -43.04 14.93
N ASP A 424 -38.29 -42.44 16.11
CA ASP A 424 -38.88 -41.14 16.54
C ASP A 424 -37.86 -40.04 16.94
N GLY A 425 -36.58 -40.33 16.80
CA GLY A 425 -35.55 -39.34 17.11
C GLY A 425 -35.14 -39.19 18.57
N THR A 426 -35.90 -39.77 19.49
CA THR A 426 -35.59 -39.62 20.93
C THR A 426 -34.14 -39.99 21.25
N VAL A 427 -33.46 -39.07 21.92
CA VAL A 427 -32.11 -39.29 22.43
C VAL A 427 -32.12 -40.22 23.62
N LEU A 428 -31.44 -41.34 23.46
CA LEU A 428 -31.40 -42.37 24.48
C LEU A 428 -30.18 -42.31 25.37
N GLY A 429 -29.09 -41.74 24.87
CA GLY A 429 -27.81 -41.73 25.59
C GLY A 429 -26.80 -40.83 24.92
N VAL A 430 -26.01 -40.14 25.71
CA VAL A 430 -24.93 -39.34 25.20
C VAL A 430 -23.66 -39.71 25.94
N HIS A 431 -22.61 -39.97 25.18
CA HIS A 431 -21.37 -40.40 25.75
C HIS A 431 -20.24 -39.52 25.24
N LEU A 432 -19.49 -38.92 26.17
CA LEU A 432 -18.35 -38.05 25.83
C LEU A 432 -17.09 -38.50 26.54
N LEU A 433 -15.95 -38.22 25.92
CA LEU A 433 -14.61 -38.44 26.47
C LEU A 433 -13.81 -37.24 26.00
N GLY A 434 -13.09 -36.62 26.95
CA GLY A 434 -12.15 -35.52 26.68
C GLY A 434 -12.34 -34.42 27.70
N ASP A 435 -11.49 -33.39 27.60
CA ASP A 435 -11.47 -32.36 28.63
C ASP A 435 -12.83 -31.67 28.64
N GLY A 436 -13.38 -31.40 29.83
CA GLY A 436 -14.69 -30.77 29.93
C GLY A 436 -15.89 -31.70 29.81
N ALA A 437 -15.67 -32.95 29.40
CA ALA A 437 -16.76 -33.94 29.37
C ALA A 437 -17.72 -33.88 30.60
N PRO A 438 -17.19 -33.96 31.83
CA PRO A 438 -18.13 -33.90 32.99
C PRO A 438 -19.01 -32.61 33.02
N GLU A 439 -18.45 -31.48 32.61
CA GLU A 439 -19.16 -30.19 32.65
C GLU A 439 -20.17 -30.08 31.52
N ILE A 440 -19.76 -30.53 30.35
CA ILE A 440 -20.63 -30.51 29.19
C ILE A 440 -21.88 -31.29 29.50
N ILE A 441 -21.69 -32.43 30.16
CA ILE A 441 -22.75 -33.41 30.26
C ILE A 441 -23.90 -33.01 31.15
N GLN A 442 -23.71 -32.09 32.10
CA GLN A 442 -24.76 -31.79 33.09
C GLN A 442 -26.07 -31.33 32.41
N ALA A 443 -25.97 -30.36 31.51
CA ALA A 443 -27.15 -29.85 30.88
C ALA A 443 -27.76 -30.93 29.97
N VAL A 444 -26.93 -31.80 29.41
CA VAL A 444 -27.46 -32.92 28.63
C VAL A 444 -28.42 -33.75 29.51
N GLY A 445 -28.16 -33.81 30.81
CA GLY A 445 -29.09 -34.43 31.74
C GLY A 445 -30.49 -33.82 31.68
N VAL A 446 -30.53 -32.49 31.58
CA VAL A 446 -31.81 -31.83 31.57
C VAL A 446 -32.52 -32.17 30.25
N CYS A 447 -31.75 -32.28 29.19
CA CYS A 447 -32.30 -32.52 27.87
C CYS A 447 -33.01 -33.86 27.82
N LEU A 448 -32.35 -34.88 28.35
CA LEU A 448 -32.92 -36.21 28.33
C LEU A 448 -34.19 -36.29 29.17
N ARG A 449 -34.19 -35.65 30.33
CA ARG A 449 -35.42 -35.46 31.10
C ARG A 449 -36.55 -34.81 30.26
N LEU A 450 -36.19 -33.85 29.41
CA LEU A 450 -37.17 -33.20 28.59
C LEU A 450 -37.49 -33.95 27.29
N ASN A 451 -37.02 -35.20 27.22
CA ASN A 451 -37.34 -36.05 26.09
C ASN A 451 -36.82 -35.46 24.76
N ALA A 452 -35.62 -34.87 24.83
CA ALA A 452 -34.91 -34.35 23.68
C ALA A 452 -34.82 -35.34 22.50
N LYS A 453 -34.81 -34.80 21.27
CA LYS A 453 -34.66 -35.60 20.04
C LYS A 453 -33.43 -35.14 19.28
N ILE A 454 -32.85 -36.01 18.45
CA ILE A 454 -31.67 -35.64 17.70
C ILE A 454 -31.78 -34.25 17.05
N SER A 455 -32.94 -33.99 16.44
CA SER A 455 -33.19 -32.69 15.80
C SER A 455 -33.28 -31.51 16.80
N ASP A 456 -33.59 -31.77 18.05
CA ASP A 456 -33.46 -30.70 19.07
C ASP A 456 -31.97 -30.23 19.25
N PHE A 457 -31.06 -31.17 19.35
CA PHE A 457 -29.65 -30.84 19.42
C PHE A 457 -29.20 -30.17 18.13
N TYR A 458 -29.60 -30.73 17.00
CA TYR A 458 -29.11 -30.27 15.73
C TYR A 458 -29.54 -28.84 15.44
N ASN A 459 -30.80 -28.52 15.73
CA ASN A 459 -31.33 -27.16 15.50
C ASN A 459 -30.73 -26.10 16.39
N THR A 460 -30.23 -26.52 17.55
CA THR A 460 -29.49 -25.64 18.45
C THR A 460 -28.20 -25.14 17.81
N ILE A 461 -28.01 -23.83 17.89
CA ILE A 461 -26.85 -23.22 17.31
C ILE A 461 -25.66 -23.42 18.24
N GLY A 462 -24.58 -23.95 17.66
CA GLY A 462 -23.33 -24.28 18.40
C GLY A 462 -22.58 -23.11 18.99
N VAL A 463 -21.83 -23.34 20.07
CA VAL A 463 -20.91 -22.31 20.59
C VAL A 463 -19.53 -22.71 20.13
N HIS A 464 -18.86 -21.75 19.52
CA HIS A 464 -17.68 -22.01 18.76
C HIS A 464 -16.58 -21.09 19.16
N PRO A 465 -15.35 -21.64 19.25
CA PRO A 465 -14.94 -23.06 19.20
C PRO A 465 -15.06 -23.77 20.55
N THR A 466 -15.87 -24.82 20.60
CA THR A 466 -15.89 -25.70 21.75
C THR A 466 -15.83 -27.17 21.34
N SER A 467 -15.59 -28.01 22.33
CA SER A 467 -15.79 -29.44 22.19
C SER A 467 -17.28 -29.75 22.12
N ALA A 468 -18.04 -29.12 23.01
CA ALA A 468 -19.48 -29.37 23.14
C ALA A 468 -20.28 -29.26 21.84
N GLU A 469 -19.94 -28.29 20.99
CA GLU A 469 -20.67 -28.06 19.74
C GLU A 469 -20.74 -29.28 18.80
N GLU A 470 -19.80 -30.21 18.92
CA GLU A 470 -19.93 -31.52 18.27
C GLU A 470 -21.32 -32.15 18.50
N LEU A 471 -21.95 -31.87 19.64
CA LEU A 471 -23.23 -32.47 20.01
C LEU A 471 -24.37 -31.85 19.23
N CYS A 472 -24.09 -30.71 18.62
CA CYS A 472 -25.09 -29.91 17.97
C CYS A 472 -24.82 -29.77 16.45
N SER A 473 -23.87 -30.56 15.93
CA SER A 473 -23.56 -30.56 14.49
C SER A 473 -23.66 -31.94 13.86
N MET A 474 -24.47 -32.82 14.44
CA MET A 474 -24.62 -34.20 13.97
C MET A 474 -26.05 -34.45 13.51
N ARG A 475 -26.20 -34.64 12.19
CA ARG A 475 -27.50 -34.87 11.53
C ARG A 475 -27.60 -36.24 10.82
N THR A 476 -26.45 -36.79 10.42
CA THR A 476 -26.40 -38.09 9.72
C THR A 476 -25.77 -39.17 10.60
N PRO A 477 -26.51 -40.28 10.87
CA PRO A 477 -26.00 -41.35 11.73
C PRO A 477 -24.76 -42.00 11.13
N SER A 478 -23.78 -42.34 11.94
CA SER A 478 -22.65 -43.12 11.44
C SER A 478 -23.01 -44.57 11.16
N TYR A 479 -23.90 -45.13 11.97
CA TYR A 479 -24.38 -46.51 11.77
C TYR A 479 -25.71 -46.74 12.48
N TYR A 480 -26.23 -47.97 12.39
CA TYR A 480 -27.51 -48.34 13.01
C TYR A 480 -27.46 -49.72 13.63
N TYR A 481 -28.42 -50.02 14.48
CA TYR A 481 -28.68 -51.41 14.86
C TYR A 481 -30.13 -51.69 14.49
N VAL A 482 -30.36 -52.75 13.71
CA VAL A 482 -31.72 -53.00 13.25
C VAL A 482 -32.50 -54.06 13.98
N LYS A 483 -32.03 -55.27 14.09
CA LYS A 483 -32.81 -56.12 14.96
C LYS A 483 -31.86 -56.53 16.02
N GLY A 484 -31.08 -55.53 16.46
CA GLY A 484 -29.96 -55.76 17.36
C GLY A 484 -28.74 -56.05 16.51
N GLU A 485 -28.84 -55.83 15.20
CA GLU A 485 -27.73 -56.06 14.29
C GLU A 485 -27.06 -54.78 13.84
N LYS A 486 -25.73 -54.71 14.00
CA LYS A 486 -24.98 -53.53 13.61
C LYS A 486 -24.75 -53.50 12.10
N MET A 487 -25.02 -52.34 11.48
CA MET A 487 -24.83 -52.13 10.04
C MET A 487 -24.56 -50.65 9.70
N GLU A 488 -23.69 -50.41 8.71
CA GLU A 488 -23.38 -49.06 8.26
C GLU A 488 -24.64 -48.33 7.79
N LYS A 489 -25.44 -48.99 6.96
CA LYS A 489 -26.66 -48.37 6.44
C LYS A 489 -27.95 -49.14 6.71
N LEU A 490 -29.09 -48.46 6.58
CA LEU A 490 -30.40 -49.09 6.65
C LEU A 490 -30.75 -49.82 5.34
N PRO A 491 -31.33 -51.05 5.42
CA PRO A 491 -31.61 -51.82 4.18
C PRO A 491 -32.90 -51.38 3.45
N SER B 5 -16.40 -15.70 -19.86
CA SER B 5 -17.63 -15.73 -19.02
C SER B 5 -17.99 -17.18 -18.67
N LYS B 6 -18.80 -17.36 -17.60
CA LYS B 6 -19.11 -18.69 -17.00
C LYS B 6 -20.43 -18.63 -16.22
N ALA B 7 -21.24 -19.69 -16.35
CA ALA B 7 -22.62 -19.70 -15.81
C ALA B 7 -22.77 -20.63 -14.59
N PHE B 8 -23.59 -20.21 -13.63
CA PHE B 8 -23.70 -20.86 -12.33
C PHE B 8 -25.11 -20.73 -11.77
N ASP B 9 -25.50 -21.70 -10.95
CA ASP B 9 -26.77 -21.61 -10.24
C ASP B 9 -26.70 -20.62 -9.04
N LEU B 10 -25.55 -20.67 -8.37
CA LEU B 10 -25.27 -19.86 -7.22
C LEU B 10 -23.83 -19.37 -7.28
N VAL B 11 -23.71 -18.04 -7.14
CA VAL B 11 -22.42 -17.41 -6.90
C VAL B 11 -22.45 -16.88 -5.47
N VAL B 12 -21.37 -17.19 -4.73
CA VAL B 12 -21.22 -16.76 -3.34
C VAL B 12 -20.05 -15.78 -3.27
N ILE B 13 -20.33 -14.56 -2.85
CA ILE B 13 -19.24 -13.62 -2.63
C ILE B 13 -18.84 -13.68 -1.18
N GLY B 14 -17.65 -14.24 -0.92
CA GLY B 14 -17.13 -14.38 0.42
C GLY B 14 -17.04 -15.84 0.82
N ALA B 15 -15.81 -16.37 0.88
CA ALA B 15 -15.58 -17.75 1.31
C ALA B 15 -15.42 -17.90 2.83
N GLY B 16 -16.39 -17.40 3.59
CA GLY B 16 -16.31 -17.43 5.04
C GLY B 16 -17.21 -18.48 5.66
N SER B 17 -17.49 -18.32 6.94
CA SER B 17 -18.22 -19.35 7.65
C SER B 17 -19.56 -19.60 6.99
N GLY B 18 -20.28 -18.52 6.70
CA GLY B 18 -21.60 -18.57 6.04
C GLY B 18 -21.56 -18.90 4.55
N GLY B 19 -20.73 -18.19 3.81
CA GLY B 19 -20.56 -18.45 2.41
C GLY B 19 -20.31 -19.91 2.11
N LEU B 20 -19.30 -20.48 2.79
CA LEU B 20 -18.88 -21.88 2.62
C LEU B 20 -19.96 -22.90 2.96
N GLU B 21 -20.69 -22.69 4.05
CA GLU B 21 -21.76 -23.58 4.42
C GLU B 21 -22.80 -23.62 3.28
N ALA B 22 -23.20 -22.44 2.80
CA ALA B 22 -24.21 -22.31 1.76
C ALA B 22 -23.80 -22.95 0.46
N GLY B 23 -22.58 -22.66 0.03
CA GLY B 23 -22.08 -23.11 -1.26
C GLY B 23 -22.00 -24.61 -1.31
N TRP B 24 -21.36 -25.20 -0.30
CA TRP B 24 -21.24 -26.65 -0.18
C TRP B 24 -22.65 -27.27 -0.10
N ASN B 25 -23.46 -26.87 0.87
CA ASN B 25 -24.84 -27.34 0.91
C ASN B 25 -25.56 -27.27 -0.43
N ALA B 26 -25.32 -26.20 -1.19
CA ALA B 26 -25.97 -26.01 -2.49
C ALA B 26 -25.46 -27.02 -3.53
N ALA B 27 -24.14 -27.20 -3.60
CA ALA B 27 -23.53 -28.18 -4.47
C ALA B 27 -23.89 -29.62 -4.04
N THR B 28 -23.62 -29.98 -2.79
CA THR B 28 -23.59 -31.41 -2.40
C THR B 28 -24.88 -31.98 -1.85
N LEU B 29 -25.84 -31.12 -1.52
CA LEU B 29 -27.14 -31.62 -1.10
C LEU B 29 -28.12 -31.39 -2.21
N TYR B 30 -27.92 -30.33 -2.98
CA TYR B 30 -28.85 -30.01 -4.02
C TYR B 30 -28.29 -30.15 -5.43
N GLY B 31 -27.02 -30.49 -5.53
CA GLY B 31 -26.43 -30.80 -6.83
C GLY B 31 -26.21 -29.62 -7.77
N LYS B 32 -26.54 -28.42 -7.28
CA LYS B 32 -26.31 -27.17 -8.01
C LYS B 32 -24.84 -26.90 -8.36
N ARG B 33 -24.66 -26.02 -9.34
CA ARG B 33 -23.37 -25.53 -9.83
C ARG B 33 -23.08 -24.18 -9.16
N VAL B 34 -22.07 -24.17 -8.28
CA VAL B 34 -21.77 -23.04 -7.40
C VAL B 34 -20.37 -22.46 -7.67
N ALA B 35 -20.28 -21.13 -7.74
CA ALA B 35 -18.98 -20.40 -7.63
C ALA B 35 -18.86 -19.57 -6.32
N VAL B 36 -17.71 -19.67 -5.65
CA VAL B 36 -17.46 -18.92 -4.43
C VAL B 36 -16.27 -18.02 -4.67
N VAL B 37 -16.40 -16.73 -4.34
CA VAL B 37 -15.32 -15.72 -4.52
C VAL B 37 -14.61 -15.26 -3.21
N ASP B 38 -13.28 -15.29 -3.19
CA ASP B 38 -12.55 -14.69 -2.08
C ASP B 38 -11.20 -14.05 -2.47
N VAL B 39 -10.75 -13.08 -1.66
CA VAL B 39 -9.67 -12.17 -2.02
C VAL B 39 -8.24 -12.73 -1.87
N GLN B 40 -8.11 -13.90 -1.23
CA GLN B 40 -6.81 -14.42 -0.81
C GLN B 40 -7.04 -15.88 -0.42
N THR B 41 -6.02 -16.76 -0.64
CA THR B 41 -6.17 -18.21 -0.41
C THR B 41 -5.72 -18.67 0.97
N SER B 42 -4.88 -17.86 1.63
CA SER B 42 -4.43 -18.21 2.95
C SER B 42 -4.34 -16.94 3.81
N HIS B 43 -4.06 -17.10 5.09
CA HIS B 43 -4.25 -16.08 6.11
C HIS B 43 -3.22 -14.95 6.06
N GLY B 44 -3.56 -13.81 6.63
CA GLY B 44 -2.54 -12.85 6.99
C GLY B 44 -2.50 -11.65 6.09
N PRO B 45 -1.65 -10.67 6.42
CA PRO B 45 -1.62 -9.46 5.60
C PRO B 45 -1.41 -9.90 4.16
N PRO B 46 -1.94 -9.11 3.19
CA PRO B 46 -2.48 -7.78 3.46
C PRO B 46 -4.00 -7.72 3.59
N PHE B 47 -4.72 -8.78 3.22
CA PHE B 47 -6.20 -8.78 3.40
C PHE B 47 -6.67 -9.62 4.59
N TYR B 48 -5.72 -10.22 5.31
CA TYR B 48 -5.97 -10.91 6.58
C TYR B 48 -6.93 -12.09 6.50
N ALA B 49 -8.22 -11.79 6.36
CA ALA B 49 -9.22 -12.82 6.09
C ALA B 49 -8.91 -13.42 4.72
N ALA B 50 -9.30 -14.68 4.55
CA ALA B 50 -9.09 -15.43 3.32
C ALA B 50 -10.09 -16.57 3.24
N LEU B 51 -9.82 -17.51 2.37
CA LEU B 51 -10.55 -18.78 2.32
C LEU B 51 -10.68 -19.33 3.76
N GLY B 52 -11.92 -19.58 4.19
CA GLY B 52 -12.21 -19.94 5.59
C GLY B 52 -12.92 -18.86 6.42
N GLY B 53 -12.72 -17.59 5.98
CA GLY B 53 -13.35 -16.42 6.57
C GLY B 53 -12.59 -15.80 7.74
N THR B 54 -13.26 -14.89 8.44
CA THR B 54 -12.72 -14.27 9.66
C THR B 54 -12.52 -15.34 10.73
N CYS B 55 -13.57 -16.12 10.97
CA CYS B 55 -13.45 -17.28 11.85
C CYS B 55 -12.03 -17.91 11.85
N VAL B 56 -11.67 -18.52 10.70
CA VAL B 56 -10.48 -19.34 10.54
C VAL B 56 -9.20 -18.52 10.56
N ASN B 57 -9.23 -17.40 9.84
CA ASN B 57 -8.05 -16.60 9.58
C ASN B 57 -7.65 -15.61 10.67
N VAL B 58 -8.60 -14.84 11.17
CA VAL B 58 -8.29 -13.76 12.12
C VAL B 58 -9.46 -13.59 13.10
N GLY B 59 -9.99 -14.71 13.60
CA GLY B 59 -11.10 -14.76 14.51
C GLY B 59 -11.10 -16.02 15.35
N CYS B 60 -12.26 -16.67 15.47
CA CYS B 60 -12.50 -17.77 16.43
C CYS B 60 -11.30 -18.67 16.62
N VAL B 61 -10.95 -19.40 15.56
CA VAL B 61 -9.91 -20.42 15.62
C VAL B 61 -8.57 -19.93 16.20
N PRO B 62 -7.86 -19.02 15.50
CA PRO B 62 -6.61 -18.57 16.05
C PRO B 62 -6.71 -17.88 17.42
N LYS B 63 -7.80 -17.19 17.72
CA LYS B 63 -7.82 -16.54 19.00
C LYS B 63 -8.04 -17.55 20.12
N LYS B 64 -8.81 -18.61 19.85
CA LYS B 64 -9.03 -19.62 20.87
C LYS B 64 -7.73 -20.34 21.15
N LEU B 65 -6.87 -20.52 20.14
CA LEU B 65 -5.57 -21.09 20.44
C LEU B 65 -4.74 -20.14 21.31
N MET B 66 -4.72 -18.87 20.93
CA MET B 66 -3.97 -17.86 21.64
C MET B 66 -4.43 -17.71 23.10
N VAL B 67 -5.73 -17.66 23.31
CA VAL B 67 -6.30 -17.65 24.65
C VAL B 67 -5.89 -18.90 25.42
N THR B 68 -5.94 -20.06 24.75
CA THR B 68 -5.53 -21.30 25.33
C THR B 68 -4.08 -21.17 25.84
N GLY B 69 -3.22 -20.56 25.01
CA GLY B 69 -1.82 -20.36 25.36
C GLY B 69 -1.71 -19.46 26.57
N ALA B 70 -2.56 -18.43 26.59
CA ALA B 70 -2.62 -17.47 27.71
C ALA B 70 -3.00 -18.12 29.03
N GLN B 71 -3.95 -19.06 28.99
CA GLN B 71 -4.37 -19.82 30.18
C GLN B 71 -3.24 -20.44 30.95
N TYR B 72 -2.21 -20.90 30.26
CA TYR B 72 -1.05 -21.46 30.95
C TYR B 72 -0.38 -20.55 31.97
N MET B 73 -0.53 -19.25 31.84
CA MET B 73 0.03 -18.38 32.85
C MET B 73 -0.61 -18.71 34.19
N ASP B 74 -1.91 -18.97 34.16
CA ASP B 74 -2.63 -19.33 35.36
C ASP B 74 -2.32 -20.74 35.85
N HIS B 75 -2.31 -21.72 34.94
CA HIS B 75 -2.02 -23.09 35.35
C HIS B 75 -0.65 -23.16 35.98
N LEU B 76 0.35 -22.49 35.38
CA LEU B 76 1.73 -22.61 35.86
C LEU B 76 1.82 -22.16 37.30
N ARG B 77 1.25 -20.99 37.61
CA ARG B 77 1.21 -20.46 38.96
C ARG B 77 0.35 -21.34 39.89
N GLU B 78 -0.81 -21.75 39.38
CA GLU B 78 -1.78 -22.53 40.11
C GLU B 78 -1.34 -23.98 40.48
N SER B 79 -0.47 -24.58 39.68
CA SER B 79 0.01 -25.93 40.00
C SER B 79 0.67 -26.00 41.38
N ALA B 80 1.16 -24.86 41.86
CA ALA B 80 2.02 -24.88 43.06
C ALA B 80 1.23 -25.40 44.24
N GLY B 81 0.00 -24.89 44.33
CA GLY B 81 -0.92 -25.18 45.42
C GLY B 81 -1.19 -26.66 45.57
N PHE B 82 -0.95 -27.41 44.50
CA PHE B 82 -1.23 -28.82 44.50
C PHE B 82 0.04 -29.56 44.48
N GLY B 83 1.15 -28.89 44.84
CA GLY B 83 2.39 -29.62 45.11
C GLY B 83 3.44 -29.60 44.03
N TRP B 84 3.10 -29.02 42.89
CA TRP B 84 4.05 -28.81 41.81
C TRP B 84 5.07 -27.73 42.19
N GLU B 85 6.34 -28.15 42.11
CA GLU B 85 7.52 -27.32 42.31
C GLU B 85 8.32 -27.31 41.00
N PHE B 86 8.77 -26.13 40.59
CA PHE B 86 9.72 -25.92 39.49
C PHE B 86 10.26 -24.51 39.71
N ASP B 87 11.24 -24.11 38.90
CA ASP B 87 11.87 -22.79 39.05
C ASP B 87 11.10 -21.69 38.31
N GLY B 88 10.29 -20.96 39.08
CA GLY B 88 9.36 -19.92 38.61
C GLY B 88 10.04 -18.72 38.00
N SER B 89 11.33 -18.56 38.29
CA SER B 89 12.16 -17.56 37.63
C SER B 89 12.68 -18.04 36.28
N SER B 90 12.59 -19.34 35.99
CA SER B 90 13.00 -19.84 34.66
C SER B 90 11.89 -19.64 33.62
N VAL B 91 10.70 -19.22 34.08
CA VAL B 91 9.48 -19.18 33.26
C VAL B 91 9.44 -17.99 32.32
N LYS B 92 9.55 -18.28 31.02
CA LYS B 92 9.44 -17.33 29.92
C LYS B 92 8.24 -17.63 28.99
N ALA B 93 7.45 -16.59 28.64
CA ALA B 93 6.31 -16.72 27.68
C ALA B 93 6.76 -16.34 26.30
N ASN B 94 6.94 -17.32 25.43
CA ASN B 94 7.49 -17.07 24.09
C ASN B 94 6.41 -16.87 23.05
N TRP B 95 6.09 -15.61 22.81
CA TRP B 95 5.08 -15.19 21.84
C TRP B 95 5.41 -15.62 20.39
N LYS B 96 6.65 -15.45 19.95
CA LYS B 96 6.99 -15.80 18.57
C LYS B 96 6.62 -17.26 18.27
N LYS B 97 6.90 -18.15 19.22
CA LYS B 97 6.47 -19.58 19.17
C LYS B 97 4.94 -19.75 19.09
N LEU B 98 4.21 -19.05 19.95
CA LEU B 98 2.75 -19.08 19.92
C LEU B 98 2.23 -18.72 18.56
N ILE B 99 2.70 -17.58 18.04
CA ILE B 99 2.33 -17.11 16.71
C ILE B 99 2.65 -18.10 15.60
N ALA B 100 3.87 -18.65 15.60
CA ALA B 100 4.29 -19.62 14.55
C ALA B 100 3.46 -20.91 14.60
N ALA B 101 3.10 -21.34 15.81
CA ALA B 101 2.26 -22.54 15.93
C ALA B 101 0.85 -22.17 15.40
N LYS B 102 0.37 -21.00 15.81
CA LYS B 102 -0.93 -20.52 15.33
C LYS B 102 -0.94 -20.44 13.81
N ASN B 103 0.05 -19.76 13.24
CA ASN B 103 0.15 -19.66 11.77
C ASN B 103 0.10 -20.99 11.02
N GLU B 104 0.82 -21.97 11.56
CA GLU B 104 0.87 -23.33 11.02
C GLU B 104 -0.51 -23.97 11.08
N ALA B 105 -1.21 -23.87 12.20
CA ALA B 105 -2.54 -24.47 12.29
C ALA B 105 -3.51 -23.82 11.30
N VAL B 106 -3.46 -22.50 11.18
CA VAL B 106 -4.37 -21.83 10.26
C VAL B 106 -4.04 -22.16 8.82
N LEU B 107 -2.74 -22.23 8.51
CA LEU B 107 -2.31 -22.62 7.14
C LEU B 107 -2.83 -24.00 6.70
N ASP B 108 -2.73 -25.00 7.59
CA ASP B 108 -3.34 -26.31 7.35
C ASP B 108 -4.85 -26.23 7.05
N ILE B 109 -5.57 -25.35 7.74
CA ILE B 109 -6.99 -25.22 7.44
C ILE B 109 -7.26 -24.60 6.06
N ASN B 110 -6.48 -23.56 5.70
CA ASN B 110 -6.54 -22.95 4.37
C ASN B 110 -6.24 -24.03 3.34
N LYS B 111 -5.18 -24.81 3.57
CA LYS B 111 -4.81 -25.91 2.67
C LYS B 111 -5.95 -26.94 2.52
N SER B 112 -6.52 -27.39 3.62
CA SER B 112 -7.53 -28.42 3.49
C SER B 112 -8.84 -27.84 2.93
N TYR B 113 -8.98 -26.51 2.93
CA TYR B 113 -10.13 -25.86 2.24
C TYR B 113 -9.97 -25.81 0.70
N GLU B 114 -8.71 -25.66 0.27
CA GLU B 114 -8.33 -25.76 -1.13
C GLU B 114 -8.63 -27.18 -1.58
N GLY B 115 -8.02 -28.14 -0.89
CA GLY B 115 -8.36 -29.57 -1.04
C GLY B 115 -9.84 -29.76 -1.24
N MET B 116 -10.65 -29.29 -0.31
CA MET B 116 -12.08 -29.48 -0.38
C MET B 116 -12.65 -29.07 -1.72
N PHE B 117 -12.23 -27.91 -2.24
CA PHE B 117 -12.70 -27.41 -3.53
C PHE B 117 -12.35 -28.30 -4.73
N ASN B 118 -11.10 -28.79 -4.78
CA ASN B 118 -10.61 -29.73 -5.80
C ASN B 118 -11.28 -31.09 -5.79
N ASP B 119 -11.93 -31.43 -4.68
CA ASP B 119 -12.51 -32.74 -4.45
C ASP B 119 -14.03 -32.75 -4.55
N THR B 120 -14.65 -31.58 -4.69
CA THR B 120 -16.11 -31.47 -4.70
C THR B 120 -16.60 -31.03 -6.06
N GLU B 121 -17.67 -31.63 -6.51
CA GLU B 121 -18.11 -31.30 -7.84
C GLU B 121 -19.24 -30.31 -7.77
N GLY B 122 -19.18 -29.34 -8.69
CA GLY B 122 -20.12 -28.22 -8.74
C GLY B 122 -19.78 -27.11 -7.75
N LEU B 123 -18.58 -27.16 -7.22
CA LEU B 123 -18.10 -26.12 -6.33
C LEU B 123 -16.83 -25.56 -6.88
N ASP B 124 -16.91 -24.33 -7.36
CA ASP B 124 -15.73 -23.65 -7.88
C ASP B 124 -15.31 -22.39 -7.12
N PHE B 125 -14.00 -22.22 -7.01
CA PHE B 125 -13.43 -21.10 -6.31
C PHE B 125 -12.80 -20.03 -7.22
N PHE B 126 -13.08 -18.77 -6.93
CA PHE B 126 -12.44 -17.71 -7.68
C PHE B 126 -11.76 -16.76 -6.73
N LEU B 127 -10.46 -16.62 -6.99
CA LEU B 127 -9.58 -15.66 -6.35
C LEU B 127 -9.75 -14.21 -6.88
N GLY B 128 -10.14 -13.29 -6.00
CA GLY B 128 -10.26 -11.87 -6.37
C GLY B 128 -11.42 -11.17 -5.69
N TRP B 129 -11.80 -10.06 -6.27
CA TRP B 129 -12.76 -9.17 -5.64
C TRP B 129 -14.10 -9.22 -6.35
N GLY B 130 -15.16 -9.48 -5.61
CA GLY B 130 -16.47 -9.64 -6.20
C GLY B 130 -17.32 -8.38 -6.17
N SER B 131 -17.90 -8.03 -7.30
CA SER B 131 -18.83 -6.91 -7.33
C SER B 131 -20.11 -7.27 -8.09
N LEU B 132 -21.21 -6.63 -7.72
CA LEU B 132 -22.44 -6.75 -8.48
C LEU B 132 -22.44 -5.79 -9.67
N GLU B 133 -22.09 -6.33 -10.84
CA GLU B 133 -22.26 -5.65 -12.15
C GLU B 133 -23.73 -5.40 -12.48
N SER B 134 -24.57 -6.39 -12.20
CA SER B 134 -26.01 -6.31 -12.45
C SER B 134 -26.75 -7.51 -11.88
N LYS B 135 -28.07 -7.36 -11.76
CA LYS B 135 -28.95 -8.29 -11.05
C LYS B 135 -28.57 -9.77 -11.13
N ASN B 136 -27.87 -10.14 -12.21
CA ASN B 136 -27.58 -11.54 -12.46
C ASN B 136 -26.16 -11.79 -12.90
N VAL B 137 -25.30 -10.80 -12.67
CA VAL B 137 -23.89 -10.89 -13.05
C VAL B 137 -22.96 -10.46 -11.90
N VAL B 138 -21.96 -11.31 -11.58
CA VAL B 138 -20.92 -10.99 -10.61
C VAL B 138 -19.55 -10.93 -11.30
N VAL B 139 -18.92 -9.77 -11.27
CA VAL B 139 -17.54 -9.60 -11.76
C VAL B 139 -16.52 -9.78 -10.64
N VAL B 140 -15.34 -10.25 -11.00
CA VAL B 140 -14.26 -10.46 -10.07
C VAL B 140 -13.13 -9.62 -10.63
N ARG B 141 -12.65 -8.62 -9.90
CA ARG B 141 -11.53 -7.81 -10.41
C ARG B 141 -10.25 -8.09 -9.64
N GLU B 142 -9.14 -7.51 -10.08
CA GLU B 142 -7.84 -7.84 -9.49
C GLU B 142 -7.71 -7.31 -8.07
N THR B 143 -8.18 -6.08 -7.87
CA THR B 143 -8.15 -5.38 -6.58
C THR B 143 -9.53 -4.81 -6.20
N ALA B 144 -9.62 -4.18 -5.02
CA ALA B 144 -10.90 -3.68 -4.49
C ALA B 144 -11.43 -2.50 -5.30
N ASP B 145 -10.58 -1.93 -6.13
CA ASP B 145 -10.96 -0.77 -6.94
C ASP B 145 -11.80 -1.20 -8.16
N PRO B 146 -13.02 -0.63 -8.31
CA PRO B 146 -13.94 -0.86 -9.46
C PRO B 146 -13.39 -0.67 -10.89
N LYS B 147 -12.20 -0.08 -11.08
CA LYS B 147 -11.57 0.00 -12.42
C LYS B 147 -10.27 -0.81 -12.57
N SER B 148 -10.15 -1.90 -11.80
CA SER B 148 -9.01 -2.81 -11.91
C SER B 148 -9.33 -3.95 -12.89
N ALA B 149 -8.29 -4.70 -13.27
CA ALA B 149 -8.32 -5.66 -14.39
C ALA B 149 -9.27 -6.85 -14.22
N VAL B 150 -10.54 -6.71 -14.63
CA VAL B 150 -11.54 -7.80 -14.59
C VAL B 150 -10.94 -9.20 -14.80
N LYS B 151 -11.13 -10.10 -13.83
CA LYS B 151 -10.57 -11.45 -13.91
C LYS B 151 -11.58 -12.45 -14.48
N GLU B 152 -12.87 -12.23 -14.22
CA GLU B 152 -13.93 -13.21 -14.43
C GLU B 152 -15.32 -12.55 -14.47
N ARG B 153 -16.23 -13.14 -15.23
CA ARG B 153 -17.64 -12.69 -15.24
C ARG B 153 -18.58 -13.86 -14.96
N LEU B 154 -19.16 -13.88 -13.76
CA LEU B 154 -19.98 -15.00 -13.38
C LEU B 154 -21.45 -14.69 -13.56
N GLN B 155 -22.11 -15.58 -14.28
CA GLN B 155 -23.50 -15.42 -14.59
C GLN B 155 -24.27 -16.21 -13.52
N ALA B 156 -25.30 -15.58 -12.94
CA ALA B 156 -25.88 -16.13 -11.72
C ALA B 156 -27.40 -16.11 -11.64
N ASP B 157 -28.00 -17.26 -11.34
CA ASP B 157 -29.46 -17.31 -11.11
C ASP B 157 -29.75 -16.71 -9.73
N HIS B 158 -28.80 -16.96 -8.83
CA HIS B 158 -28.86 -16.55 -7.43
C HIS B 158 -27.49 -16.04 -6.96
N ILE B 159 -27.50 -14.94 -6.21
CA ILE B 159 -26.28 -14.36 -5.64
C ILE B 159 -26.38 -14.24 -4.13
N LEU B 160 -25.43 -14.85 -3.44
CA LEU B 160 -25.35 -14.78 -2.00
C LEU B 160 -24.22 -13.82 -1.59
N LEU B 161 -24.60 -12.75 -0.88
CA LEU B 161 -23.65 -11.80 -0.30
C LEU B 161 -23.21 -12.34 1.06
N ALA B 162 -21.91 -12.64 1.19
CA ALA B 162 -21.35 -13.29 2.37
C ALA B 162 -19.94 -12.74 2.69
N THR B 163 -19.80 -11.41 2.60
CA THR B 163 -18.52 -10.74 2.71
C THR B 163 -18.10 -10.44 4.16
N GLY B 164 -19.02 -10.63 5.11
CA GLY B 164 -18.72 -10.52 6.55
C GLY B 164 -18.57 -9.09 7.08
N SER B 165 -17.68 -8.88 8.06
CA SER B 165 -17.41 -7.55 8.63
C SER B 165 -15.92 -7.16 8.69
N TRP B 166 -15.67 -5.99 9.30
CA TRP B 166 -14.38 -5.32 9.31
C TRP B 166 -14.34 -4.42 10.58
N PRO B 167 -13.16 -4.29 11.21
CA PRO B 167 -12.97 -3.42 12.37
C PRO B 167 -13.35 -1.96 12.08
N GLN B 168 -14.16 -1.41 12.99
CA GLN B 168 -14.52 -0.03 12.96
C GLN B 168 -13.33 0.75 13.52
N MET B 169 -12.95 1.84 12.87
CA MET B 169 -11.90 2.67 13.41
C MET B 169 -12.51 4.03 13.66
N PRO B 170 -12.41 4.58 14.91
CA PRO B 170 -12.94 5.95 15.12
C PRO B 170 -12.11 7.01 14.30
N ALA B 171 -12.75 8.12 13.96
CA ALA B 171 -12.12 9.21 13.19
C ALA B 171 -11.44 10.20 14.15
N ILE B 172 -10.25 9.85 14.63
CA ILE B 172 -9.57 10.73 15.54
C ILE B 172 -8.22 10.97 14.94
N PRO B 173 -7.63 12.12 15.22
CA PRO B 173 -6.24 12.29 14.72
C PRO B 173 -5.29 11.18 15.24
N GLY B 174 -4.36 10.73 14.38
CA GLY B 174 -3.44 9.63 14.72
C GLY B 174 -4.12 8.24 14.76
N ILE B 175 -5.30 8.11 14.16
CA ILE B 175 -5.91 6.79 14.11
C ILE B 175 -5.05 5.80 13.27
N GLU B 176 -4.22 6.34 12.38
CA GLU B 176 -3.40 5.50 11.56
C GLU B 176 -2.27 4.89 12.37
N HIS B 177 -2.02 5.37 13.60
CA HIS B 177 -1.04 4.70 14.48
C HIS B 177 -1.65 3.67 15.45
N CYS B 178 -2.94 3.43 15.34
CA CYS B 178 -3.57 2.31 16.03
C CYS B 178 -3.57 1.05 15.14
N ILE B 179 -3.83 -0.11 15.74
CA ILE B 179 -4.08 -1.32 14.99
C ILE B 179 -5.47 -1.88 15.33
N SER B 180 -5.88 -2.95 14.67
CA SER B 180 -7.06 -3.69 15.09
C SER B 180 -6.71 -5.13 15.49
N SER B 181 -7.72 -5.97 15.65
CA SER B 181 -7.50 -7.39 15.87
C SER B 181 -6.68 -8.00 14.74
N ASN B 182 -6.88 -7.52 13.50
CA ASN B 182 -6.13 -8.07 12.35
C ASN B 182 -4.66 -8.06 12.58
N GLU B 183 -4.15 -6.89 12.90
CA GLU B 183 -2.71 -6.72 13.03
C GLU B 183 -2.29 -7.41 14.33
N ALA B 184 -3.23 -7.55 15.25
CA ALA B 184 -2.86 -8.10 16.55
C ALA B 184 -2.34 -9.51 16.34
N PHE B 185 -3.04 -10.23 15.47
CA PHE B 185 -2.64 -11.58 15.08
C PHE B 185 -1.23 -11.76 14.51
N TYR B 186 -0.53 -10.67 14.18
CA TYR B 186 0.74 -10.80 13.45
C TYR B 186 1.91 -10.04 14.05
N LEU B 187 1.69 -9.40 15.18
CA LEU B 187 2.78 -8.70 15.83
C LEU B 187 4.07 -9.55 15.98
N PRO B 188 5.19 -9.00 15.47
CA PRO B 188 6.50 -9.67 15.58
C PRO B 188 6.87 -9.99 17.02
N GLU B 189 6.36 -9.20 17.96
CA GLU B 189 6.67 -9.39 19.35
C GLU B 189 5.54 -8.93 20.26
N PRO B 190 5.48 -9.48 21.48
CA PRO B 190 4.33 -9.19 22.29
C PRO B 190 4.49 -7.79 22.89
N PRO B 191 3.42 -7.00 22.88
CA PRO B 191 3.64 -5.62 23.31
C PRO B 191 3.96 -5.49 24.83
N ARG B 192 4.80 -4.53 25.19
CA ARG B 192 5.24 -4.47 26.58
C ARG B 192 4.17 -3.73 27.34
N ARG B 193 3.79 -2.56 26.82
CA ARG B 193 2.62 -1.88 27.27
C ARG B 193 1.64 -1.82 26.14
N VAL B 194 0.36 -2.10 26.40
CA VAL B 194 -0.63 -2.03 25.35
C VAL B 194 -1.96 -1.51 25.84
N LEU B 195 -2.60 -0.70 25.01
CA LEU B 195 -3.96 -0.27 25.23
C LEU B 195 -4.91 -1.00 24.29
N THR B 196 -5.74 -1.87 24.86
CA THR B 196 -6.90 -2.43 24.15
C THR B 196 -8.02 -1.44 24.33
N VAL B 197 -8.59 -0.97 23.23
CA VAL B 197 -9.61 0.08 23.32
C VAL B 197 -10.97 -0.52 23.02
N GLY B 198 -11.88 -0.37 23.99
CA GLY B 198 -13.25 -0.83 23.87
C GLY B 198 -13.65 -1.77 25.00
N GLY B 199 -14.96 -1.87 25.26
CA GLY B 199 -15.39 -2.74 26.38
C GLY B 199 -16.01 -4.06 26.01
N GLY B 200 -15.83 -4.52 24.78
CA GLY B 200 -16.56 -5.69 24.31
C GLY B 200 -15.71 -6.94 24.20
N PHE B 201 -16.11 -7.81 23.26
CA PHE B 201 -15.54 -9.15 23.07
C PHE B 201 -14.06 -9.09 22.87
N ILE B 202 -13.69 -8.38 21.81
CA ILE B 202 -12.33 -8.41 21.30
C ILE B 202 -11.37 -7.71 22.26
N SER B 203 -11.76 -6.54 22.76
CA SER B 203 -10.92 -5.87 23.75
C SER B 203 -10.60 -6.82 24.93
N VAL B 204 -11.66 -7.37 25.52
CA VAL B 204 -11.54 -8.28 26.66
C VAL B 204 -10.72 -9.52 26.36
N GLU B 205 -10.95 -10.14 25.21
CA GLU B 205 -10.25 -11.37 24.92
C GLU B 205 -8.76 -11.08 24.74
N PHE B 206 -8.43 -10.07 23.95
CA PHE B 206 -7.04 -9.74 23.68
C PHE B 206 -6.27 -9.28 24.91
N ALA B 207 -6.92 -8.42 25.73
CA ALA B 207 -6.36 -8.05 27.00
C ALA B 207 -5.87 -9.31 27.72
N GLY B 208 -6.72 -10.33 27.80
CA GLY B 208 -6.33 -11.58 28.41
C GLY B 208 -5.10 -12.15 27.72
N ILE B 209 -5.12 -12.21 26.39
CA ILE B 209 -3.94 -12.68 25.67
C ILE B 209 -2.66 -11.85 25.97
N PHE B 210 -2.70 -10.51 25.82
CA PHE B 210 -1.47 -9.73 26.08
C PHE B 210 -1.00 -9.83 27.53
N ASN B 211 -1.93 -10.02 28.45
CA ASN B 211 -1.52 -10.07 29.85
C ASN B 211 -0.63 -11.26 30.15
N ALA B 212 -0.80 -12.35 29.41
CA ALA B 212 0.00 -13.58 29.68
C ALA B 212 1.35 -13.53 28.99
N TYR B 213 1.37 -13.05 27.77
CA TYR B 213 2.60 -13.06 26.99
C TYR B 213 3.47 -11.80 27.12
N LYS B 214 2.97 -10.78 27.82
CA LYS B 214 3.75 -9.57 28.06
C LYS B 214 5.17 -9.82 28.61
N PRO B 215 6.19 -9.13 28.06
CA PRO B 215 7.57 -9.32 28.57
C PRO B 215 7.70 -8.79 29.99
N PRO B 216 8.84 -9.05 30.65
CA PRO B 216 8.95 -8.67 32.06
C PRO B 216 8.80 -7.17 32.15
N GLY B 217 7.95 -6.73 33.09
CA GLY B 217 7.72 -5.31 33.38
C GLY B 217 6.42 -4.75 32.77
N GLY B 218 5.82 -5.50 31.83
CA GLY B 218 4.67 -5.00 31.05
C GLY B 218 3.37 -4.60 31.76
N LYS B 219 2.44 -3.99 31.03
CA LYS B 219 1.12 -3.76 31.55
C LYS B 219 0.07 -3.68 30.46
N VAL B 220 -0.99 -4.45 30.61
CA VAL B 220 -2.14 -4.29 29.75
C VAL B 220 -3.18 -3.29 30.34
N THR B 221 -3.47 -2.25 29.56
CA THR B 221 -4.58 -1.36 29.87
C THR B 221 -5.77 -1.53 28.87
N LEU B 222 -6.93 -1.88 29.41
CA LEU B 222 -8.18 -1.89 28.67
C LEU B 222 -8.92 -0.60 29.00
N CYS B 223 -9.38 0.12 27.98
CA CYS B 223 -10.19 1.30 28.25
C CYS B 223 -11.64 1.26 27.70
N TYR B 224 -12.61 1.77 28.44
CA TYR B 224 -14.00 1.71 27.98
C TYR B 224 -14.63 3.03 28.21
N ARG B 225 -15.44 3.48 27.27
CA ARG B 225 -15.92 4.85 27.35
C ARG B 225 -16.99 5.07 28.44
N ASN B 226 -17.65 4.02 28.91
CA ASN B 226 -18.68 4.20 29.95
C ASN B 226 -18.28 3.51 31.22
N ASN B 227 -19.25 3.29 32.10
CA ASN B 227 -18.93 2.93 33.46
C ASN B 227 -18.56 1.49 33.77
N LEU B 228 -18.97 0.57 32.91
CA LEU B 228 -18.85 -0.85 33.19
C LEU B 228 -18.82 -1.63 31.87
N ILE B 229 -17.82 -2.47 31.67
CA ILE B 229 -17.61 -3.09 30.35
C ILE B 229 -18.69 -4.07 29.99
N LEU B 230 -18.70 -4.53 28.73
CA LEU B 230 -19.50 -5.68 28.32
C LEU B 230 -21.01 -5.47 28.49
N ARG B 231 -21.45 -4.27 28.09
CA ARG B 231 -22.84 -3.92 28.02
C ARG B 231 -23.51 -4.98 27.20
N GLY B 232 -24.62 -5.49 27.69
CA GLY B 232 -25.41 -6.48 26.96
C GLY B 232 -25.34 -7.86 27.60
N PHE B 233 -24.44 -8.02 28.56
CA PHE B 233 -24.25 -9.29 29.24
C PHE B 233 -24.80 -9.11 30.64
N ASP B 234 -24.96 -10.22 31.35
CA ASP B 234 -25.47 -10.20 32.69
C ASP B 234 -24.73 -9.22 33.55
N GLU B 235 -25.43 -8.55 34.45
CA GLU B 235 -24.78 -7.49 35.21
C GLU B 235 -23.85 -7.97 36.30
N THR B 236 -24.24 -9.00 37.05
CA THR B 236 -23.35 -9.50 38.06
C THR B 236 -22.02 -9.90 37.40
N ILE B 237 -22.12 -10.51 36.22
CA ILE B 237 -20.97 -11.03 35.49
C ILE B 237 -20.08 -9.93 34.93
N ARG B 238 -20.67 -8.87 34.38
CA ARG B 238 -19.82 -7.70 33.99
C ARG B 238 -19.00 -7.19 35.18
N GLU B 239 -19.64 -7.05 36.36
CA GLU B 239 -18.92 -6.68 37.59
C GLU B 239 -17.83 -7.68 37.97
N GLU B 240 -18.16 -8.97 38.02
CA GLU B 240 -17.20 -9.98 38.44
C GLU B 240 -16.02 -10.14 37.46
N VAL B 241 -16.32 -10.20 36.17
CA VAL B 241 -15.22 -10.39 35.22
C VAL B 241 -14.25 -9.23 35.25
N THR B 242 -14.78 -8.04 35.52
CA THR B 242 -13.99 -6.84 35.74
C THR B 242 -13.05 -7.10 36.90
N LYS B 243 -13.65 -7.46 38.04
CA LYS B 243 -12.88 -7.72 39.25
C LYS B 243 -11.77 -8.74 38.97
N GLN B 244 -12.08 -9.75 38.16
CA GLN B 244 -11.14 -10.87 38.00
C GLN B 244 -10.03 -10.55 37.04
N LEU B 245 -10.33 -9.76 36.01
CA LEU B 245 -9.24 -9.28 35.14
C LEU B 245 -8.34 -8.33 35.93
N THR B 246 -8.94 -7.40 36.69
CA THR B 246 -8.17 -6.60 37.62
C THR B 246 -7.25 -7.48 38.49
N ALA B 247 -7.82 -8.53 39.11
CA ALA B 247 -7.01 -9.43 39.97
C ALA B 247 -5.83 -10.08 39.22
N ASN B 248 -5.96 -10.21 37.90
CA ASN B 248 -4.87 -10.79 37.13
C ASN B 248 -3.94 -9.73 36.53
N GLY B 249 -4.05 -8.48 36.97
CA GLY B 249 -3.06 -7.44 36.61
C GLY B 249 -3.40 -6.51 35.44
N ILE B 250 -4.64 -6.57 34.97
CA ILE B 250 -5.12 -5.74 33.90
C ILE B 250 -5.77 -4.52 34.52
N GLU B 251 -5.32 -3.34 34.11
CA GLU B 251 -5.85 -2.08 34.56
C GLU B 251 -7.05 -1.77 33.69
N ILE B 252 -8.21 -1.59 34.30
CA ILE B 252 -9.44 -1.32 33.58
C ILE B 252 -9.73 0.16 33.77
N MET B 253 -9.53 0.94 32.72
CA MET B 253 -9.87 2.36 32.75
C MET B 253 -11.30 2.58 32.26
N THR B 254 -12.19 2.88 33.19
CA THR B 254 -13.60 3.20 32.87
C THR B 254 -13.84 4.69 32.61
N ASN B 255 -14.88 4.99 31.87
CA ASN B 255 -15.17 6.40 31.47
C ASN B 255 -14.05 7.16 30.75
N GLU B 256 -13.30 6.45 29.93
CA GLU B 256 -12.13 7.00 29.26
C GLU B 256 -12.14 6.56 27.79
N ASN B 257 -11.63 7.44 26.91
CA ASN B 257 -11.72 7.21 25.48
C ASN B 257 -10.70 8.09 24.73
N PRO B 258 -9.89 7.47 23.85
CA PRO B 258 -8.79 8.20 23.24
C PRO B 258 -9.34 9.36 22.41
N ALA B 259 -8.83 10.59 22.58
CA ALA B 259 -9.21 11.67 21.68
C ALA B 259 -8.23 11.83 20.51
N LYS B 260 -6.95 11.55 20.78
CA LYS B 260 -5.91 11.44 19.77
C LYS B 260 -4.74 10.58 20.20
N VAL B 261 -4.01 10.13 19.17
CA VAL B 261 -2.76 9.39 19.30
C VAL B 261 -1.63 10.05 18.48
N SER B 262 -0.40 9.97 18.98
CA SER B 262 0.79 10.37 18.22
C SER B 262 1.97 9.40 18.38
N LEU B 263 2.88 9.46 17.42
CA LEU B 263 4.12 8.71 17.43
C LEU B 263 5.18 9.32 18.31
N ASN B 264 5.69 8.54 19.24
CA ASN B 264 6.86 8.95 20.01
C ASN B 264 8.14 8.56 19.30
N THR B 265 9.21 9.29 19.58
CA THR B 265 10.49 9.07 18.88
C THR B 265 10.97 7.63 18.98
N ASP B 266 10.65 6.94 20.09
CA ASP B 266 11.04 5.53 20.23
C ASP B 266 10.17 4.50 19.53
N GLY B 267 9.12 4.95 18.85
CA GLY B 267 8.24 4.04 18.10
C GLY B 267 6.98 3.70 18.88
N SER B 268 6.95 4.06 20.16
CA SER B 268 5.76 3.84 20.95
C SER B 268 4.72 4.92 20.64
N LYS B 269 3.56 4.82 21.27
CA LYS B 269 2.47 5.73 20.99
C LYS B 269 2.01 6.53 22.20
N HIS B 270 1.75 7.80 21.97
CA HIS B 270 1.29 8.68 23.02
C HIS B 270 -0.20 8.84 22.86
N VAL B 271 -0.97 8.40 23.85
CA VAL B 271 -2.45 8.51 23.77
C VAL B 271 -3.00 9.62 24.65
N THR B 272 -3.88 10.45 24.07
CA THR B 272 -4.54 11.48 24.83
C THR B 272 -6.00 11.09 24.86
N PHE B 273 -6.52 10.95 26.06
CA PHE B 273 -7.93 10.68 26.22
C PHE B 273 -8.68 11.98 26.20
N GLU B 274 -10.00 11.87 26.04
CA GLU B 274 -10.92 12.99 26.02
C GLU B 274 -10.86 13.79 27.31
N SER B 275 -10.56 13.09 28.40
CA SER B 275 -10.58 13.65 29.74
C SER B 275 -9.37 14.53 29.94
N GLY B 276 -8.38 14.35 29.07
CA GLY B 276 -7.14 15.10 29.20
C GLY B 276 -6.01 14.24 29.66
N LYS B 277 -6.30 13.12 30.33
CA LYS B 277 -5.26 12.15 30.68
C LYS B 277 -4.44 11.68 29.43
N THR B 278 -3.22 11.23 29.69
CA THR B 278 -2.33 10.71 28.67
C THR B 278 -1.72 9.37 29.14
N LEU B 279 -1.34 8.53 28.16
CA LEU B 279 -0.64 7.27 28.41
C LEU B 279 0.24 6.90 27.22
N ASP B 280 1.46 6.49 27.52
CA ASP B 280 2.38 5.95 26.55
C ASP B 280 2.31 4.39 26.48
N VAL B 281 2.13 3.84 25.28
CA VAL B 281 2.00 2.39 25.14
C VAL B 281 2.75 1.97 23.90
N ASP B 282 3.06 0.69 23.76
CA ASP B 282 3.75 0.28 22.52
C ASP B 282 2.75 0.15 21.36
N VAL B 283 1.54 -0.30 21.73
CA VAL B 283 0.52 -0.64 20.78
C VAL B 283 -0.80 -0.24 21.34
N VAL B 284 -1.57 0.46 20.50
CA VAL B 284 -2.97 0.74 20.75
C VAL B 284 -3.80 -0.11 19.81
N MET B 285 -4.63 -1.00 20.36
CA MET B 285 -5.49 -1.86 19.55
C MET B 285 -6.95 -1.43 19.69
N MET B 286 -7.53 -0.93 18.60
CA MET B 286 -8.92 -0.45 18.61
C MET B 286 -9.79 -1.64 18.45
N ALA B 287 -10.69 -1.86 19.38
CA ALA B 287 -11.62 -2.95 19.29
C ALA B 287 -13.02 -2.39 19.61
N ILE B 288 -13.44 -1.41 18.81
CA ILE B 288 -14.64 -0.65 19.17
C ILE B 288 -15.88 -1.03 18.37
N GLY B 289 -15.77 -2.12 17.61
CA GLY B 289 -16.90 -2.67 16.92
C GLY B 289 -16.47 -3.27 15.60
N ARG B 290 -17.41 -3.96 14.96
CA ARG B 290 -17.16 -4.51 13.62
C ARG B 290 -18.32 -4.14 12.70
N ILE B 291 -18.01 -3.62 11.53
CA ILE B 291 -19.05 -3.16 10.60
C ILE B 291 -19.11 -4.02 9.32
N PRO B 292 -20.34 -4.17 8.74
CA PRO B 292 -20.66 -4.93 7.55
C PRO B 292 -19.82 -4.52 6.37
N ARG B 293 -19.15 -5.48 5.72
CA ARG B 293 -18.22 -5.20 4.63
C ARG B 293 -18.99 -4.98 3.30
N THR B 294 -19.50 -3.77 3.10
CA THR B 294 -20.40 -3.51 1.98
C THR B 294 -19.73 -2.69 0.89
N ASN B 295 -18.68 -1.99 1.24
CA ASN B 295 -18.32 -0.89 0.40
C ASN B 295 -17.77 -1.30 -0.96
N ASP B 296 -17.27 -2.52 -1.09
CA ASP B 296 -16.62 -2.92 -2.35
C ASP B 296 -17.51 -3.75 -3.24
N LEU B 297 -18.73 -4.04 -2.78
CA LEU B 297 -19.71 -4.80 -3.56
C LEU B 297 -20.37 -4.02 -4.72
N GLN B 298 -20.22 -2.70 -4.74
CA GLN B 298 -20.89 -1.83 -5.73
C GLN B 298 -22.40 -2.07 -5.72
N LEU B 299 -22.97 -2.10 -4.51
CA LEU B 299 -24.38 -2.41 -4.33
C LEU B 299 -25.28 -1.40 -5.03
N GLY B 300 -24.72 -0.26 -5.43
CA GLY B 300 -25.48 0.80 -6.11
C GLY B 300 -25.90 0.47 -7.53
N ASN B 301 -25.19 -0.48 -8.16
CA ASN B 301 -25.50 -0.92 -9.51
C ASN B 301 -26.78 -1.73 -9.54
N VAL B 302 -27.08 -2.44 -8.46
CA VAL B 302 -28.32 -3.20 -8.43
C VAL B 302 -29.35 -2.48 -7.57
N GLY B 303 -28.89 -1.78 -6.55
CA GLY B 303 -29.83 -1.10 -5.67
C GLY B 303 -30.33 -1.96 -4.53
N VAL B 304 -29.50 -2.92 -4.10
CA VAL B 304 -29.69 -3.63 -2.82
C VAL B 304 -29.67 -2.65 -1.65
N LYS B 305 -30.62 -2.80 -0.76
CA LYS B 305 -30.94 -1.79 0.21
C LYS B 305 -30.16 -1.97 1.54
N LEU B 306 -29.58 -0.89 2.05
CA LEU B 306 -28.90 -0.93 3.34
C LEU B 306 -29.82 -0.59 4.50
N THR B 307 -29.34 -0.79 5.73
CA THR B 307 -30.11 -0.31 6.88
C THR B 307 -29.48 0.99 7.39
N PRO B 308 -30.16 1.66 8.33
CA PRO B 308 -29.51 2.85 8.90
C PRO B 308 -28.13 2.46 9.45
N LYS B 309 -28.12 1.36 10.23
CA LYS B 309 -26.91 0.86 10.92
C LYS B 309 -25.78 0.48 9.95
N GLY B 310 -26.11 0.20 8.70
CA GLY B 310 -25.07 0.07 7.71
C GLY B 310 -25.03 -1.24 6.94
N GLY B 311 -25.70 -2.27 7.44
CA GLY B 311 -25.64 -3.59 6.83
C GLY B 311 -26.74 -3.84 5.80
N VAL B 312 -26.60 -4.92 5.02
CA VAL B 312 -27.65 -5.26 4.02
C VAL B 312 -29.01 -5.61 4.67
N GLN B 313 -30.09 -5.00 4.18
CA GLN B 313 -31.43 -5.31 4.70
C GLN B 313 -31.85 -6.70 4.22
N VAL B 314 -32.38 -7.53 5.12
CA VAL B 314 -33.04 -8.80 4.74
C VAL B 314 -34.35 -9.06 5.45
N ASP B 315 -35.14 -9.98 4.91
CA ASP B 315 -36.30 -10.50 5.64
C ASP B 315 -35.79 -11.71 6.42
N GLU B 316 -36.69 -12.33 7.18
CA GLU B 316 -36.32 -13.44 8.06
C GLU B 316 -35.75 -14.59 7.24
N PHE B 317 -35.91 -14.55 5.92
CA PHE B 317 -35.40 -15.62 5.06
C PHE B 317 -34.06 -15.32 4.42
N SER B 318 -33.53 -14.13 4.72
CA SER B 318 -32.24 -13.64 4.20
C SER B 318 -32.33 -13.11 2.78
N ARG B 319 -33.51 -12.65 2.38
CA ARG B 319 -33.62 -12.14 1.02
C ARG B 319 -33.57 -10.64 1.01
N THR B 320 -32.81 -10.10 0.06
CA THR B 320 -32.79 -8.64 -0.18
C THR B 320 -34.08 -8.12 -0.85
N ASN B 321 -34.19 -6.79 -0.94
CA ASN B 321 -35.23 -6.15 -1.76
C ASN B 321 -35.18 -6.56 -3.25
N VAL B 322 -34.01 -7.01 -3.71
CA VAL B 322 -33.77 -7.45 -5.10
C VAL B 322 -33.86 -8.99 -5.21
N PRO B 323 -34.94 -9.51 -5.86
CA PRO B 323 -35.47 -10.88 -6.00
C PRO B 323 -34.60 -12.15 -5.71
N ASN B 324 -33.41 -12.22 -6.33
CA ASN B 324 -32.56 -13.42 -6.39
C ASN B 324 -31.20 -13.21 -5.71
N ILE B 325 -31.15 -12.15 -4.91
CA ILE B 325 -29.93 -11.68 -4.26
C ILE B 325 -30.15 -11.82 -2.76
N TYR B 326 -29.22 -12.51 -2.12
CA TYR B 326 -29.38 -12.77 -0.71
C TYR B 326 -28.10 -12.44 0.04
N ALA B 327 -28.29 -12.16 1.32
CA ALA B 327 -27.18 -11.85 2.19
C ALA B 327 -27.32 -12.64 3.49
N ILE B 328 -26.22 -13.21 3.96
CA ILE B 328 -26.22 -13.87 5.26
C ILE B 328 -24.98 -13.47 6.03
N GLY B 329 -24.95 -13.81 7.32
CA GLY B 329 -23.76 -13.63 8.17
C GLY B 329 -23.61 -12.19 8.63
N ASP B 330 -22.35 -11.81 8.91
CA ASP B 330 -22.00 -10.53 9.54
C ASP B 330 -22.42 -9.35 8.66
N ILE B 331 -22.51 -9.55 7.35
CA ILE B 331 -22.89 -8.47 6.47
C ILE B 331 -24.30 -7.97 6.75
N THR B 332 -25.14 -8.82 7.38
CA THR B 332 -26.55 -8.50 7.57
C THR B 332 -26.78 -7.87 8.90
N ASP B 333 -25.72 -7.88 9.71
CA ASP B 333 -25.73 -7.27 11.04
C ASP B 333 -26.70 -7.88 12.06
N ARG B 334 -27.12 -9.12 11.87
CA ARG B 334 -28.12 -9.62 12.81
C ARG B 334 -27.45 -10.06 14.13
N LEU B 335 -26.62 -11.08 14.04
CA LEU B 335 -25.86 -11.58 15.17
C LEU B 335 -24.51 -12.02 14.58
N MET B 336 -23.45 -11.34 14.98
CA MET B 336 -22.12 -11.61 14.47
C MET B 336 -21.48 -12.76 15.23
N LEU B 337 -21.89 -13.97 14.87
CA LEU B 337 -21.31 -15.20 15.40
C LEU B 337 -21.02 -16.17 14.26
N THR B 338 -19.96 -16.97 14.35
CA THR B 338 -19.72 -17.93 13.27
C THR B 338 -20.88 -18.94 13.09
N PRO B 339 -21.33 -19.61 14.17
CA PRO B 339 -22.35 -20.64 13.91
C PRO B 339 -23.68 -20.03 13.51
N VAL B 340 -23.88 -18.75 13.81
CA VAL B 340 -25.08 -18.06 13.31
C VAL B 340 -24.92 -17.91 11.79
N ALA B 341 -23.75 -17.51 11.33
CA ALA B 341 -23.55 -17.41 9.90
C ALA B 341 -23.66 -18.77 9.20
N ILE B 342 -23.34 -19.84 9.91
CA ILE B 342 -23.36 -21.18 9.27
C ILE B 342 -24.80 -21.61 9.14
N ASN B 343 -25.60 -21.34 10.17
CA ASN B 343 -27.04 -21.63 10.21
C ASN B 343 -27.79 -20.77 9.19
N GLU B 344 -27.44 -19.47 9.12
CA GLU B 344 -28.03 -18.54 8.13
C GLU B 344 -27.83 -19.02 6.72
N GLY B 345 -26.60 -19.45 6.40
CA GLY B 345 -26.28 -20.00 5.08
C GLY B 345 -27.13 -21.22 4.80
N ALA B 346 -27.09 -22.18 5.73
CA ALA B 346 -27.87 -23.42 5.61
C ALA B 346 -29.35 -23.18 5.28
N ALA B 347 -29.99 -22.25 6.02
CA ALA B 347 -31.42 -22.01 5.99
C ALA B 347 -31.79 -21.41 4.69
N LEU B 348 -30.93 -20.52 4.21
CA LEU B 348 -31.13 -19.83 2.96
C LEU B 348 -31.14 -20.80 1.77
N VAL B 349 -30.14 -21.68 1.71
CA VAL B 349 -30.08 -22.69 0.63
C VAL B 349 -31.18 -23.78 0.75
N ASP B 350 -31.78 -23.92 1.92
CA ASP B 350 -32.91 -24.83 2.10
C ASP B 350 -34.23 -24.18 1.66
N THR B 351 -34.31 -22.86 1.77
CA THR B 351 -35.45 -22.10 1.28
C THR B 351 -35.40 -22.09 -0.25
N VAL B 352 -34.23 -21.70 -0.78
CA VAL B 352 -34.08 -21.43 -2.20
C VAL B 352 -34.16 -22.70 -3.09
N PHE B 353 -33.17 -23.59 -3.01
CA PHE B 353 -33.12 -24.81 -3.84
C PHE B 353 -33.66 -26.08 -3.15
N GLY B 354 -34.33 -25.92 -2.02
CA GLY B 354 -34.97 -27.03 -1.34
C GLY B 354 -36.45 -26.81 -1.48
N ASN B 355 -37.23 -27.66 -0.85
CA ASN B 355 -38.67 -27.49 -0.81
C ASN B 355 -39.08 -26.82 0.51
N LYS B 356 -38.07 -26.46 1.32
CA LYS B 356 -38.28 -26.20 2.75
C LYS B 356 -37.92 -24.79 3.12
N PRO B 357 -38.87 -23.85 3.02
CA PRO B 357 -38.46 -22.49 3.32
C PRO B 357 -38.10 -22.42 4.81
N ARG B 358 -36.86 -22.05 5.12
CA ARG B 358 -36.36 -22.13 6.49
C ARG B 358 -35.73 -20.82 6.95
N LYS B 359 -36.05 -20.47 8.19
CA LYS B 359 -35.55 -19.26 8.79
C LYS B 359 -34.78 -19.56 10.09
N THR B 360 -33.66 -18.86 10.29
CA THR B 360 -32.78 -18.97 11.45
C THR B 360 -33.41 -18.35 12.70
N ASP B 361 -33.33 -19.04 13.84
CA ASP B 361 -33.82 -18.47 15.09
C ASP B 361 -32.71 -17.69 15.81
N HIS B 362 -32.79 -16.36 15.86
CA HIS B 362 -31.75 -15.52 16.54
C HIS B 362 -31.98 -15.29 18.06
N THR B 363 -33.06 -15.85 18.59
CA THR B 363 -33.28 -15.87 20.03
C THR B 363 -32.59 -17.11 20.59
N ARG B 364 -32.20 -17.03 21.86
CA ARG B 364 -31.69 -18.19 22.59
C ARG B 364 -30.46 -18.87 21.95
N VAL B 365 -29.55 -18.04 21.46
CA VAL B 365 -28.34 -18.53 20.87
C VAL B 365 -27.28 -18.52 21.97
N ALA B 366 -26.70 -19.68 22.26
CA ALA B 366 -25.64 -19.74 23.29
C ALA B 366 -24.42 -19.11 22.70
N SER B 367 -23.65 -18.40 23.53
CA SER B 367 -22.34 -17.93 23.08
C SER B 367 -21.42 -17.68 24.23
N ALA B 368 -20.19 -17.33 23.89
CA ALA B 368 -19.13 -17.26 24.85
C ALA B 368 -18.25 -16.04 24.60
N VAL B 369 -17.69 -15.53 25.71
CA VAL B 369 -16.51 -14.71 25.68
C VAL B 369 -15.35 -15.49 26.22
N PHE B 370 -14.39 -15.82 25.34
CA PHE B 370 -13.09 -16.37 25.75
C PHE B 370 -12.15 -15.41 26.54
N SER B 371 -12.70 -14.81 27.58
CA SER B 371 -11.91 -14.11 28.55
C SER B 371 -11.34 -15.11 29.54
N ILE B 372 -10.32 -14.67 30.28
CA ILE B 372 -9.74 -15.41 31.35
C ILE B 372 -10.20 -14.65 32.62
N PRO B 373 -11.16 -15.20 33.36
CA PRO B 373 -11.93 -16.44 33.15
C PRO B 373 -13.04 -16.31 32.07
N PRO B 374 -13.48 -17.43 31.49
CA PRO B 374 -14.41 -17.25 30.39
C PRO B 374 -15.86 -17.05 30.81
N ILE B 375 -16.65 -16.50 29.88
CA ILE B 375 -18.12 -16.37 30.00
C ILE B 375 -18.90 -17.32 29.07
N GLY B 376 -20.05 -17.78 29.56
CA GLY B 376 -21.02 -18.52 28.75
C GLY B 376 -22.45 -18.05 29.02
N THR B 377 -23.24 -17.89 27.97
CA THR B 377 -24.58 -17.35 28.09
C THR B 377 -25.50 -17.80 26.97
N CYS B 378 -26.75 -17.95 27.35
CA CYS B 378 -27.86 -18.24 26.46
C CYS B 378 -29.13 -17.52 26.91
N GLY B 379 -29.67 -16.64 26.07
CA GLY B 379 -30.99 -16.06 26.34
C GLY B 379 -30.91 -14.73 27.04
N LEU B 380 -32.02 -14.30 27.63
CA LEU B 380 -32.17 -12.95 28.17
C LEU B 380 -31.42 -12.62 29.45
N ILE B 381 -30.89 -11.42 29.51
CA ILE B 381 -30.40 -10.89 30.77
C ILE B 381 -31.60 -10.38 31.53
N GLU B 382 -31.50 -10.28 32.85
CA GLU B 382 -32.69 -9.92 33.62
C GLU B 382 -33.36 -8.55 33.27
N GLU B 383 -32.55 -7.53 32.97
CA GLU B 383 -33.12 -6.19 32.72
C GLU B 383 -34.01 -6.22 31.49
N VAL B 384 -33.68 -7.08 30.55
CA VAL B 384 -34.47 -7.24 29.35
C VAL B 384 -35.71 -8.07 29.66
N ALA B 385 -35.55 -9.19 30.37
CA ALA B 385 -36.71 -9.99 30.80
C ALA B 385 -37.76 -9.20 31.57
N ALA B 386 -37.34 -8.29 32.45
CA ALA B 386 -38.31 -7.51 33.24
C ALA B 386 -39.12 -6.53 32.37
N LYS B 387 -38.57 -6.13 31.22
CA LYS B 387 -39.33 -5.28 30.29
C LYS B 387 -40.39 -6.07 29.53
N GLU B 388 -40.33 -7.40 29.60
CA GLU B 388 -41.19 -8.24 28.77
C GLU B 388 -42.09 -9.15 29.58
N PHE B 389 -41.77 -9.35 30.86
CA PHE B 389 -42.58 -10.19 31.73
C PHE B 389 -42.83 -9.53 33.06
N GLU B 390 -44.08 -9.63 33.50
CA GLU B 390 -44.54 -8.95 34.70
C GLU B 390 -43.65 -9.36 35.87
N LYS B 391 -43.54 -10.68 36.05
CA LYS B 391 -42.76 -11.26 37.15
C LYS B 391 -41.56 -12.07 36.62
N VAL B 392 -40.36 -11.67 37.04
CA VAL B 392 -39.11 -12.30 36.67
C VAL B 392 -38.38 -12.70 37.95
N ALA B 393 -37.89 -13.95 37.99
CA ALA B 393 -37.15 -14.48 39.14
C ALA B 393 -35.71 -14.72 38.74
N VAL B 394 -34.80 -14.56 39.69
CA VAL B 394 -33.38 -14.73 39.40
C VAL B 394 -32.77 -15.66 40.42
N TYR B 395 -32.24 -16.76 39.92
CA TYR B 395 -31.59 -17.74 40.79
C TYR B 395 -30.10 -17.56 40.55
N MET B 396 -29.34 -17.44 41.64
CA MET B 396 -27.95 -17.05 41.57
C MET B 396 -27.08 -17.83 42.57
N SER B 397 -25.93 -18.29 42.08
CA SER B 397 -24.92 -18.88 42.92
C SER B 397 -23.59 -18.29 42.47
N SER B 398 -22.77 -17.90 43.42
CA SER B 398 -21.51 -17.23 43.12
C SER B 398 -20.50 -17.50 44.21
N PHE B 399 -19.46 -18.25 43.92
CA PHE B 399 -18.45 -18.49 44.95
C PHE B 399 -17.25 -19.19 44.40
N THR B 400 -16.15 -19.13 45.14
CA THR B 400 -14.90 -19.69 44.72
C THR B 400 -14.96 -21.21 44.84
N PRO B 401 -14.78 -21.93 43.71
CA PRO B 401 -14.72 -23.40 43.79
C PRO B 401 -13.57 -23.78 44.71
N LEU B 402 -13.69 -24.95 45.32
CA LEU B 402 -12.75 -25.38 46.30
C LEU B 402 -11.33 -25.54 45.70
N MET B 403 -11.25 -25.91 44.43
CA MET B 403 -9.98 -26.00 43.78
C MET B 403 -9.24 -24.66 43.82
N HIS B 404 -9.96 -23.53 43.85
CA HIS B 404 -9.25 -22.25 43.89
C HIS B 404 -9.01 -21.70 45.25
N ASN B 405 -9.49 -22.40 46.29
CA ASN B 405 -8.92 -22.19 47.62
C ASN B 405 -7.52 -22.80 47.73
N ILE B 406 -7.17 -23.69 46.79
CA ILE B 406 -5.91 -24.40 46.89
C ILE B 406 -4.95 -23.84 45.89
N SER B 407 -5.43 -23.59 44.68
CA SER B 407 -4.59 -22.92 43.70
C SER B 407 -4.03 -21.61 44.20
N GLY B 408 -4.78 -20.94 45.08
CA GLY B 408 -4.44 -19.61 45.60
C GLY B 408 -5.02 -18.49 44.74
N SER B 409 -5.71 -18.80 43.65
CA SER B 409 -6.46 -17.79 42.90
C SER B 409 -7.81 -17.63 43.52
N LYS B 410 -7.86 -17.06 44.73
CA LYS B 410 -9.08 -17.05 45.55
C LYS B 410 -10.18 -16.20 44.97
N TYR B 411 -9.80 -15.32 44.04
CA TYR B 411 -10.69 -14.41 43.37
C TYR B 411 -11.46 -15.05 42.20
N LYS B 412 -11.17 -16.30 41.82
CA LYS B 412 -11.93 -16.89 40.69
C LYS B 412 -13.27 -17.41 41.14
N LYS B 413 -14.17 -16.50 41.48
CA LYS B 413 -15.54 -16.89 41.80
C LYS B 413 -16.15 -17.47 40.53
N PHE B 414 -16.81 -18.62 40.67
CA PHE B 414 -17.65 -19.14 39.62
C PHE B 414 -19.08 -18.57 39.76
N VAL B 415 -19.60 -17.95 38.69
CA VAL B 415 -20.98 -17.43 38.68
C VAL B 415 -21.96 -18.21 37.77
N ALA B 416 -23.04 -18.69 38.35
CA ALA B 416 -24.16 -19.33 37.64
C ALA B 416 -25.50 -18.64 37.94
N LYS B 417 -26.15 -18.11 36.90
CA LYS B 417 -27.44 -17.45 37.06
C LYS B 417 -28.48 -17.98 36.10
N ILE B 418 -29.68 -18.14 36.63
CA ILE B 418 -30.83 -18.60 35.86
C ILE B 418 -31.93 -17.54 36.05
N VAL B 419 -32.43 -17.05 34.92
CA VAL B 419 -33.40 -15.98 34.89
C VAL B 419 -34.69 -16.57 34.35
N THR B 420 -35.71 -16.64 35.18
CA THR B 420 -36.98 -17.18 34.72
C THR B 420 -38.12 -16.17 34.65
N ASN B 421 -39.15 -16.58 33.90
CA ASN B 421 -40.49 -16.05 33.95
C ASN B 421 -41.18 -16.68 35.16
N HIS B 422 -41.22 -15.97 36.29
CA HIS B 422 -41.69 -16.55 37.54
C HIS B 422 -43.13 -17.04 37.50
N SER B 423 -43.91 -16.53 36.53
CA SER B 423 -45.33 -16.93 36.33
C SER B 423 -45.48 -18.40 36.05
N ASP B 424 -44.66 -18.93 35.13
CA ASP B 424 -44.75 -20.34 34.79
C ASP B 424 -43.44 -21.10 34.96
N GLY B 425 -42.43 -20.45 35.52
CA GLY B 425 -41.12 -21.11 35.71
C GLY B 425 -40.25 -21.33 34.46
N THR B 426 -40.66 -20.75 33.33
CA THR B 426 -39.93 -20.91 32.04
C THR B 426 -38.52 -20.32 32.17
N VAL B 427 -37.48 -21.03 31.71
CA VAL B 427 -36.15 -20.45 31.79
C VAL B 427 -35.91 -19.56 30.60
N LEU B 428 -35.59 -18.31 30.91
CA LEU B 428 -35.50 -17.27 29.93
C LEU B 428 -34.08 -16.98 29.59
N GLY B 429 -33.20 -17.30 30.52
CA GLY B 429 -31.79 -16.95 30.40
C GLY B 429 -30.94 -17.63 31.43
N VAL B 430 -29.74 -18.05 30.97
CA VAL B 430 -28.70 -18.62 31.80
C VAL B 430 -27.38 -17.91 31.55
N HIS B 431 -26.66 -17.60 32.62
CA HIS B 431 -25.42 -16.86 32.49
C HIS B 431 -24.36 -17.36 33.44
N LEU B 432 -23.19 -17.56 32.87
CA LEU B 432 -22.12 -18.23 33.53
C LEU B 432 -20.81 -17.48 33.36
N LEU B 433 -20.02 -17.50 34.42
CA LEU B 433 -18.64 -17.07 34.40
C LEU B 433 -17.78 -18.09 35.19
N GLY B 434 -16.64 -18.46 34.62
CA GLY B 434 -15.75 -19.45 35.26
C GLY B 434 -15.24 -20.45 34.23
N ASP B 435 -14.16 -21.16 34.56
CA ASP B 435 -13.61 -22.14 33.63
C ASP B 435 -14.73 -23.12 33.29
N GLY B 436 -14.82 -23.47 32.01
CA GLY B 436 -15.86 -24.39 31.56
C GLY B 436 -17.16 -23.74 31.08
N ALA B 437 -17.46 -22.53 31.55
CA ALA B 437 -18.67 -21.87 31.14
C ALA B 437 -19.06 -21.96 29.62
N PRO B 438 -18.10 -21.83 28.69
CA PRO B 438 -18.49 -22.00 27.29
C PRO B 438 -18.85 -23.45 26.99
N GLU B 439 -18.21 -24.44 27.61
CA GLU B 439 -18.65 -25.84 27.45
C GLU B 439 -19.97 -26.09 28.17
N ILE B 440 -20.12 -25.57 29.37
CA ILE B 440 -21.33 -25.87 30.13
C ILE B 440 -22.60 -25.43 29.39
N ILE B 441 -22.50 -24.35 28.63
CA ILE B 441 -23.66 -23.62 28.19
C ILE B 441 -24.28 -24.18 26.92
N GLN B 442 -23.50 -25.03 26.21
CA GLN B 442 -23.93 -25.54 24.92
C GLN B 442 -25.22 -26.31 25.01
N ALA B 443 -25.31 -27.27 25.93
CA ALA B 443 -26.50 -28.07 26.13
C ALA B 443 -27.60 -27.19 26.72
N VAL B 444 -27.22 -26.21 27.55
CA VAL B 444 -28.22 -25.25 28.06
C VAL B 444 -29.02 -24.62 26.87
N GLY B 445 -28.32 -24.23 25.80
CA GLY B 445 -28.99 -23.81 24.56
C GLY B 445 -30.04 -24.82 24.08
N VAL B 446 -29.70 -26.11 24.16
CA VAL B 446 -30.66 -27.16 23.78
C VAL B 446 -31.88 -27.16 24.70
N CYS B 447 -31.64 -27.04 26.01
CA CYS B 447 -32.73 -26.95 26.99
C CYS B 447 -33.78 -25.92 26.62
N LEU B 448 -33.32 -24.73 26.25
CA LEU B 448 -34.22 -23.62 25.98
C LEU B 448 -35.10 -23.85 24.77
N ARG B 449 -34.69 -24.77 23.90
CA ARG B 449 -35.48 -25.22 22.77
C ARG B 449 -36.40 -26.40 23.17
N LEU B 450 -36.62 -26.57 24.47
CA LEU B 450 -37.56 -27.59 24.94
C LEU B 450 -38.37 -27.00 26.07
N ASN B 451 -38.47 -25.67 26.08
CA ASN B 451 -39.22 -24.93 27.09
C ASN B 451 -39.00 -25.48 28.51
N ALA B 452 -37.72 -25.59 28.86
CA ALA B 452 -37.29 -25.99 30.20
C ALA B 452 -37.70 -24.95 31.17
N LYS B 453 -38.10 -25.45 32.32
CA LYS B 453 -38.49 -24.66 33.43
C LYS B 453 -37.43 -24.82 34.51
N ILE B 454 -37.50 -23.96 35.52
CA ILE B 454 -36.51 -23.97 36.56
C ILE B 454 -36.48 -25.34 37.29
N SER B 455 -37.65 -25.96 37.39
CA SER B 455 -37.80 -27.25 38.09
C SER B 455 -37.20 -28.42 37.29
N ASP B 456 -37.23 -28.34 35.96
CA ASP B 456 -36.54 -29.35 35.16
C ASP B 456 -35.04 -29.39 35.49
N PHE B 457 -34.43 -28.19 35.59
CA PHE B 457 -33.02 -28.05 35.99
C PHE B 457 -32.77 -28.62 37.36
N TYR B 458 -33.59 -28.20 38.33
CA TYR B 458 -33.44 -28.61 39.73
C TYR B 458 -33.66 -30.13 39.95
N ASN B 459 -34.66 -30.70 39.27
CA ASN B 459 -34.99 -32.13 39.38
C ASN B 459 -34.15 -33.06 38.51
N THR B 460 -33.36 -32.49 37.61
CA THR B 460 -32.23 -33.22 37.03
C THR B 460 -31.19 -33.51 38.12
N ILE B 461 -30.61 -34.68 38.05
CA ILE B 461 -29.60 -35.02 39.02
C ILE B 461 -28.24 -34.49 38.57
N GLY B 462 -27.61 -33.74 39.47
CA GLY B 462 -26.28 -33.22 39.24
C GLY B 462 -25.19 -34.24 38.94
N VAL B 463 -24.15 -33.77 38.25
CA VAL B 463 -22.87 -34.51 38.15
C VAL B 463 -21.87 -33.88 39.11
N HIS B 464 -21.33 -34.70 40.01
CA HIS B 464 -20.58 -34.18 41.16
C HIS B 464 -19.16 -34.78 41.18
N PRO B 465 -18.12 -33.97 41.43
CA PRO B 465 -18.10 -32.51 41.53
C PRO B 465 -17.86 -31.78 40.20
N THR B 466 -18.80 -30.90 39.83
CA THR B 466 -18.63 -29.97 38.73
C THR B 466 -19.08 -28.55 39.12
N SER B 467 -18.73 -27.58 38.28
CA SER B 467 -19.30 -26.25 38.44
C SER B 467 -20.70 -26.29 37.95
N ALA B 468 -20.89 -27.11 36.91
CA ALA B 468 -22.15 -27.21 36.17
C ALA B 468 -23.30 -27.72 37.03
N GLU B 469 -23.01 -28.58 37.99
CA GLU B 469 -24.05 -29.09 38.87
C GLU B 469 -24.74 -27.96 39.59
N GLU B 470 -24.15 -26.77 39.52
CA GLU B 470 -24.74 -25.62 40.20
C GLU B 470 -26.08 -25.25 39.60
N LEU B 471 -26.20 -25.47 38.29
CA LEU B 471 -27.39 -25.18 37.56
C LEU B 471 -28.57 -26.08 37.99
N CYS B 472 -28.26 -27.20 38.64
CA CYS B 472 -29.27 -28.17 38.97
C CYS B 472 -29.45 -28.32 40.46
N SER B 473 -29.22 -27.22 41.18
CA SER B 473 -29.26 -27.22 42.64
C SER B 473 -29.80 -25.91 43.22
N MET B 474 -30.39 -25.11 42.34
CA MET B 474 -30.94 -23.82 42.68
C MET B 474 -32.45 -23.93 42.68
N ARG B 475 -33.03 -23.74 43.86
CA ARG B 475 -34.41 -24.07 44.12
C ARG B 475 -35.19 -22.80 44.40
N THR B 476 -34.59 -21.89 45.17
CA THR B 476 -35.22 -20.68 45.62
C THR B 476 -34.66 -19.43 44.92
N PRO B 477 -35.53 -18.52 44.48
CA PRO B 477 -35.04 -17.30 43.85
C PRO B 477 -34.24 -16.45 44.83
N SER B 478 -33.26 -15.74 44.33
CA SER B 478 -32.44 -14.87 45.15
C SER B 478 -33.19 -13.54 45.24
N TYR B 479 -33.71 -13.12 44.10
CA TYR B 479 -34.49 -11.91 44.04
C TYR B 479 -35.44 -11.92 42.87
N TYR B 480 -36.26 -10.86 42.78
CA TYR B 480 -37.30 -10.74 41.78
C TYR B 480 -37.27 -9.37 41.11
N TYR B 481 -37.74 -9.33 39.88
CA TYR B 481 -38.18 -8.08 39.26
C TYR B 481 -39.71 -8.13 39.08
N VAL B 482 -40.43 -7.32 39.86
CA VAL B 482 -41.89 -7.20 39.70
C VAL B 482 -42.24 -5.91 38.96
N LYS B 483 -42.84 -6.05 37.78
CA LYS B 483 -43.19 -4.89 36.97
C LYS B 483 -41.97 -4.05 36.52
N GLY B 484 -40.76 -4.53 36.79
CA GLY B 484 -39.55 -3.88 36.32
C GLY B 484 -38.66 -3.52 37.49
N GLU B 485 -39.24 -3.64 38.68
CA GLU B 485 -38.61 -3.20 39.91
C GLU B 485 -37.91 -4.36 40.61
N LYS B 486 -36.62 -4.20 40.90
CA LYS B 486 -35.86 -5.25 41.56
C LYS B 486 -36.16 -5.26 43.05
N MET B 487 -36.69 -6.37 43.57
CA MET B 487 -36.94 -6.53 45.02
C MET B 487 -36.59 -7.93 45.52
N GLU B 488 -36.32 -8.06 46.81
CA GLU B 488 -35.86 -9.33 47.35
C GLU B 488 -36.96 -10.36 47.57
N LYS B 489 -38.21 -9.89 47.66
CA LYS B 489 -39.30 -10.73 48.23
C LYS B 489 -40.64 -10.94 47.47
N LEU B 490 -41.17 -9.92 46.78
CA LEU B 490 -42.52 -10.01 46.18
C LEU B 490 -43.53 -9.12 46.93
N SER C 2 7.97 8.04 25.41
CA SER C 2 8.51 9.15 26.27
C SER C 2 8.32 10.55 25.66
N HIS C 3 8.85 10.83 24.46
CA HIS C 3 8.67 12.17 23.84
C HIS C 3 8.28 12.17 22.36
N MET C 4 7.52 13.19 21.94
CA MET C 4 6.87 13.24 20.61
C MET C 4 7.82 13.20 19.43
N SER C 5 7.45 12.48 18.36
CA SER C 5 8.20 12.51 17.10
C SER C 5 7.95 13.83 16.40
N LYS C 6 8.91 14.29 15.58
CA LYS C 6 8.63 15.44 14.71
C LYS C 6 7.62 14.97 13.68
N ALA C 7 6.57 15.76 13.47
CA ALA C 7 5.40 15.33 12.68
C ALA C 7 5.14 16.24 11.47
N PHE C 8 4.85 15.62 10.33
CA PHE C 8 4.71 16.31 9.08
C PHE C 8 3.45 15.97 8.35
N ASP C 9 2.99 16.90 7.54
CA ASP C 9 1.87 16.59 6.63
C ASP C 9 2.39 15.67 5.50
N LEU C 10 3.64 15.90 5.10
CA LEU C 10 4.28 15.18 4.00
C LEU C 10 5.74 14.89 4.32
N VAL C 11 6.15 13.65 4.10
CA VAL C 11 7.56 13.34 4.07
C VAL C 11 7.94 12.89 2.65
N VAL C 12 8.88 13.64 2.09
CA VAL C 12 9.44 13.38 0.78
C VAL C 12 10.78 12.69 1.06
N ILE C 13 11.06 11.58 0.37
CA ILE C 13 12.37 10.96 0.49
C ILE C 13 13.12 11.14 -0.80
N GLY C 14 14.27 11.84 -0.74
CA GLY C 14 15.00 12.31 -1.94
C GLY C 14 14.71 13.79 -2.19
N ALA C 15 15.74 14.63 -2.05
CA ALA C 15 15.59 16.05 -2.25
C ALA C 15 16.02 16.45 -3.65
N GLY C 16 15.50 15.80 -4.68
CA GLY C 16 15.88 16.08 -6.07
C GLY C 16 14.83 16.85 -6.87
N SER C 17 14.85 16.68 -8.19
CA SER C 17 14.08 17.51 -9.08
C SER C 17 12.62 17.47 -8.70
N GLY C 18 12.09 16.26 -8.54
CA GLY C 18 10.70 16.08 -8.28
C GLY C 18 10.30 16.35 -6.83
N GLY C 19 11.18 15.98 -5.90
CA GLY C 19 10.83 15.94 -4.48
C GLY C 19 10.82 17.34 -3.94
N LEU C 20 11.71 18.16 -4.50
CA LEU C 20 11.84 19.57 -4.10
C LEU C 20 10.69 20.38 -4.65
N GLU C 21 10.28 20.08 -5.88
CA GLU C 21 9.14 20.78 -6.45
C GLU C 21 7.93 20.49 -5.56
N ALA C 22 7.72 19.23 -5.24
CA ALA C 22 6.66 18.79 -4.35
C ALA C 22 6.75 19.41 -2.95
N GLY C 23 7.91 19.32 -2.32
CA GLY C 23 8.14 19.89 -0.99
C GLY C 23 7.86 21.38 -0.95
N TRP C 24 8.53 22.14 -1.82
CA TRP C 24 8.33 23.58 -1.95
C TRP C 24 6.85 23.92 -2.15
N ASN C 25 6.22 23.28 -3.15
CA ASN C 25 4.80 23.53 -3.43
C ASN C 25 3.89 23.26 -2.24
N ALA C 26 4.05 22.09 -1.60
CA ALA C 26 3.20 21.74 -0.44
C ALA C 26 3.33 22.77 0.70
N ALA C 27 4.56 23.22 0.95
CA ALA C 27 4.91 24.15 2.02
C ALA C 27 4.46 25.55 1.69
N THR C 28 4.83 26.02 0.48
CA THR C 28 4.67 27.43 0.15
C THR C 28 3.30 27.75 -0.42
N LEU C 29 2.75 26.82 -1.20
CA LEU C 29 1.48 27.05 -1.87
C LEU C 29 0.32 26.52 -1.07
N TYR C 30 0.57 25.52 -0.21
CA TYR C 30 -0.48 24.89 0.61
C TYR C 30 -0.37 24.97 2.17
N GLY C 31 0.71 25.58 2.68
CA GLY C 31 0.92 25.82 4.13
C GLY C 31 1.06 24.53 4.94
N LYS C 32 1.49 23.47 4.24
CA LYS C 32 1.74 22.17 4.84
C LYS C 32 3.11 22.16 5.52
N ARG C 33 3.26 21.28 6.53
CA ARG C 33 4.51 21.07 7.26
C ARG C 33 5.12 19.86 6.57
N VAL C 34 6.36 19.99 6.09
CA VAL C 34 6.91 19.06 5.07
C VAL C 34 8.35 18.77 5.41
N ALA C 35 8.78 17.52 5.22
CA ALA C 35 10.15 17.15 5.46
C ALA C 35 10.69 16.53 4.21
N VAL C 36 11.94 16.88 3.88
CA VAL C 36 12.64 16.31 2.76
C VAL C 36 13.98 15.69 3.24
N VAL C 37 14.30 14.51 2.73
CA VAL C 37 15.41 13.73 3.21
C VAL C 37 16.32 13.45 2.02
N ASP C 38 17.62 13.54 2.25
CA ASP C 38 18.57 13.23 1.22
C ASP C 38 19.83 12.91 1.96
N VAL C 39 20.68 12.15 1.27
CA VAL C 39 21.83 11.57 1.92
C VAL C 39 23.02 12.49 2.05
N GLN C 40 23.02 13.65 1.41
CA GLN C 40 24.22 14.44 1.46
C GLN C 40 23.83 15.85 1.15
N THR C 41 24.44 16.81 1.83
CA THR C 41 24.00 18.21 1.67
C THR C 41 24.65 18.90 0.45
N SER C 42 25.77 18.36 -0.03
CA SER C 42 26.42 18.93 -1.19
C SER C 42 27.03 17.81 -2.06
N HIS C 43 27.33 18.12 -3.31
CA HIS C 43 27.54 17.09 -4.36
C HIS C 43 28.77 16.23 -4.16
N GLY C 44 28.82 15.06 -4.75
CA GLY C 44 30.10 14.40 -4.93
C GLY C 44 30.19 13.12 -4.12
N PRO C 45 31.37 12.48 -4.14
CA PRO C 45 31.57 11.25 -3.37
C PRO C 45 31.32 11.52 -1.91
N PRO C 46 30.84 10.54 -1.13
CA PRO C 46 30.61 9.17 -1.64
C PRO C 46 29.30 8.93 -2.42
N PHE C 47 28.26 9.76 -2.24
CA PHE C 47 26.92 9.36 -2.69
C PHE C 47 26.49 10.09 -3.94
N TYR C 48 27.35 11.02 -4.38
CA TYR C 48 27.24 11.70 -5.68
C TYR C 48 26.08 12.65 -5.77
N ALA C 49 24.87 12.12 -5.67
CA ALA C 49 23.71 12.98 -5.71
C ALA C 49 23.53 13.53 -4.28
N ALA C 50 22.75 14.58 -4.11
CA ALA C 50 22.70 15.23 -2.83
C ALA C 50 21.48 16.11 -2.85
N LEU C 51 21.36 16.99 -1.87
CA LEU C 51 20.41 18.08 -1.93
C LEU C 51 20.42 18.67 -3.34
N GLY C 52 19.25 18.73 -3.95
CA GLY C 52 19.17 19.18 -5.34
C GLY C 52 19.02 18.07 -6.36
N GLY C 53 19.33 16.85 -5.98
CA GLY C 53 19.15 15.70 -6.87
C GLY C 53 20.14 15.51 -8.00
N THR C 54 19.96 14.42 -8.77
CA THR C 54 20.83 14.06 -9.86
C THR C 54 21.03 15.24 -10.82
N CYS C 55 19.94 15.83 -11.22
CA CYS C 55 20.00 16.94 -12.13
C CYS C 55 21.15 17.87 -11.75
N VAL C 56 21.04 18.42 -10.54
CA VAL C 56 21.90 19.45 -10.10
C VAL C 56 23.34 18.98 -9.84
N ASN C 57 23.48 17.79 -9.28
CA ASN C 57 24.74 17.39 -8.72
C ASN C 57 25.59 16.58 -9.70
N VAL C 58 24.95 15.69 -10.48
CA VAL C 58 25.66 14.71 -11.33
C VAL C 58 24.79 14.29 -12.52
N GLY C 59 24.10 15.27 -13.09
CA GLY C 59 23.36 15.13 -14.32
C GLY C 59 23.30 16.45 -15.09
N CYS C 60 22.07 16.85 -15.44
CA CYS C 60 21.76 18.03 -16.28
C CYS C 60 22.69 19.22 -16.13
N VAL C 61 22.69 19.84 -14.97
CA VAL C 61 23.42 21.06 -14.81
C VAL C 61 24.91 20.89 -15.11
N PRO C 62 25.62 19.99 -14.41
CA PRO C 62 27.06 19.96 -14.69
C PRO C 62 27.38 19.38 -16.08
N LYS C 63 26.54 18.50 -16.60
CA LYS C 63 26.93 17.98 -17.90
C LYS C 63 26.84 19.05 -18.95
N LYS C 64 25.88 19.94 -18.79
CA LYS C 64 25.61 20.92 -19.78
C LYS C 64 26.77 21.91 -19.80
N LEU C 65 27.28 22.25 -18.61
CA LEU C 65 28.48 23.08 -18.53
C LEU C 65 29.63 22.38 -19.23
N MET C 66 29.72 21.07 -19.01
CA MET C 66 30.83 20.31 -19.53
C MET C 66 30.73 20.15 -21.02
N VAL C 67 29.53 19.89 -21.53
CA VAL C 67 29.32 19.87 -22.98
C VAL C 67 29.63 21.27 -23.64
N THR C 68 29.22 22.33 -22.95
CA THR C 68 29.38 23.69 -23.44
C THR C 68 30.87 23.92 -23.53
N GLY C 69 31.61 23.36 -22.56
CA GLY C 69 33.03 23.50 -22.54
C GLY C 69 33.60 22.75 -23.72
N ALA C 70 33.00 21.59 -23.99
CA ALA C 70 33.53 20.78 -25.05
C ALA C 70 33.26 21.45 -26.38
N GLN C 71 32.27 22.35 -26.43
CA GLN C 71 31.93 23.01 -27.70
C GLN C 71 33.07 23.91 -28.22
N TYR C 72 33.77 24.55 -27.31
CA TYR C 72 34.92 25.39 -27.66
C TYR C 72 35.97 24.71 -28.52
N MET C 73 36.05 23.38 -28.50
CA MET C 73 37.02 22.69 -29.33
C MET C 73 36.69 23.01 -30.77
N ASP C 74 35.39 22.93 -31.08
CA ASP C 74 34.84 23.27 -32.38
C ASP C 74 34.90 24.79 -32.69
N HIS C 75 34.43 25.61 -31.75
CA HIS C 75 34.41 27.04 -31.96
C HIS C 75 35.82 27.50 -32.32
N LEU C 76 36.78 27.05 -31.50
CA LEU C 76 38.17 27.41 -31.69
C LEU C 76 38.62 27.08 -33.09
N ARG C 77 38.33 25.87 -33.55
CA ARG C 77 38.72 25.47 -34.92
C ARG C 77 37.96 26.21 -36.04
N GLU C 78 36.65 26.43 -35.81
CA GLU C 78 35.77 26.99 -36.81
C GLU C 78 36.01 28.48 -36.99
N SER C 79 36.64 29.11 -36.00
CA SER C 79 36.84 30.55 -36.00
C SER C 79 37.81 30.98 -37.14
N ALA C 80 38.68 30.09 -37.61
CA ALA C 80 39.67 30.38 -38.69
C ALA C 80 39.00 30.79 -39.98
N GLY C 81 37.94 30.07 -40.32
CA GLY C 81 37.13 30.37 -41.50
C GLY C 81 36.68 31.83 -41.49
N PHE C 82 36.43 32.39 -40.30
CA PHE C 82 35.89 33.76 -40.24
C PHE C 82 36.95 34.83 -39.99
N GLY C 83 38.21 34.41 -39.96
CA GLY C 83 39.29 35.35 -40.05
C GLY C 83 40.02 35.44 -38.75
N TRP C 84 39.67 34.58 -37.79
CA TRP C 84 40.37 34.58 -36.50
C TRP C 84 41.69 33.86 -36.58
N GLU C 85 42.71 34.53 -36.05
CA GLU C 85 44.07 34.02 -36.07
C GLU C 85 44.62 34.00 -34.66
N PHE C 86 45.35 32.93 -34.40
CA PHE C 86 46.01 32.71 -33.13
C PHE C 86 46.85 31.44 -33.31
N ASP C 87 47.85 31.33 -32.43
CA ASP C 87 48.78 30.25 -32.40
C ASP C 87 48.05 28.98 -31.97
N GLY C 88 47.76 28.14 -32.97
CA GLY C 88 47.11 26.86 -32.78
C GLY C 88 47.91 25.87 -31.94
N SER C 89 49.23 26.07 -31.88
CA SER C 89 50.11 25.15 -31.19
C SER C 89 50.11 25.42 -29.69
N SER C 90 49.56 26.57 -29.27
CA SER C 90 49.44 26.90 -27.83
C SER C 90 48.18 26.35 -27.17
N VAL C 91 47.27 25.79 -27.97
CA VAL C 91 45.93 25.46 -27.52
C VAL C 91 45.98 24.19 -26.69
N LYS C 92 45.39 24.28 -25.50
CA LYS C 92 45.26 23.13 -24.60
C LYS C 92 43.97 23.29 -23.79
N ALA C 93 43.30 22.16 -23.63
CA ALA C 93 42.04 21.99 -22.91
C ALA C 93 42.33 21.56 -21.51
N ASN C 94 42.06 22.42 -20.54
CA ASN C 94 42.33 22.12 -19.14
C ASN C 94 41.10 21.57 -18.41
N TRP C 95 41.06 20.25 -18.31
CA TRP C 95 40.01 19.53 -17.63
C TRP C 95 39.91 19.88 -16.12
N LYS C 96 41.06 20.00 -15.45
CA LYS C 96 41.06 20.32 -14.02
C LYS C 96 40.36 21.62 -13.74
N LYS C 97 40.59 22.58 -14.62
CA LYS C 97 40.03 23.91 -14.50
C LYS C 97 38.47 23.83 -14.72
N LEU C 98 38.05 23.01 -15.70
CA LEU C 98 36.66 22.75 -15.96
C LEU C 98 35.98 22.11 -14.77
N ILE C 99 36.63 21.08 -14.20
CA ILE C 99 35.99 20.39 -13.12
C ILE C 99 35.89 21.34 -11.92
N ALA C 100 36.94 22.11 -11.65
CA ALA C 100 36.92 23.02 -10.50
C ALA C 100 35.83 24.10 -10.67
N ALA C 101 35.62 24.52 -11.93
CA ALA C 101 34.64 25.55 -12.23
C ALA C 101 33.24 24.96 -12.05
N LYS C 102 33.05 23.78 -12.65
CA LYS C 102 31.84 22.99 -12.46
C LYS C 102 31.57 22.71 -10.98
N ASN C 103 32.58 22.36 -10.21
CA ASN C 103 32.37 22.00 -8.80
C ASN C 103 31.84 23.19 -7.96
N GLU C 104 32.46 24.36 -8.21
CA GLU C 104 32.06 25.61 -7.56
CA GLU C 104 32.10 25.65 -7.62
C GLU C 104 30.64 25.94 -7.96
N ALA C 105 30.33 25.88 -9.25
CA ALA C 105 28.99 26.18 -9.70
C ALA C 105 27.99 25.28 -9.01
N VAL C 106 28.29 23.98 -8.86
CA VAL C 106 27.35 23.05 -8.21
C VAL C 106 27.24 23.34 -6.71
N LEU C 107 28.39 23.52 -6.05
CA LEU C 107 28.39 23.84 -4.60
C LEU C 107 27.48 25.02 -4.29
N ASP C 108 27.61 26.09 -5.06
CA ASP C 108 26.73 27.23 -4.94
C ASP C 108 25.24 26.85 -4.97
N ILE C 109 24.87 25.92 -5.87
CA ILE C 109 23.49 25.52 -5.95
C ILE C 109 23.14 24.78 -4.67
N ASN C 110 24.00 23.84 -4.24
CA ASN C 110 23.81 23.15 -3.00
C ASN C 110 23.55 24.19 -1.88
N LYS C 111 24.42 25.19 -1.79
CA LYS C 111 24.33 26.15 -0.73
C LYS C 111 23.00 26.97 -0.81
N SER C 112 22.57 27.34 -2.01
CA SER C 112 21.34 28.12 -2.08
C SER C 112 20.11 27.26 -1.74
N TYR C 113 20.19 25.94 -1.96
CA TYR C 113 19.14 25.08 -1.41
C TYR C 113 19.15 25.07 0.10
N GLU C 114 20.34 25.03 0.69
CA GLU C 114 20.41 25.05 2.15
C GLU C 114 19.65 26.28 2.65
N GLY C 115 20.02 27.45 2.12
CA GLY C 115 19.34 28.70 2.46
C GLY C 115 17.82 28.66 2.32
N MET C 116 17.33 28.12 1.21
CA MET C 116 15.89 27.93 1.02
C MET C 116 15.26 27.19 2.18
N PHE C 117 15.84 26.07 2.61
CA PHE C 117 15.30 25.39 3.79
C PHE C 117 15.35 26.28 5.03
N ASN C 118 16.47 26.94 5.26
CA ASN C 118 16.63 27.79 6.43
C ASN C 118 15.63 28.94 6.42
N ASP C 119 15.28 29.42 5.24
CA ASP C 119 14.45 30.61 5.14
C ASP C 119 12.93 30.34 5.12
N THR C 120 12.55 29.13 4.68
CA THR C 120 11.15 28.74 4.47
C THR C 120 10.54 27.96 5.68
N GLU C 121 9.61 28.64 6.35
CA GLU C 121 8.86 28.10 7.46
C GLU C 121 7.98 26.94 6.99
N GLY C 122 8.00 25.82 7.74
CA GLY C 122 7.22 24.65 7.36
C GLY C 122 7.86 23.69 6.38
N LEU C 123 9.11 23.93 6.01
CA LEU C 123 9.83 23.05 5.15
C LEU C 123 11.22 22.73 5.72
N ASP C 124 11.46 21.46 6.05
CA ASP C 124 12.65 21.11 6.73
C ASP C 124 13.43 20.02 6.03
N PHE C 125 14.74 20.08 6.20
CA PHE C 125 15.58 19.11 5.61
C PHE C 125 16.05 18.15 6.68
N PHE C 126 16.23 16.90 6.28
CA PHE C 126 16.90 15.89 7.10
C PHE C 126 17.96 15.14 6.33
N LEU C 127 19.17 15.16 6.88
CA LEU C 127 20.25 14.43 6.32
C LEU C 127 20.18 12.93 6.74
N GLY C 128 20.37 12.01 5.79
CA GLY C 128 20.56 10.59 6.13
C GLY C 128 19.80 9.73 5.16
N TRP C 129 19.51 8.48 5.56
CA TRP C 129 18.84 7.55 4.65
C TRP C 129 17.42 7.21 5.05
N GLY C 130 16.47 7.57 4.20
CA GLY C 130 15.07 7.52 4.58
C GLY C 130 14.56 6.16 4.15
N SER C 131 13.78 5.52 5.01
CA SER C 131 13.07 4.32 4.61
C SER C 131 11.70 4.25 5.26
N LEU C 132 10.89 3.31 4.80
CA LEU C 132 9.55 3.14 5.38
C LEU C 132 9.55 2.18 6.56
N GLU C 133 9.46 2.69 7.78
CA GLU C 133 9.25 1.76 8.87
C GLU C 133 7.85 1.22 8.76
N SER C 134 6.86 2.11 8.76
CA SER C 134 5.51 1.68 8.48
C SER C 134 4.72 2.74 7.75
N LYS C 135 3.42 2.48 7.57
CA LYS C 135 2.61 3.20 6.63
C LYS C 135 2.67 4.73 6.78
N ASN C 136 2.99 5.18 7.98
CA ASN C 136 3.00 6.60 8.32
C ASN C 136 4.19 6.91 9.20
N VAL C 137 5.27 6.11 9.08
CA VAL C 137 6.51 6.34 9.83
C VAL C 137 7.71 6.23 8.86
N VAL C 138 8.39 7.33 8.56
CA VAL C 138 9.63 7.27 7.83
C VAL C 138 10.74 7.37 8.84
N VAL C 139 11.74 6.51 8.74
CA VAL C 139 12.94 6.63 9.60
C VAL C 139 14.12 7.11 8.77
N VAL C 140 14.91 7.99 9.37
CA VAL C 140 16.09 8.49 8.70
C VAL C 140 17.30 7.84 9.39
N ARG C 141 17.95 6.90 8.67
CA ARG C 141 19.04 6.13 9.22
C ARG C 141 20.33 6.71 8.81
N GLU C 142 21.31 6.48 9.67
CA GLU C 142 22.66 6.94 9.48
C GLU C 142 23.27 6.50 8.16
N THR C 143 23.00 5.26 7.71
CA THR C 143 23.41 4.77 6.35
C THR C 143 22.35 3.93 5.64
N ALA C 144 22.63 3.49 4.42
CA ALA C 144 21.74 2.65 3.65
C ALA C 144 21.53 1.24 4.27
N ASP C 145 22.47 0.80 5.07
CA ASP C 145 22.25 -0.42 5.80
C ASP C 145 21.07 -0.26 6.77
N PRO C 146 20.03 -1.12 6.61
CA PRO C 146 18.77 -1.04 7.36
C PRO C 146 18.97 -1.34 8.86
N LYS C 147 20.21 -1.60 9.23
CA LYS C 147 20.50 -1.91 10.62
C LYS C 147 21.33 -0.80 11.28
N SER C 148 21.62 0.28 10.52
CA SER C 148 22.29 1.50 11.05
C SER C 148 21.41 2.29 12.03
N ALA C 149 22.05 3.13 12.83
CA ALA C 149 21.33 3.86 13.86
C ALA C 149 20.24 4.67 13.19
N VAL C 150 19.03 4.58 13.73
CA VAL C 150 17.96 5.46 13.39
C VAL C 150 18.29 6.88 13.90
N LYS C 151 18.49 7.86 13.03
CA LYS C 151 18.72 9.26 13.45
C LYS C 151 17.41 9.96 13.84
N GLU C 152 16.38 9.78 13.03
CA GLU C 152 15.09 10.39 13.27
C GLU C 152 14.04 9.39 12.90
N ARG C 153 12.95 9.43 13.64
CA ARG C 153 11.76 8.69 13.32
C ARG C 153 10.70 9.77 13.13
N LEU C 154 10.20 9.88 11.90
CA LEU C 154 9.28 10.97 11.54
C LEU C 154 7.88 10.43 11.34
N GLN C 155 6.88 11.05 11.97
CA GLN C 155 5.51 10.66 11.61
C GLN C 155 5.03 11.48 10.45
N ALA C 156 4.46 10.77 9.51
CA ALA C 156 4.12 11.33 8.22
C ALA C 156 2.68 11.02 7.88
N ASP C 157 1.86 12.02 7.59
CA ASP C 157 0.48 11.73 7.11
C ASP C 157 0.52 11.16 5.68
N HIS C 158 1.40 11.73 4.86
CA HIS C 158 1.60 11.38 3.48
C HIS C 158 3.11 11.24 3.28
N ILE C 159 3.48 10.30 2.41
CA ILE C 159 4.85 9.98 2.06
C ILE C 159 5.07 9.97 0.55
N LEU C 160 6.06 10.73 0.10
CA LEU C 160 6.39 10.77 -1.32
C LEU C 160 7.75 10.11 -1.52
N LEU C 161 7.77 9.10 -2.39
CA LEU C 161 8.99 8.39 -2.77
C LEU C 161 9.58 9.15 -3.94
N ALA C 162 10.76 9.73 -3.76
CA ALA C 162 11.34 10.52 -4.83
C ALA C 162 12.85 10.32 -4.90
N THR C 163 13.27 9.07 -4.70
CA THR C 163 14.70 8.73 -4.62
C THR C 163 15.43 8.54 -5.97
N GLY C 164 14.71 8.80 -7.07
CA GLY C 164 15.29 8.75 -8.44
C GLY C 164 15.80 7.40 -8.93
N SER C 165 16.89 7.47 -9.69
CA SER C 165 17.45 6.27 -10.32
C SER C 165 18.95 6.21 -10.06
N TRP C 166 19.57 5.15 -10.60
CA TRP C 166 20.95 4.81 -10.36
C TRP C 166 21.48 4.06 -11.59
N PRO C 167 22.77 4.21 -11.89
CA PRO C 167 23.24 3.56 -13.12
C PRO C 167 23.23 2.03 -13.04
N GLN C 168 22.82 1.40 -14.13
CA GLN C 168 22.84 -0.05 -14.27
C GLN C 168 24.28 -0.44 -14.60
N MET C 169 24.71 -1.53 -13.98
CA MET C 169 26.05 -2.03 -14.16
C MET C 169 25.91 -3.52 -14.47
N PRO C 170 26.43 -3.95 -15.61
CA PRO C 170 26.25 -5.33 -16.06
C PRO C 170 26.99 -6.32 -15.15
N ALA C 171 26.41 -7.48 -14.90
CA ALA C 171 27.13 -8.54 -14.16
C ALA C 171 28.23 -9.22 -15.02
N ILE C 172 29.31 -8.51 -15.28
CA ILE C 172 30.40 -9.14 -15.99
C ILE C 172 31.61 -9.37 -15.09
N PRO C 173 32.47 -10.34 -15.42
CA PRO C 173 33.71 -10.33 -14.65
C PRO C 173 34.48 -9.01 -14.87
N GLY C 174 34.79 -8.35 -13.75
CA GLY C 174 35.70 -7.22 -13.73
C GLY C 174 34.94 -5.93 -13.84
N ILE C 175 33.65 -5.98 -13.50
CA ILE C 175 32.83 -4.79 -13.47
C ILE C 175 33.40 -3.75 -12.50
N GLU C 176 34.01 -4.23 -11.42
CA GLU C 176 34.63 -3.33 -10.44
C GLU C 176 35.76 -2.43 -11.02
N HIS C 177 36.23 -2.73 -12.22
CA HIS C 177 37.21 -1.83 -12.85
C HIS C 177 36.59 -0.74 -13.71
N CYS C 178 35.27 -0.78 -13.77
CA CYS C 178 34.53 0.16 -14.61
C CYS C 178 34.10 1.35 -13.77
N ILE C 179 33.56 2.39 -14.41
CA ILE C 179 32.94 3.50 -13.67
C ILE C 179 31.58 3.80 -14.29
N SER C 180 30.81 4.67 -13.64
CA SER C 180 29.56 5.22 -14.21
C SER C 180 29.69 6.74 -14.47
N SER C 181 28.60 7.35 -14.92
CA SER C 181 28.54 8.79 -15.07
C SER C 181 28.93 9.45 -13.73
N ASN C 182 28.61 8.79 -12.62
CA ASN C 182 28.95 9.33 -11.32
C ASN C 182 30.42 9.73 -11.23
N GLU C 183 31.33 8.81 -11.52
CA GLU C 183 32.73 9.05 -11.26
C GLU C 183 33.28 9.92 -12.36
N ALA C 184 32.57 9.97 -13.49
CA ALA C 184 33.09 10.68 -14.64
C ALA C 184 33.20 12.14 -14.29
N PHE C 185 32.27 12.62 -13.49
CA PHE C 185 32.23 14.01 -13.07
C PHE C 185 33.40 14.36 -12.10
N TYR C 186 34.11 13.36 -11.60
CA TYR C 186 35.18 13.61 -10.62
C TYR C 186 36.56 13.08 -11.00
N LEU C 187 36.69 12.54 -12.21
CA LEU C 187 37.96 12.09 -12.68
C LEU C 187 39.04 13.16 -12.43
N PRO C 188 40.13 12.79 -11.74
CA PRO C 188 41.18 13.81 -11.49
C PRO C 188 41.84 14.33 -12.76
N GLU C 189 42.00 13.45 -13.76
CA GLU C 189 42.64 13.74 -15.06
C GLU C 189 41.69 13.33 -16.16
N PRO C 190 41.74 14.02 -17.32
CA PRO C 190 41.03 13.54 -18.49
C PRO C 190 41.55 12.20 -18.98
N PRO C 191 40.67 11.23 -19.21
CA PRO C 191 41.18 9.95 -19.77
C PRO C 191 41.74 10.10 -21.18
N ARG C 192 42.92 9.56 -21.40
CA ARG C 192 43.61 9.63 -22.68
C ARG C 192 42.88 8.72 -23.66
N ARG C 193 42.48 7.55 -23.16
CA ARG C 193 41.74 6.54 -23.89
C ARG C 193 40.51 6.17 -23.03
N VAL C 194 39.32 6.28 -23.61
CA VAL C 194 38.13 5.93 -22.84
C VAL C 194 37.11 5.17 -23.69
N LEU C 195 36.57 4.10 -23.13
CA LEU C 195 35.43 3.43 -23.72
C LEU C 195 34.12 3.83 -23.01
N THR C 196 33.19 4.44 -23.77
CA THR C 196 31.81 4.74 -23.29
C THR C 196 30.93 3.59 -23.73
N VAL C 197 30.44 2.77 -22.81
CA VAL C 197 29.63 1.59 -23.20
C VAL C 197 28.13 1.87 -23.21
N GLY C 198 27.54 1.80 -24.40
CA GLY C 198 26.11 2.06 -24.60
C GLY C 198 25.90 3.07 -25.71
N GLY C 199 24.70 3.10 -26.27
CA GLY C 199 24.36 4.04 -27.33
C GLY C 199 23.17 4.94 -27.01
N GLY C 200 23.04 5.31 -25.74
CA GLY C 200 21.95 6.17 -25.30
C GLY C 200 22.44 7.55 -24.98
N PHE C 201 21.57 8.36 -24.36
CA PHE C 201 21.89 9.73 -23.96
C PHE C 201 23.30 9.93 -23.37
N ILE C 202 23.66 9.10 -22.40
CA ILE C 202 24.83 9.36 -21.54
C ILE C 202 26.15 8.95 -22.19
N SER C 203 26.18 7.80 -22.86
CA SER C 203 27.33 7.42 -23.66
C SER C 203 27.69 8.49 -24.70
N VAL C 204 26.67 8.89 -25.43
CA VAL C 204 26.79 9.87 -26.53
C VAL C 204 27.25 11.22 -26.00
N GLU C 205 26.62 11.76 -24.96
CA GLU C 205 27.05 13.11 -24.47
C GLU C 205 28.43 13.08 -23.84
N PHE C 206 28.68 12.05 -23.05
CA PHE C 206 29.98 11.97 -22.45
C PHE C 206 31.09 11.76 -23.43
N ALA C 207 30.86 10.92 -24.45
CA ALA C 207 31.85 10.74 -25.50
C ALA C 207 32.31 12.07 -26.05
N GLY C 208 31.37 12.94 -26.44
CA GLY C 208 31.73 14.29 -26.86
C GLY C 208 32.48 15.08 -25.80
N ILE C 209 32.14 14.95 -24.52
CA ILE C 209 32.90 15.69 -23.51
C ILE C 209 34.37 15.22 -23.46
N PHE C 210 34.56 13.92 -23.19
CA PHE C 210 35.86 13.30 -23.26
C PHE C 210 36.59 13.62 -24.56
N ASN C 211 35.85 13.66 -25.67
CA ASN C 211 36.45 14.00 -26.97
C ASN C 211 37.14 15.38 -26.97
N ALA C 212 36.60 16.37 -26.26
CA ALA C 212 37.20 17.68 -26.33
C ALA C 212 38.36 17.80 -25.38
N TYR C 213 38.30 17.05 -24.29
CA TYR C 213 39.24 17.28 -23.23
C TYR C 213 40.40 16.31 -23.19
N LYS C 214 40.33 15.27 -23.99
CA LYS C 214 41.39 14.28 -24.06
C LYS C 214 42.72 14.93 -24.39
N PRO C 215 43.77 14.37 -23.84
CA PRO C 215 45.13 14.75 -24.04
C PRO C 215 45.69 14.32 -25.41
N PRO C 216 46.93 14.75 -25.70
CA PRO C 216 47.83 14.40 -26.82
C PRO C 216 47.55 13.07 -27.52
N GLY C 217 47.76 11.95 -26.86
CA GLY C 217 47.58 10.68 -27.57
C GLY C 217 46.18 10.39 -28.12
N GLY C 218 45.18 11.01 -27.52
CA GLY C 218 43.86 10.42 -27.30
C GLY C 218 42.99 9.75 -28.35
N LYS C 219 42.03 8.94 -27.87
CA LYS C 219 41.03 8.30 -28.69
C LYS C 219 39.82 8.00 -27.80
N VAL C 220 38.62 8.35 -28.25
CA VAL C 220 37.39 8.08 -27.52
C VAL C 220 36.62 7.01 -28.27
N THR C 221 36.30 5.90 -27.59
CA THR C 221 35.51 4.83 -28.22
C THR C 221 34.16 4.67 -27.55
N LEU C 222 33.09 4.79 -28.32
CA LEU C 222 31.75 4.42 -27.86
C LEU C 222 31.44 3.06 -28.44
N CYS C 223 31.02 2.11 -27.61
CA CYS C 223 30.47 0.86 -28.16
C CYS C 223 28.96 0.72 -27.96
N TYR C 224 28.27 0.18 -28.97
CA TYR C 224 26.83 -0.14 -28.83
C TYR C 224 26.56 -1.60 -29.17
N ARG C 225 25.71 -2.26 -28.36
CA ARG C 225 25.44 -3.71 -28.53
C ARG C 225 24.69 -4.10 -29.84
N ASN C 226 23.98 -3.16 -30.46
CA ASN C 226 23.37 -3.43 -31.80
C ASN C 226 23.94 -2.55 -32.86
N ASN C 227 23.18 -2.29 -33.91
CA ASN C 227 23.89 -1.74 -35.03
C ASN C 227 23.76 -0.27 -35.33
N LEU C 228 22.73 0.33 -34.72
CA LEU C 228 22.54 1.77 -34.81
C LEU C 228 22.20 2.36 -33.47
N ILE C 229 23.04 3.27 -32.99
CA ILE C 229 22.83 3.92 -31.68
C ILE C 229 21.51 4.71 -31.67
N LEU C 230 21.07 5.07 -30.46
CA LEU C 230 19.96 6.00 -30.23
C LEU C 230 18.55 5.48 -30.62
N ARG C 231 18.36 4.16 -30.48
CA ARG C 231 17.07 3.50 -30.48
C ARG C 231 16.00 4.36 -29.77
N GLY C 232 14.83 4.52 -30.39
CA GLY C 232 13.81 5.41 -29.83
C GLY C 232 13.79 6.79 -30.50
N PHE C 233 14.87 7.12 -31.19
CA PHE C 233 15.05 8.42 -31.86
C PHE C 233 14.78 8.30 -33.35
N ASP C 234 14.64 9.44 -34.00
CA ASP C 234 14.44 9.44 -35.43
C ASP C 234 15.61 8.73 -36.09
N GLU C 235 15.30 7.91 -37.08
CA GLU C 235 16.33 7.13 -37.77
C GLU C 235 17.25 7.98 -38.64
N THR C 236 16.70 8.90 -39.40
CA THR C 236 17.56 9.79 -40.16
C THR C 236 18.62 10.39 -39.25
N ILE C 237 18.19 10.87 -38.09
CA ILE C 237 19.06 11.40 -37.06
C ILE C 237 20.06 10.41 -36.40
N ARG C 238 19.64 9.19 -36.09
CA ARG C 238 20.58 8.22 -35.53
C ARG C 238 21.70 8.07 -36.51
N GLU C 239 21.35 8.07 -37.78
CA GLU C 239 22.34 7.94 -38.83
C GLU C 239 23.22 9.19 -39.00
N GLU C 240 22.63 10.39 -39.03
CA GLU C 240 23.49 11.59 -39.09
C GLU C 240 24.30 11.75 -37.81
N VAL C 241 23.74 11.39 -36.69
CA VAL C 241 24.54 11.65 -35.53
C VAL C 241 25.76 10.70 -35.51
N THR C 242 25.56 9.45 -35.92
CA THR C 242 26.68 8.52 -36.05
C THR C 242 27.81 9.08 -36.96
N LYS C 243 27.45 9.50 -38.17
CA LYS C 243 28.37 10.17 -39.10
C LYS C 243 29.04 11.39 -38.44
N GLN C 244 28.26 12.20 -37.74
CA GLN C 244 28.87 13.44 -37.25
C GLN C 244 29.76 13.28 -36.02
N LEU C 245 29.56 12.20 -35.25
CA LEU C 245 30.47 11.87 -34.17
C LEU C 245 31.74 11.26 -34.77
N THR C 246 31.58 10.23 -35.61
CA THR C 246 32.71 9.77 -36.38
C THR C 246 33.47 10.99 -36.97
N ALA C 247 32.78 11.93 -37.61
CA ALA C 247 33.54 13.02 -38.27
C ALA C 247 34.37 13.81 -37.28
N ASN C 248 33.92 13.92 -36.02
CA ASN C 248 34.72 14.63 -35.03
C ASN C 248 35.78 13.79 -34.27
N GLY C 249 36.12 12.63 -34.80
CA GLY C 249 37.17 11.78 -34.20
C GLY C 249 36.81 10.68 -33.19
N ILE C 250 35.51 10.48 -32.93
CA ILE C 250 35.05 9.41 -32.04
C ILE C 250 34.91 8.12 -32.85
N GLU C 251 35.43 7.02 -32.32
CA GLU C 251 35.26 5.71 -32.97
C GLU C 251 33.96 5.03 -32.48
N ILE C 252 33.11 4.58 -33.40
CA ILE C 252 31.89 3.90 -32.99
C ILE C 252 31.89 2.42 -33.30
N MET C 253 32.06 1.58 -32.28
CA MET C 253 31.92 0.17 -32.44
C MET C 253 30.46 -0.23 -32.41
N THR C 254 29.93 -0.72 -33.52
CA THR C 254 28.57 -1.28 -33.43
C THR C 254 28.58 -2.82 -33.23
N ASN C 255 27.44 -3.41 -32.86
CA ASN C 255 27.37 -4.83 -32.55
C ASN C 255 28.49 -5.37 -31.64
N GLU C 256 28.89 -4.55 -30.68
CA GLU C 256 29.93 -4.92 -29.74
C GLU C 256 29.43 -4.60 -28.34
N ASN C 257 29.92 -5.37 -27.38
CA ASN C 257 29.44 -5.28 -26.03
C ASN C 257 30.39 -5.94 -25.10
N PRO C 258 30.85 -5.24 -24.07
CA PRO C 258 31.90 -5.87 -23.28
C PRO C 258 31.41 -7.13 -22.56
N ALA C 259 32.26 -8.16 -22.58
CA ALA C 259 32.00 -9.43 -21.93
C ALA C 259 32.74 -9.49 -20.61
N LYS C 260 33.92 -8.86 -20.54
CA LYS C 260 34.73 -8.84 -19.31
C LYS C 260 35.82 -7.80 -19.38
N VAL C 261 36.30 -7.36 -18.21
CA VAL C 261 37.36 -6.36 -18.11
C VAL C 261 38.39 -6.82 -17.10
N SER C 262 39.68 -6.61 -17.40
CA SER C 262 40.75 -6.88 -16.44
C SER C 262 41.72 -5.70 -16.30
N LEU C 263 42.50 -5.70 -15.23
CA LEU C 263 43.48 -4.65 -15.02
C LEU C 263 44.83 -5.02 -15.62
N ASN C 264 45.32 -4.24 -16.57
CA ASN C 264 46.71 -4.40 -17.04
C ASN C 264 47.73 -4.05 -15.94
N THR C 265 48.97 -4.51 -16.07
CA THR C 265 49.92 -4.16 -15.02
C THR C 265 50.16 -2.66 -14.91
N ASP C 266 50.01 -1.92 -16.00
CA ASP C 266 50.18 -0.46 -15.93
C ASP C 266 48.93 0.29 -15.42
N GLY C 267 47.87 -0.41 -14.99
CA GLY C 267 46.68 0.25 -14.45
C GLY C 267 45.56 0.50 -15.44
N SER C 268 45.89 0.44 -16.73
CA SER C 268 44.89 0.49 -17.78
C SER C 268 43.96 -0.72 -17.73
N LYS C 269 42.85 -0.63 -18.46
CA LYS C 269 41.83 -1.64 -18.42
C LYS C 269 41.85 -2.43 -19.71
N HIS C 270 41.98 -3.75 -19.60
CA HIS C 270 41.87 -4.63 -20.79
C HIS C 270 40.42 -5.07 -21.02
N VAL C 271 39.87 -4.77 -22.18
CA VAL C 271 38.45 -5.06 -22.42
C VAL C 271 38.32 -6.15 -23.45
N THR C 272 37.59 -7.19 -23.08
CA THR C 272 37.27 -8.26 -24.00
C THR C 272 35.78 -8.16 -24.36
N PHE C 273 35.44 -8.10 -25.64
CA PHE C 273 34.04 -8.11 -26.06
C PHE C 273 33.45 -9.52 -26.26
N GLU C 274 32.12 -9.66 -26.23
CA GLU C 274 31.43 -10.94 -26.52
C GLU C 274 31.89 -11.63 -27.82
N SER C 275 32.28 -10.82 -28.79
CA SER C 275 32.70 -11.26 -30.10
C SER C 275 34.14 -11.80 -30.13
N GLY C 276 34.92 -11.52 -29.07
CA GLY C 276 36.28 -12.03 -28.94
C GLY C 276 37.31 -10.95 -29.12
N LYS C 277 36.88 -9.83 -29.71
CA LYS C 277 37.69 -8.61 -29.81
C LYS C 277 38.13 -8.03 -28.44
N THR C 278 39.25 -7.32 -28.44
CA THR C 278 39.76 -6.71 -27.25
C THR C 278 40.03 -5.24 -27.50
N LEU C 279 40.18 -4.50 -26.40
CA LEU C 279 40.46 -3.06 -26.39
C LEU C 279 41.07 -2.60 -25.05
N ASP C 280 42.17 -1.87 -25.14
CA ASP C 280 42.75 -1.28 -23.94
C ASP C 280 42.35 0.18 -23.87
N VAL C 281 41.88 0.55 -22.67
CA VAL C 281 41.54 1.93 -22.37
C VAL C 281 42.00 2.29 -20.97
N ASP C 282 42.03 3.59 -20.71
CA ASP C 282 42.34 4.10 -19.40
C ASP C 282 41.14 4.11 -18.50
N VAL C 283 39.98 4.39 -19.10
CA VAL C 283 38.73 4.44 -18.34
C VAL C 283 37.62 3.68 -19.12
N VAL C 284 36.87 2.83 -18.42
CA VAL C 284 35.68 2.25 -19.03
C VAL C 284 34.43 2.77 -18.34
N MET C 285 33.64 3.58 -19.06
CA MET C 285 32.37 4.13 -18.51
C MET C 285 31.09 3.42 -18.94
N MET C 286 30.45 2.74 -18.00
CA MET C 286 29.18 2.09 -18.27
C MET C 286 28.04 3.08 -18.31
N ALA C 287 27.42 3.20 -19.46
CA ALA C 287 26.28 4.07 -19.62
C ALA C 287 25.17 3.21 -20.19
N ILE C 288 24.93 2.04 -19.58
CA ILE C 288 24.00 1.12 -20.19
C ILE C 288 22.58 1.26 -19.70
N GLY C 289 22.29 2.27 -18.89
CA GLY C 289 20.93 2.52 -18.48
C GLY C 289 20.92 2.99 -17.06
N ARG C 290 19.74 3.40 -16.60
CA ARG C 290 19.54 3.82 -15.20
C ARG C 290 18.31 3.15 -14.65
N ILE C 291 18.44 2.49 -13.50
CA ILE C 291 17.31 1.80 -12.92
C ILE C 291 16.80 2.52 -11.67
N PRO C 292 15.48 2.37 -11.37
CA PRO C 292 14.86 3.05 -10.24
C PRO C 292 15.50 2.70 -8.91
N ARG C 293 15.57 3.68 -8.00
CA ARG C 293 16.26 3.51 -6.73
C ARG C 293 15.35 3.05 -5.60
N THR C 294 15.07 1.75 -5.59
CA THR C 294 14.05 1.22 -4.72
C THR C 294 14.67 0.43 -3.61
N ASN C 295 15.87 -0.04 -3.90
CA ASN C 295 16.52 -1.01 -3.00
CA ASN C 295 16.62 -0.97 -3.04
C ASN C 295 16.68 -0.62 -1.53
N ASP C 296 16.91 0.68 -1.23
CA ASP C 296 17.13 1.17 0.14
C ASP C 296 15.87 1.59 0.93
N LEU C 297 14.74 1.71 0.25
CA LEU C 297 13.54 2.20 0.89
C LEU C 297 12.77 1.21 1.79
N GLN C 298 13.12 -0.07 1.73
CA GLN C 298 12.43 -1.15 2.50
C GLN C 298 10.92 -1.11 2.26
N LEU C 299 10.55 -1.05 0.99
CA LEU C 299 9.17 -1.06 0.58
C LEU C 299 8.42 -2.34 1.02
N GLY C 300 9.16 -3.44 1.13
CA GLY C 300 8.69 -4.67 1.72
C GLY C 300 7.98 -4.48 3.05
N ASN C 301 8.48 -3.61 3.93
CA ASN C 301 7.76 -3.28 5.19
C ASN C 301 6.30 -2.82 5.08
N VAL C 302 5.92 -2.22 3.96
CA VAL C 302 4.53 -1.75 3.81
C VAL C 302 3.78 -2.30 2.59
N GLY C 303 4.47 -3.06 1.74
CA GLY C 303 3.81 -3.80 0.67
C GLY C 303 3.61 -2.96 -0.56
N VAL C 304 4.55 -2.03 -0.80
CA VAL C 304 4.42 -1.16 -1.97
C VAL C 304 4.79 -1.98 -3.18
N LYS C 305 3.90 -1.99 -4.16
CA LYS C 305 4.04 -2.85 -5.31
C LYS C 305 5.00 -2.26 -6.32
N LEU C 306 5.86 -3.10 -6.85
CA LEU C 306 6.74 -2.74 -7.98
C LEU C 306 6.19 -3.24 -9.32
N THR C 307 6.50 -2.53 -10.40
CA THR C 307 6.29 -3.05 -11.76
C THR C 307 7.27 -4.20 -12.09
N PRO C 308 7.02 -4.90 -13.21
CA PRO C 308 7.95 -5.98 -13.56
C PRO C 308 9.34 -5.46 -13.92
N LYS C 309 9.43 -4.22 -14.44
CA LYS C 309 10.72 -3.53 -14.71
C LYS C 309 11.47 -2.98 -13.46
N GLY C 310 10.84 -2.98 -12.29
CA GLY C 310 11.53 -2.58 -11.05
C GLY C 310 11.16 -1.19 -10.57
N GLY C 311 10.22 -0.55 -11.25
CA GLY C 311 9.73 0.74 -10.81
C GLY C 311 8.75 0.61 -9.66
N VAL C 312 8.51 1.70 -8.94
CA VAL C 312 7.34 1.71 -8.09
C VAL C 312 6.12 1.85 -8.99
N GLN C 313 5.15 0.95 -8.82
CA GLN C 313 3.96 0.98 -9.65
C GLN C 313 3.10 2.12 -9.21
N VAL C 314 2.64 2.92 -10.15
CA VAL C 314 1.73 4.02 -9.79
C VAL C 314 0.58 4.12 -10.77
N ASP C 315 -0.57 4.63 -10.35
CA ASP C 315 -1.65 4.97 -11.29
C ASP C 315 -1.32 6.31 -11.99
N GLU C 316 -2.23 6.88 -12.78
CA GLU C 316 -1.87 8.09 -13.54
C GLU C 316 -1.66 9.33 -12.66
N PHE C 317 -2.20 9.28 -11.44
CA PHE C 317 -2.02 10.34 -10.43
C PHE C 317 -0.82 10.10 -9.49
N SER C 318 -0.02 9.09 -9.80
CA SER C 318 1.22 8.81 -9.07
C SER C 318 0.99 8.19 -7.68
N ARG C 319 -0.23 7.68 -7.47
CA ARG C 319 -0.57 6.97 -6.24
C ARG C 319 -0.08 5.53 -6.27
N THR C 320 0.67 5.07 -5.28
CA THR C 320 0.99 3.63 -5.17
C THR C 320 -0.21 2.81 -4.64
N ASN C 321 -0.02 1.51 -4.48
CA ASN C 321 -1.14 0.69 -4.02
C ASN C 321 -1.55 0.89 -2.54
N VAL C 322 -0.77 1.66 -1.78
CA VAL C 322 -0.96 1.88 -0.35
C VAL C 322 -1.44 3.31 -0.19
N PRO C 323 -2.57 3.50 0.51
CA PRO C 323 -3.05 4.88 0.66
C PRO C 323 -1.96 5.75 1.30
N ASN C 324 -1.81 6.98 0.82
CA ASN C 324 -0.95 7.99 1.43
C ASN C 324 0.54 7.80 1.17
N ILE C 325 0.81 6.88 0.26
CA ILE C 325 2.16 6.73 -0.27
C ILE C 325 2.04 7.00 -1.77
N TYR C 326 2.92 7.87 -2.28
CA TYR C 326 2.99 8.17 -3.69
C TYR C 326 4.43 8.09 -4.17
N ALA C 327 4.61 8.03 -5.49
CA ALA C 327 5.93 8.00 -6.03
C ALA C 327 5.98 8.86 -7.28
N ILE C 328 7.05 9.62 -7.48
CA ILE C 328 7.21 10.43 -8.71
C ILE C 328 8.69 10.41 -9.20
N GLY C 329 8.91 10.97 -10.42
CA GLY C 329 10.24 10.97 -11.00
C GLY C 329 10.73 9.57 -11.41
N ASP C 330 12.05 9.42 -11.55
CA ASP C 330 12.68 8.25 -12.20
C ASP C 330 12.28 6.95 -11.51
N ILE C 331 12.00 7.01 -10.20
CA ILE C 331 11.60 5.85 -9.41
C ILE C 331 10.40 5.15 -10.00
N THR C 332 9.53 5.88 -10.69
CA THR C 332 8.39 5.32 -11.37
C THR C 332 8.73 4.80 -12.80
N ASP C 333 9.86 5.26 -13.34
CA ASP C 333 10.32 4.77 -14.65
C ASP C 333 9.34 5.08 -15.79
N ARG C 334 8.61 6.19 -15.72
CA ARG C 334 7.79 6.58 -16.87
C ARG C 334 8.65 7.32 -17.91
N LEU C 335 8.92 8.59 -17.66
CA LEU C 335 9.88 9.32 -18.46
C LEU C 335 10.96 9.89 -17.57
N MET C 336 12.21 9.45 -17.80
CA MET C 336 13.29 9.90 -16.97
C MET C 336 13.93 11.20 -17.46
N LEU C 337 13.23 12.31 -17.23
CA LEU C 337 13.73 13.67 -17.49
C LEU C 337 13.42 14.62 -16.35
N THR C 338 14.27 15.61 -16.14
CA THR C 338 14.11 16.51 -15.04
C THR C 338 12.80 17.27 -15.08
N PRO C 339 12.46 17.90 -16.23
CA PRO C 339 11.13 18.60 -16.11
C PRO C 339 9.93 17.65 -15.93
N VAL C 340 10.12 16.38 -16.17
CA VAL C 340 9.04 15.45 -15.96
C VAL C 340 8.85 15.14 -14.46
N ALA C 341 9.94 15.10 -13.72
CA ALA C 341 9.88 14.77 -12.31
C ALA C 341 9.24 15.97 -11.59
N ILE C 342 9.65 17.16 -12.02
CA ILE C 342 9.08 18.44 -11.55
C ILE C 342 7.60 18.46 -11.78
N ASN C 343 7.17 18.30 -13.04
CA ASN C 343 5.74 18.28 -13.38
C ASN C 343 4.97 17.22 -12.55
N GLU C 344 5.59 16.05 -12.34
CA GLU C 344 4.96 14.99 -11.55
C GLU C 344 4.84 15.35 -10.09
N GLY C 345 5.88 15.97 -9.53
CA GLY C 345 5.82 16.42 -8.15
C GLY C 345 4.71 17.44 -7.91
N ALA C 346 4.65 18.45 -8.78
CA ALA C 346 3.70 19.56 -8.65
C ALA C 346 2.27 19.03 -8.78
N ALA C 347 2.04 18.22 -9.81
CA ALA C 347 0.76 17.59 -10.04
C ALA C 347 0.37 16.67 -8.90
N LEU C 348 1.32 15.95 -8.33
CA LEU C 348 0.93 15.08 -7.22
C LEU C 348 0.51 15.94 -6.04
N VAL C 349 1.21 17.05 -5.80
CA VAL C 349 0.91 17.86 -4.63
C VAL C 349 -0.42 18.57 -4.81
N ASP C 350 -0.69 19.04 -6.03
CA ASP C 350 -2.03 19.57 -6.32
C ASP C 350 -3.06 18.48 -6.06
N THR C 351 -2.80 17.24 -6.45
CA THR C 351 -3.81 16.20 -6.25
C THR C 351 -4.09 15.93 -4.75
N VAL C 352 -3.04 15.83 -3.97
CA VAL C 352 -3.17 15.46 -2.59
C VAL C 352 -3.62 16.62 -1.63
N PHE C 353 -3.14 17.85 -1.90
CA PHE C 353 -3.33 18.98 -0.97
C PHE C 353 -4.05 20.12 -1.63
N GLY C 354 -3.89 20.20 -2.95
CA GLY C 354 -4.58 21.18 -3.75
C GLY C 354 -6.00 20.69 -3.82
N ASN C 355 -6.82 21.42 -4.52
CA ASN C 355 -8.20 21.07 -4.44
C ASN C 355 -8.56 20.67 -5.83
N LYS C 356 -7.60 19.94 -6.42
CA LYS C 356 -7.30 19.96 -7.87
C LYS C 356 -6.64 18.67 -8.39
N PRO C 357 -7.39 17.55 -8.48
CA PRO C 357 -6.80 16.34 -9.09
C PRO C 357 -6.18 16.67 -10.45
N ARG C 358 -5.01 16.11 -10.75
CA ARG C 358 -4.26 16.52 -11.91
C ARG C 358 -3.20 15.46 -12.21
N LYS C 359 -3.01 15.15 -13.49
CA LYS C 359 -2.04 14.12 -13.85
C LYS C 359 -1.03 14.63 -14.85
N THR C 360 0.15 14.04 -14.86
CA THR C 360 1.16 14.42 -15.82
C THR C 360 0.92 13.79 -17.20
N ASP C 361 0.98 14.59 -18.26
CA ASP C 361 0.88 14.06 -19.65
C ASP C 361 2.28 13.75 -20.17
N HIS C 362 2.55 12.46 -20.42
CA HIS C 362 3.87 12.00 -20.83
C HIS C 362 4.00 11.84 -22.36
N THR C 363 2.96 12.14 -23.11
CA THR C 363 3.09 12.12 -24.54
C THR C 363 3.58 13.52 -24.90
N ARG C 364 4.25 13.64 -26.04
CA ARG C 364 4.49 14.97 -26.61
C ARG C 364 5.40 15.84 -25.75
N VAL C 365 6.28 15.16 -25.01
CA VAL C 365 7.31 15.84 -24.21
C VAL C 365 8.53 16.15 -25.03
N ALA C 366 8.82 17.42 -25.16
CA ALA C 366 9.99 17.85 -25.89
C ALA C 366 11.22 17.57 -25.04
N SER C 367 12.27 17.05 -25.67
CA SER C 367 13.51 16.79 -24.96
C SER C 367 14.69 16.96 -25.91
N ALA C 368 15.90 16.94 -25.34
CA ALA C 368 17.13 17.22 -26.07
C ALA C 368 18.14 16.17 -25.73
N VAL C 369 19.10 15.99 -26.61
CA VAL C 369 20.31 15.28 -26.25
C VAL C 369 21.47 16.17 -26.64
N PHE C 370 22.23 16.52 -25.62
CA PHE C 370 23.29 17.48 -25.75
C PHE C 370 24.56 16.83 -26.23
N SER C 371 24.43 16.13 -27.35
CA SER C 371 25.56 15.64 -28.13
C SER C 371 26.11 16.80 -28.97
N ILE C 372 27.27 16.58 -29.60
CA ILE C 372 27.86 17.56 -30.51
C ILE C 372 27.86 16.91 -31.90
N PRO C 373 26.91 17.32 -32.78
CA PRO C 373 25.91 18.36 -32.56
C PRO C 373 24.74 17.77 -31.75
N PRO C 374 23.86 18.64 -31.23
CA PRO C 374 22.72 18.26 -30.39
C PRO C 374 21.44 17.88 -31.14
N ILE C 375 20.56 17.12 -30.47
CA ILE C 375 19.29 16.71 -31.04
C ILE C 375 18.21 17.40 -30.25
N GLY C 376 17.11 17.72 -30.91
CA GLY C 376 15.94 18.24 -30.23
C GLY C 376 14.71 17.54 -30.79
N THR C 377 13.98 16.86 -29.92
CA THR C 377 12.82 16.12 -30.39
C THR C 377 11.59 16.35 -29.51
N CYS C 378 10.41 16.22 -30.12
CA CYS C 378 9.15 16.18 -29.43
C CYS C 378 8.15 15.33 -30.25
N GLY C 379 7.63 14.28 -29.62
CA GLY C 379 6.55 13.51 -30.18
C GLY C 379 7.05 12.26 -30.85
N LEU C 380 6.28 11.76 -31.82
CA LEU C 380 6.45 10.41 -32.38
C LEU C 380 7.42 10.28 -33.51
N ILE C 381 8.17 9.19 -33.52
CA ILE C 381 9.03 8.91 -34.66
C ILE C 381 8.15 8.20 -35.68
N GLU C 382 8.45 8.45 -36.96
CA GLU C 382 7.63 7.93 -38.07
C GLU C 382 7.34 6.43 -37.94
N GLU C 383 8.30 5.59 -37.54
CA GLU C 383 7.95 4.16 -37.49
C GLU C 383 6.83 3.85 -36.46
N VAL C 384 6.78 4.62 -35.38
CA VAL C 384 5.72 4.50 -34.40
C VAL C 384 4.39 5.17 -34.90
N ALA C 385 4.49 6.28 -35.62
CA ALA C 385 3.32 6.95 -36.15
C ALA C 385 2.57 6.04 -37.13
N ALA C 386 3.34 5.39 -38.01
CA ALA C 386 2.79 4.54 -39.02
C ALA C 386 2.09 3.28 -38.50
N LYS C 387 2.36 2.83 -37.27
CA LYS C 387 1.53 1.76 -36.69
C LYS C 387 0.17 2.27 -36.23
N GLU C 388 0.10 3.51 -35.76
CA GLU C 388 -1.18 3.99 -35.25
C GLU C 388 -2.00 4.74 -36.25
N PHE C 389 -1.51 4.90 -37.48
CA PHE C 389 -2.22 5.77 -38.42
C PHE C 389 -2.19 5.24 -39.82
N GLU C 390 -3.34 5.30 -40.47
CA GLU C 390 -3.45 4.66 -41.76
C GLU C 390 -2.53 5.40 -42.72
N LYS C 391 -2.41 6.73 -42.57
CA LYS C 391 -1.57 7.54 -43.42
C LYS C 391 -0.74 8.50 -42.61
N VAL C 392 0.57 8.37 -42.77
CA VAL C 392 1.57 9.23 -42.14
C VAL C 392 2.32 10.00 -43.23
N ALA C 393 2.52 11.31 -43.06
CA ALA C 393 3.42 12.04 -43.99
C ALA C 393 4.72 12.42 -43.28
N VAL C 394 5.84 12.35 -44.00
CA VAL C 394 7.12 12.88 -43.53
C VAL C 394 7.61 14.08 -44.40
N TYR C 395 7.96 15.18 -43.76
CA TYR C 395 8.49 16.40 -44.41
C TYR C 395 9.94 16.48 -43.99
N MET C 396 10.87 16.43 -44.90
CA MET C 396 12.25 16.35 -44.47
C MET C 396 13.08 17.40 -45.15
N SER C 397 13.89 18.07 -44.34
CA SER C 397 14.85 19.05 -44.82
C SER C 397 16.17 18.66 -44.16
N SER C 398 17.21 18.52 -44.95
CA SER C 398 18.49 18.09 -44.37
C SER C 398 19.59 18.67 -45.22
N PHE C 399 20.46 19.48 -44.64
CA PHE C 399 21.57 20.03 -45.42
C PHE C 399 22.50 20.84 -44.54
N THR C 400 23.73 21.00 -45.01
CA THR C 400 24.72 21.78 -44.30
C THR C 400 24.45 23.27 -44.45
N PRO C 401 24.33 23.99 -43.30
CA PRO C 401 24.12 25.44 -43.29
C PRO C 401 25.30 26.14 -43.89
N LEU C 402 25.06 27.36 -44.35
CA LEU C 402 26.05 28.14 -45.05
C LEU C 402 27.23 28.42 -44.14
N MET C 403 26.97 28.87 -42.91
CA MET C 403 28.09 29.17 -42.01
C MET C 403 29.14 28.03 -41.94
N HIS C 404 28.74 26.82 -42.32
CA HIS C 404 29.64 25.68 -42.25
C HIS C 404 30.40 25.36 -43.53
N ASN C 405 30.02 26.00 -44.63
CA ASN C 405 30.89 26.14 -45.80
C ASN C 405 31.86 27.31 -45.68
N ILE C 406 32.07 27.84 -44.48
CA ILE C 406 33.08 28.86 -44.24
C ILE C 406 33.90 28.39 -43.05
N SER C 407 33.20 27.76 -42.12
CA SER C 407 33.78 27.31 -40.86
C SER C 407 34.68 26.13 -41.11
N GLY C 408 34.40 25.39 -42.18
CA GLY C 408 35.12 24.17 -42.51
C GLY C 408 34.45 22.89 -42.02
N SER C 409 33.47 23.00 -41.13
CA SER C 409 32.73 21.80 -40.68
C SER C 409 31.62 21.34 -41.65
N LYS C 410 32.04 20.85 -42.83
CA LYS C 410 31.11 20.56 -43.94
C LYS C 410 30.14 19.46 -43.59
N TYR C 411 30.58 18.55 -42.72
CA TYR C 411 29.77 17.43 -42.24
C TYR C 411 28.59 17.82 -41.34
N LYS C 412 28.59 19.05 -40.81
CA LYS C 412 27.51 19.42 -39.87
C LYS C 412 26.18 19.69 -40.55
N LYS C 413 25.57 18.65 -41.13
CA LYS C 413 24.25 18.76 -41.73
C LYS C 413 23.22 19.07 -40.66
N PHE C 414 22.45 20.13 -40.84
CA PHE C 414 21.27 20.34 -40.01
C PHE C 414 20.11 19.54 -40.58
N VAL C 415 19.57 18.61 -39.80
CA VAL C 415 18.36 17.88 -40.18
C VAL C 415 17.08 18.42 -39.55
N ALA C 416 16.03 18.63 -40.34
CA ALA C 416 14.71 18.95 -39.74
C ALA C 416 13.63 18.10 -40.36
N LYS C 417 12.85 17.42 -39.49
CA LYS C 417 11.81 16.48 -39.87
C LYS C 417 10.48 16.69 -39.13
N ILE C 418 9.37 16.74 -39.91
CA ILE C 418 8.03 16.88 -39.37
C ILE C 418 7.23 15.63 -39.73
N VAL C 419 6.64 14.96 -38.75
CA VAL C 419 5.83 13.76 -39.00
C VAL C 419 4.33 14.04 -38.82
N THR C 420 3.51 13.92 -39.87
CA THR C 420 2.06 14.24 -39.71
C THR C 420 1.11 13.04 -39.82
N ASN C 421 -0.09 13.22 -39.31
CA ASN C 421 -1.20 12.37 -39.65
C ASN C 421 -1.72 12.93 -40.94
N HIS C 422 -1.44 12.26 -42.07
CA HIS C 422 -1.76 12.83 -43.40
C HIS C 422 -3.28 13.00 -43.68
N SER C 423 -4.11 12.23 -43.00
CA SER C 423 -5.56 12.44 -43.08
C SER C 423 -6.02 13.84 -42.67
N ASP C 424 -5.37 14.49 -41.70
CA ASP C 424 -5.84 15.82 -41.33
C ASP C 424 -4.79 16.91 -41.22
N GLY C 425 -3.51 16.52 -41.26
CA GLY C 425 -2.39 17.46 -41.15
C GLY C 425 -1.78 17.59 -39.75
N THR C 426 -2.45 17.00 -38.75
CA THR C 426 -1.98 17.14 -37.37
C THR C 426 -0.55 16.66 -37.31
N VAL C 427 0.31 17.46 -36.70
CA VAL C 427 1.72 17.13 -36.52
C VAL C 427 1.88 16.21 -35.34
N LEU C 428 2.50 15.05 -35.60
CA LEU C 428 2.67 14.04 -34.58
C LEU C 428 4.00 14.13 -33.86
N GLY C 429 5.00 14.68 -34.54
CA GLY C 429 6.42 14.49 -34.16
C GLY C 429 7.28 15.47 -34.92
N VAL C 430 8.23 16.11 -34.23
CA VAL C 430 9.24 16.95 -34.82
C VAL C 430 10.62 16.48 -34.31
N HIS C 431 11.58 16.36 -35.23
CA HIS C 431 12.87 15.82 -34.85
C HIS C 431 13.91 16.66 -35.51
N LEU C 432 14.86 17.13 -34.71
CA LEU C 432 15.88 18.09 -35.16
C LEU C 432 17.27 17.66 -34.74
N LEU C 433 18.24 17.99 -35.58
CA LEU C 433 19.64 17.74 -35.32
C LEU C 433 20.41 18.99 -35.77
N GLY C 434 21.25 19.53 -34.87
CA GLY C 434 22.09 20.69 -35.16
C GLY C 434 22.10 21.73 -34.05
N ASP C 435 23.14 22.56 -34.03
CA ASP C 435 23.31 23.63 -33.07
C ASP C 435 21.99 24.37 -33.00
N GLY C 436 21.53 24.60 -31.78
CA GLY C 436 20.26 25.28 -31.52
C GLY C 436 19.05 24.34 -31.50
N ALA C 437 19.25 23.09 -31.91
CA ALA C 437 18.13 22.14 -31.88
C ALA C 437 17.33 22.10 -30.54
N PRO C 438 18.02 22.02 -29.39
CA PRO C 438 17.33 22.03 -28.06
C PRO C 438 16.49 23.25 -27.82
N GLU C 439 16.92 24.34 -28.41
CA GLU C 439 16.27 25.63 -28.16
C GLU C 439 15.06 25.81 -29.04
N ILE C 440 15.21 25.46 -30.29
CA ILE C 440 14.14 25.50 -31.25
C ILE C 440 12.96 24.68 -30.78
N ILE C 441 13.23 23.48 -30.29
CA ILE C 441 12.20 22.50 -30.04
C ILE C 441 11.24 22.88 -28.94
N GLN C 442 11.67 23.73 -28.00
CA GLN C 442 10.84 24.11 -26.86
C GLN C 442 9.46 24.63 -27.28
N ALA C 443 9.44 25.67 -28.10
CA ALA C 443 8.14 26.19 -28.49
C ALA C 443 7.37 25.16 -29.34
N VAL C 444 8.07 24.21 -29.96
CA VAL C 444 7.41 23.16 -30.74
C VAL C 444 6.57 22.28 -29.84
N GLY C 445 7.11 22.01 -28.65
CA GLY C 445 6.34 21.37 -27.61
C GLY C 445 5.00 22.04 -27.44
N VAL C 446 4.98 23.38 -27.46
CA VAL C 446 3.69 24.09 -27.30
C VAL C 446 2.81 23.94 -28.53
N CYS C 447 3.42 24.00 -29.70
CA CYS C 447 2.70 23.75 -30.96
C CYS C 447 1.91 22.44 -30.91
N LEU C 448 2.61 21.40 -30.48
CA LEU C 448 2.02 20.09 -30.43
C LEU C 448 0.87 20.04 -29.44
N ARG C 449 1.12 20.50 -28.23
CA ARG C 449 0.07 20.64 -27.25
C ARG C 449 -1.17 21.34 -27.87
N LEU C 450 -0.97 22.25 -28.82
CA LEU C 450 -2.06 23.02 -29.36
C LEU C 450 -2.69 22.39 -30.62
N ASN C 451 -2.23 21.20 -31.01
CA ASN C 451 -2.75 20.47 -32.19
C ASN C 451 -2.38 21.13 -33.50
N ALA C 452 -1.18 21.71 -33.53
CA ALA C 452 -0.60 22.24 -34.76
C ALA C 452 -0.74 21.24 -35.89
N LYS C 453 -1.12 21.80 -37.03
CA LYS C 453 -1.20 21.05 -38.27
C LYS C 453 -0.03 21.50 -39.14
N ILE C 454 0.38 20.68 -40.10
CA ILE C 454 1.53 21.05 -40.93
C ILE C 454 1.29 22.44 -41.54
N SER C 455 0.05 22.70 -41.90
CA SER C 455 -0.33 23.96 -42.50
C SER C 455 -0.06 25.16 -41.58
N ASP C 456 -0.16 24.97 -40.26
CA ASP C 456 0.05 26.09 -39.34
C ASP C 456 1.53 26.45 -39.39
N PHE C 457 2.35 25.41 -39.35
CA PHE C 457 3.77 25.57 -39.54
C PHE C 457 4.11 26.26 -40.85
N TYR C 458 3.46 25.79 -41.93
CA TYR C 458 3.76 26.28 -43.26
C TYR C 458 3.32 27.75 -43.43
N ASN C 459 2.13 28.06 -42.92
CA ASN C 459 1.59 29.41 -42.95
C ASN C 459 2.40 30.43 -42.17
N THR C 460 3.00 29.98 -41.06
CA THR C 460 3.91 30.82 -40.28
C THR C 460 5.10 31.33 -41.11
N ILE C 461 5.41 32.61 -40.97
CA ILE C 461 6.47 33.21 -41.72
C ILE C 461 7.85 32.98 -41.07
N GLY C 462 8.78 32.49 -41.91
CA GLY C 462 10.14 32.17 -41.45
C GLY C 462 10.93 33.32 -40.85
N VAL C 463 11.70 33.04 -39.82
CA VAL C 463 12.68 34.02 -39.30
C VAL C 463 13.96 33.73 -40.09
N HIS C 464 14.52 34.77 -40.75
CA HIS C 464 15.62 34.58 -41.67
C HIS C 464 16.85 35.38 -41.30
N PRO C 465 18.05 34.76 -41.39
CA PRO C 465 18.36 33.35 -41.66
C PRO C 465 18.49 32.56 -40.36
N THR C 466 17.86 31.41 -40.29
CA THR C 466 17.96 30.54 -39.11
C THR C 466 17.80 29.10 -39.52
N SER C 467 18.32 28.18 -38.69
CA SER C 467 17.98 26.78 -38.86
C SER C 467 16.48 26.57 -38.69
N ALA C 468 15.88 27.23 -37.69
CA ALA C 468 14.46 27.04 -37.32
C ALA C 468 13.42 27.16 -38.44
N GLU C 469 13.60 28.16 -39.32
CA GLU C 469 12.62 28.47 -40.36
C GLU C 469 12.52 27.28 -41.32
N GLU C 470 13.52 26.42 -41.33
CA GLU C 470 13.43 25.23 -42.14
C GLU C 470 12.06 24.56 -41.88
N LEU C 471 11.56 24.64 -40.62
CA LEU C 471 10.27 24.05 -40.20
C LEU C 471 9.00 24.75 -40.72
N CYS C 472 9.19 25.91 -41.36
CA CYS C 472 8.09 26.71 -41.85
C CYS C 472 8.24 26.92 -43.36
N SER C 473 9.07 26.10 -44.00
CA SER C 473 9.23 26.14 -45.48
C SER C 473 8.81 24.83 -46.19
N MET C 474 8.31 23.87 -45.43
CA MET C 474 7.99 22.58 -45.98
C MET C 474 6.48 22.41 -46.11
N ARG C 475 6.04 22.09 -47.33
CA ARG C 475 4.63 22.00 -47.71
C ARG C 475 4.38 20.67 -48.37
N THR C 476 5.44 20.13 -48.96
CA THR C 476 5.34 18.91 -49.72
C THR C 476 6.09 17.82 -49.00
N PRO C 477 5.37 16.77 -48.64
CA PRO C 477 5.95 15.61 -48.00
C PRO C 477 7.10 15.04 -48.83
N SER C 478 8.21 14.66 -48.17
CA SER C 478 9.27 13.92 -48.83
C SER C 478 8.80 12.49 -49.12
N TYR C 479 7.94 11.95 -48.25
CA TYR C 479 7.39 10.59 -48.42
C TYR C 479 6.34 10.26 -47.38
N TYR C 480 5.72 9.08 -47.49
CA TYR C 480 4.60 8.70 -46.63
C TYR C 480 4.75 7.32 -46.09
N TYR C 481 3.85 6.97 -45.19
CA TYR C 481 3.63 5.57 -44.88
C TYR C 481 2.12 5.37 -45.03
N VAL C 482 1.73 4.34 -45.78
CA VAL C 482 0.32 4.01 -46.03
C VAL C 482 0.17 2.60 -45.53
N LYS C 483 -0.64 2.44 -44.48
CA LYS C 483 -0.77 1.17 -43.76
C LYS C 483 0.56 0.47 -43.48
N GLY C 484 1.50 1.20 -42.87
CA GLY C 484 2.80 0.62 -42.49
C GLY C 484 3.86 0.59 -43.60
N GLU C 485 3.43 0.67 -44.86
CA GLU C 485 4.38 0.66 -45.97
C GLU C 485 4.86 2.07 -46.28
N LYS C 486 6.18 2.25 -46.20
CA LYS C 486 6.85 3.45 -46.66
C LYS C 486 6.73 3.58 -48.21
N MET C 487 6.53 4.78 -48.72
CA MET C 487 6.53 5.01 -50.18
C MET C 487 6.69 6.50 -50.48
N GLU C 488 7.39 6.81 -51.57
CA GLU C 488 7.62 8.22 -51.94
C GLU C 488 6.35 8.97 -52.35
N LYS C 489 5.50 8.30 -53.13
CA LYS C 489 4.29 8.92 -53.65
C LYS C 489 3.03 8.17 -53.17
N LEU C 490 1.90 8.91 -53.03
CA LEU C 490 0.61 8.29 -52.70
C LEU C 490 -0.01 7.62 -53.95
N PRO C 491 -0.68 6.45 -53.76
CA PRO C 491 -1.52 5.83 -54.80
C PRO C 491 -2.93 6.46 -54.93
N SER D 5 10.69 42.66 -79.75
CA SER D 5 9.60 42.27 -78.80
C SER D 5 9.35 40.71 -78.61
N LYS D 6 9.36 40.25 -77.35
CA LYS D 6 9.05 38.86 -76.97
C LYS D 6 7.92 38.92 -75.95
N ALA D 7 6.94 38.03 -76.09
CA ALA D 7 5.76 38.03 -75.19
C ALA D 7 5.98 37.10 -74.00
N PHE D 8 5.40 37.46 -72.85
CA PHE D 8 5.58 36.69 -71.64
C PHE D 8 4.30 36.74 -70.86
N ASP D 9 4.03 35.66 -70.14
CA ASP D 9 2.92 35.62 -69.20
C ASP D 9 3.22 36.63 -68.07
N LEU D 10 4.48 36.62 -67.63
CA LEU D 10 4.94 37.38 -66.47
C LEU D 10 6.33 37.96 -66.64
N VAL D 11 6.41 39.26 -66.38
CA VAL D 11 7.68 39.95 -66.30
C VAL D 11 7.84 40.53 -64.89
N VAL D 12 8.94 40.12 -64.23
CA VAL D 12 9.31 40.58 -62.91
C VAL D 12 10.48 41.56 -63.01
N ILE D 13 10.25 42.77 -62.50
CA ILE D 13 11.36 43.69 -62.34
C ILE D 13 11.85 43.53 -60.91
N GLY D 14 13.07 43.04 -60.77
CA GLY D 14 13.68 42.78 -59.49
C GLY D 14 13.84 41.30 -59.19
N ALA D 15 15.08 40.82 -59.29
CA ALA D 15 15.41 39.40 -59.16
C ALA D 15 15.83 39.06 -57.75
N GLY D 16 15.00 39.49 -56.79
CA GLY D 16 15.34 39.42 -55.39
C GLY D 16 14.58 38.29 -54.71
N SER D 17 14.39 38.44 -53.40
CA SER D 17 13.65 37.46 -52.62
C SER D 17 12.21 37.36 -53.08
N GLY D 18 11.55 38.47 -53.29
CA GLY D 18 10.17 38.40 -53.71
C GLY D 18 10.09 37.89 -55.15
N GLY D 19 10.69 38.67 -56.06
CA GLY D 19 10.61 38.40 -57.48
C GLY D 19 10.95 36.99 -57.86
N LEU D 20 12.05 36.49 -57.32
CA LEU D 20 12.49 35.12 -57.62
C LEU D 20 11.50 34.07 -57.16
N GLU D 21 10.92 34.27 -55.99
CA GLU D 21 9.89 33.35 -55.55
C GLU D 21 8.74 33.35 -56.56
N ALA D 22 8.38 34.53 -57.05
CA ALA D 22 7.22 34.68 -57.93
C ALA D 22 7.53 34.20 -59.35
N GLY D 23 8.78 34.39 -59.81
CA GLY D 23 9.18 33.89 -61.13
C GLY D 23 9.24 32.37 -61.14
N TRP D 24 9.92 31.83 -60.13
CA TRP D 24 10.10 30.39 -60.04
C TRP D 24 8.76 29.64 -59.90
N ASN D 25 7.84 30.16 -59.09
CA ASN D 25 6.51 29.55 -58.95
C ASN D 25 5.65 29.62 -60.23
N ALA D 26 5.66 30.77 -60.89
CA ALA D 26 4.87 30.96 -62.10
C ALA D 26 5.38 30.05 -63.24
N ALA D 27 6.69 29.84 -63.28
CA ALA D 27 7.29 28.92 -64.25
C ALA D 27 7.24 27.41 -63.89
N THR D 28 7.52 27.05 -62.64
CA THR D 28 7.59 25.64 -62.29
C THR D 28 6.29 25.10 -61.84
N LEU D 29 5.46 25.91 -61.20
CA LEU D 29 4.19 25.39 -60.65
C LEU D 29 3.04 25.63 -61.61
N TYR D 30 3.12 26.68 -62.44
CA TYR D 30 1.98 26.99 -63.31
C TYR D 30 2.18 26.93 -64.85
N GLY D 31 3.40 26.59 -65.29
CA GLY D 31 3.72 26.46 -66.71
C GLY D 31 3.87 27.76 -67.51
N LYS D 32 4.18 28.87 -66.85
CA LYS D 32 4.14 30.17 -67.52
C LYS D 32 5.50 30.55 -68.02
N ARG D 33 5.48 31.41 -69.03
CA ARG D 33 6.71 31.94 -69.60
C ARG D 33 7.07 33.22 -68.86
N VAL D 34 8.19 33.16 -68.14
CA VAL D 34 8.56 34.20 -67.18
C VAL D 34 9.84 34.93 -67.58
N ALA D 35 9.75 36.25 -67.63
CA ALA D 35 10.93 37.07 -67.79
C ALA D 35 11.23 37.75 -66.43
N VAL D 36 12.50 37.71 -66.00
CA VAL D 36 12.94 38.38 -64.75
C VAL D 36 14.09 39.31 -65.14
N VAL D 37 14.05 40.56 -64.67
CA VAL D 37 15.10 41.55 -64.94
C VAL D 37 15.84 41.97 -63.66
N ASP D 38 17.17 42.07 -63.75
CA ASP D 38 18.01 42.64 -62.68
C ASP D 38 19.28 43.29 -63.28
N VAL D 39 19.92 44.17 -62.48
CA VAL D 39 20.95 45.09 -62.96
C VAL D 39 22.38 44.56 -62.96
N GLN D 40 22.57 43.38 -62.41
CA GLN D 40 23.89 42.82 -62.17
C GLN D 40 23.70 41.32 -61.90
N THR D 41 24.70 40.52 -62.26
CA THR D 41 24.57 39.09 -62.10
C THR D 41 25.27 38.55 -60.84
N SER D 42 26.16 39.33 -60.24
CA SER D 42 26.76 38.89 -58.98
C SER D 42 26.97 40.07 -58.06
N HIS D 43 27.31 39.80 -56.81
CA HIS D 43 27.28 40.79 -55.74
C HIS D 43 28.28 41.90 -55.93
N GLY D 44 27.89 43.11 -55.50
CA GLY D 44 28.86 44.13 -55.08
C GLY D 44 28.86 45.36 -55.93
N PRO D 45 29.84 46.27 -55.73
CA PRO D 45 29.84 47.54 -56.47
C PRO D 45 29.82 47.22 -57.96
N PRO D 46 29.17 48.08 -58.78
CA PRO D 46 28.56 49.35 -58.43
C PRO D 46 27.09 49.29 -57.97
N PHE D 47 26.37 48.23 -58.29
CA PHE D 47 24.95 48.23 -57.91
C PHE D 47 24.61 47.49 -56.65
N TYR D 48 25.65 46.86 -56.07
CA TYR D 48 25.62 46.12 -54.79
C TYR D 48 24.64 44.93 -54.75
N ALA D 49 23.32 45.21 -54.81
CA ALA D 49 22.33 44.19 -55.01
C ALA D 49 22.44 43.65 -56.43
N ALA D 50 21.92 42.45 -56.65
CA ALA D 50 22.09 41.78 -57.91
C ALA D 50 21.23 40.55 -57.88
N LEU D 51 21.46 39.67 -58.82
CA LEU D 51 20.80 38.37 -58.82
C LEU D 51 20.73 37.66 -57.44
N GLY D 52 19.55 37.61 -56.84
CA GLY D 52 19.37 37.05 -55.50
C GLY D 52 18.84 38.09 -54.52
N GLY D 53 18.94 39.36 -54.88
CA GLY D 53 18.38 40.45 -54.13
C GLY D 53 19.32 40.96 -53.07
N THR D 54 18.79 41.82 -52.23
CA THR D 54 19.54 42.43 -51.18
C THR D 54 20.02 41.35 -50.20
N CYS D 55 19.08 40.52 -49.78
CA CYS D 55 19.31 39.39 -48.89
C CYS D 55 20.57 38.62 -49.18
N VAL D 56 20.68 38.10 -50.40
CA VAL D 56 21.81 37.29 -50.80
C VAL D 56 23.12 38.09 -50.87
N ASN D 57 23.05 39.31 -51.42
CA ASN D 57 24.25 40.08 -51.83
C ASN D 57 24.75 41.12 -50.82
N VAL D 58 23.83 41.84 -50.16
CA VAL D 58 24.19 42.94 -49.25
C VAL D 58 23.13 43.14 -48.13
N GLY D 59 22.74 42.01 -47.51
CA GLY D 59 21.69 41.95 -46.51
C GLY D 59 21.82 40.67 -45.70
N CYS D 60 20.70 40.01 -45.42
CA CYS D 60 20.60 38.94 -44.40
C CYS D 60 21.80 37.99 -44.38
N VAL D 61 22.08 37.42 -45.54
CA VAL D 61 23.05 36.35 -45.65
C VAL D 61 24.46 36.84 -45.34
N PRO D 62 24.95 37.86 -46.07
CA PRO D 62 26.30 38.28 -45.74
C PRO D 62 26.41 38.77 -44.33
N LYS D 63 25.37 39.45 -43.87
CA LYS D 63 25.35 40.00 -42.52
C LYS D 63 25.49 38.88 -41.52
N LYS D 64 24.73 37.79 -41.69
CA LYS D 64 24.66 36.72 -40.70
C LYS D 64 26.04 36.06 -40.62
N LEU D 65 26.66 35.84 -41.78
CA LEU D 65 28.01 35.28 -41.78
C LEU D 65 28.93 36.21 -41.02
N MET D 66 28.84 37.50 -41.31
CA MET D 66 29.67 38.46 -40.62
C MET D 66 29.43 38.53 -39.11
N VAL D 67 28.17 38.52 -38.68
CA VAL D 67 27.85 38.50 -37.24
C VAL D 67 28.32 37.20 -36.55
N THR D 68 28.24 36.10 -37.28
CA THR D 68 28.71 34.82 -36.80
C THR D 68 30.19 34.95 -36.50
N GLY D 69 30.89 35.71 -37.36
CA GLY D 69 32.34 35.84 -37.29
C GLY D 69 32.69 36.69 -36.09
N ALA D 70 31.81 37.63 -35.79
CA ALA D 70 32.10 38.58 -34.73
C ALA D 70 31.85 37.93 -33.37
N GLN D 71 31.00 36.88 -33.37
CA GLN D 71 30.73 36.12 -32.14
C GLN D 71 31.99 35.48 -31.56
N TYR D 72 32.87 34.94 -32.41
CA TYR D 72 34.15 34.39 -31.95
C TYR D 72 34.92 35.29 -31.01
N MET D 73 34.84 36.61 -31.16
CA MET D 73 35.44 37.49 -30.17
C MET D 73 35.06 37.04 -28.79
N ASP D 74 33.79 36.77 -28.60
CA ASP D 74 33.21 36.34 -27.30
C ASP D 74 33.58 34.90 -26.98
N HIS D 75 33.42 34.03 -27.96
CA HIS D 75 33.78 32.67 -27.79
C HIS D 75 35.22 32.59 -27.34
N LEU D 76 36.12 33.31 -28.00
CA LEU D 76 37.54 33.13 -27.68
C LEU D 76 37.86 33.44 -26.22
N ARG D 77 37.26 34.51 -25.70
CA ARG D 77 37.43 34.98 -24.32
C ARG D 77 36.72 34.09 -23.28
N GLU D 78 35.51 33.65 -23.58
CA GLU D 78 34.69 32.89 -22.63
C GLU D 78 35.18 31.46 -22.44
N SER D 79 35.90 30.95 -23.44
CA SER D 79 36.49 29.62 -23.38
C SER D 79 37.48 29.42 -22.22
N ALA D 80 38.18 30.50 -21.82
CA ALA D 80 39.10 30.41 -20.68
C ALA D 80 38.38 29.78 -19.46
N GLY D 81 37.14 30.25 -19.19
CA GLY D 81 36.37 29.83 -18.01
C GLY D 81 36.09 28.34 -17.99
N PHE D 82 36.32 27.69 -19.11
CA PHE D 82 35.96 26.28 -19.25
C PHE D 82 37.23 25.52 -19.47
N GLY D 83 38.34 26.19 -19.17
CA GLY D 83 39.67 25.54 -19.09
C GLY D 83 40.48 25.59 -20.37
N TRP D 84 40.04 26.36 -21.35
CA TRP D 84 40.82 26.50 -22.59
C TRP D 84 41.94 27.49 -22.35
N GLU D 85 43.16 27.04 -22.67
CA GLU D 85 44.40 27.79 -22.57
C GLU D 85 45.04 28.02 -23.96
N PHE D 86 45.43 29.27 -24.20
CA PHE D 86 46.15 29.61 -25.43
C PHE D 86 46.69 30.99 -25.29
N ASP D 87 47.50 31.37 -26.28
CA ASP D 87 48.24 32.62 -26.24
C ASP D 87 47.36 33.77 -26.67
N GLY D 88 46.79 34.45 -25.67
CA GLY D 88 45.85 35.55 -25.91
C GLY D 88 46.48 36.77 -26.60
N SER D 89 47.78 36.92 -26.42
CA SER D 89 48.55 37.94 -27.12
C SER D 89 48.56 37.69 -28.64
N SER D 90 48.33 36.45 -29.07
CA SER D 90 48.53 36.10 -30.49
C SER D 90 47.29 36.30 -31.34
N VAL D 91 46.20 36.70 -30.68
CA VAL D 91 44.88 36.81 -31.29
C VAL D 91 44.76 38.03 -32.23
N LYS D 92 44.42 37.78 -33.49
CA LYS D 92 44.03 38.87 -34.33
C LYS D 92 42.72 38.57 -35.08
N ALA D 93 41.94 39.61 -35.30
CA ALA D 93 40.73 39.48 -36.08
C ALA D 93 41.04 40.02 -37.46
N ASN D 94 41.21 39.09 -38.41
CA ASN D 94 41.46 39.37 -39.83
C ASN D 94 40.20 39.66 -40.69
N TRP D 95 39.90 40.96 -40.75
CA TRP D 95 38.83 41.48 -41.56
C TRP D 95 38.88 41.07 -43.05
N LYS D 96 40.07 41.13 -43.64
CA LYS D 96 40.21 40.82 -45.08
C LYS D 96 39.86 39.38 -45.36
N LYS D 97 40.21 38.50 -44.44
CA LYS D 97 39.90 37.06 -44.55
C LYS D 97 38.38 36.87 -44.52
N LEU D 98 37.71 37.58 -43.60
CA LEU D 98 36.25 37.52 -43.45
C LEU D 98 35.52 37.89 -44.74
N ILE D 99 35.89 39.05 -45.27
CA ILE D 99 35.23 39.64 -46.40
C ILE D 99 35.49 38.72 -47.56
N ALA D 100 36.71 38.22 -47.67
CA ALA D 100 37.05 37.31 -48.78
C ALA D 100 36.27 36.00 -48.75
N ALA D 101 36.00 35.48 -47.55
CA ALA D 101 35.14 34.28 -47.38
C ALA D 101 33.63 34.57 -47.53
N LYS D 102 33.16 35.67 -46.97
CA LYS D 102 31.81 36.14 -47.26
C LYS D 102 31.62 36.30 -48.78
N ASN D 103 32.62 36.94 -49.45
CA ASN D 103 32.58 37.22 -50.89
C ASN D 103 32.37 35.99 -51.74
N GLU D 104 33.21 35.01 -51.48
CA GLU D 104 33.15 33.73 -52.17
C GLU D 104 31.91 32.91 -51.90
N ALA D 105 31.26 33.09 -50.75
CA ALA D 105 30.03 32.33 -50.53
C ALA D 105 28.85 32.94 -51.27
N VAL D 106 28.75 34.27 -51.20
CA VAL D 106 27.70 35.01 -51.89
C VAL D 106 27.82 34.77 -53.37
N LEU D 107 29.02 34.88 -53.91
CA LEU D 107 29.25 34.51 -55.32
C LEU D 107 28.77 33.08 -55.64
N ASP D 108 29.01 32.09 -54.75
CA ASP D 108 28.47 30.70 -54.94
C ASP D 108 26.98 30.68 -55.14
N ILE D 109 26.26 31.49 -54.37
CA ILE D 109 24.81 31.63 -54.54
C ILE D 109 24.46 32.32 -55.85
N ASN D 110 25.11 33.47 -56.15
CA ASN D 110 24.91 34.16 -57.44
C ASN D 110 25.06 33.13 -58.56
N LYS D 111 26.13 32.34 -58.53
CA LYS D 111 26.48 31.43 -59.62
C LYS D 111 25.48 30.27 -59.72
N SER D 112 24.77 29.99 -58.64
CA SER D 112 23.83 28.91 -58.66
C SER D 112 22.42 29.43 -58.93
N TYR D 113 22.21 30.73 -58.73
CA TYR D 113 21.00 31.38 -59.25
C TYR D 113 21.07 31.50 -60.76
N GLU D 114 22.28 31.64 -61.28
CA GLU D 114 22.47 31.64 -62.71
C GLU D 114 22.11 30.28 -63.27
N GLY D 115 22.65 29.22 -62.68
CA GLY D 115 22.30 27.85 -63.09
C GLY D 115 20.80 27.58 -63.12
N MET D 116 20.06 28.17 -62.18
CA MET D 116 18.60 28.06 -62.14
C MET D 116 17.95 28.54 -63.44
N PHE D 117 18.32 29.74 -63.88
CA PHE D 117 17.77 30.29 -65.13
C PHE D 117 18.14 29.44 -66.35
N ASN D 118 19.35 28.89 -66.33
CA ASN D 118 19.88 28.11 -67.43
C ASN D 118 19.20 26.74 -67.55
N ASP D 119 18.85 26.14 -66.41
CA ASP D 119 18.24 24.79 -66.37
C ASP D 119 16.71 24.78 -66.45
N THR D 120 16.06 25.94 -66.33
CA THR D 120 14.59 25.95 -66.19
C THR D 120 13.97 26.56 -67.42
N GLU D 121 13.09 25.79 -68.04
CA GLU D 121 12.34 26.30 -69.19
C GLU D 121 11.25 27.27 -68.72
N GLY D 122 11.05 28.35 -69.47
CA GLY D 122 9.96 29.31 -69.15
C GLY D 122 10.37 30.35 -68.12
N LEU D 123 11.66 30.37 -67.82
CA LEU D 123 12.19 31.28 -66.83
C LEU D 123 13.45 31.94 -67.41
N ASP D 124 13.29 33.14 -67.92
CA ASP D 124 14.42 33.80 -68.56
C ASP D 124 14.83 35.07 -67.83
N PHE D 125 16.13 35.21 -67.68
CA PHE D 125 16.70 36.34 -66.98
C PHE D 125 17.25 37.37 -67.93
N PHE D 126 16.96 38.65 -67.73
CA PHE D 126 17.59 39.73 -68.53
C PHE D 126 18.41 40.71 -67.67
N LEU D 127 19.66 40.93 -68.10
CA LEU D 127 20.53 41.93 -67.53
C LEU D 127 20.22 43.34 -68.06
N GLY D 128 19.99 44.27 -67.12
CA GLY D 128 19.82 45.68 -67.39
C GLY D 128 18.83 46.32 -66.44
N TRP D 129 18.35 47.50 -66.83
CA TRP D 129 17.49 48.30 -65.98
C TRP D 129 16.04 48.31 -66.45
N GLY D 130 15.15 47.74 -65.64
CA GLY D 130 13.73 47.70 -65.96
C GLY D 130 12.94 48.97 -65.70
N SER D 131 12.06 49.32 -66.63
CA SER D 131 11.16 50.46 -66.48
C SER D 131 9.82 50.13 -67.13
N LEU D 132 8.81 50.89 -66.72
CA LEU D 132 7.51 50.82 -67.34
C LEU D 132 7.39 51.80 -68.49
N GLU D 133 7.22 51.24 -69.72
CA GLU D 133 6.93 52.00 -70.97
C GLU D 133 5.42 52.20 -71.29
N SER D 134 4.65 51.13 -71.12
CA SER D 134 3.20 51.16 -71.15
C SER D 134 2.68 49.95 -70.37
N LYS D 135 1.38 49.98 -70.10
CA LYS D 135 0.60 48.88 -69.51
C LYS D 135 1.23 47.48 -69.61
N ASN D 136 1.67 47.09 -70.80
CA ASN D 136 2.09 45.70 -71.08
C ASN D 136 3.46 45.62 -71.72
N VAL D 137 4.26 46.65 -71.49
CA VAL D 137 5.59 46.68 -72.02
C VAL D 137 6.65 47.07 -70.96
N VAL D 138 7.61 46.19 -70.76
CA VAL D 138 8.72 46.51 -69.89
C VAL D 138 10.00 46.74 -70.68
N VAL D 139 10.56 47.94 -70.61
CA VAL D 139 11.87 48.23 -71.26
C VAL D 139 13.08 47.94 -70.38
N VAL D 140 14.06 47.24 -70.94
CA VAL D 140 15.36 47.07 -70.27
C VAL D 140 16.44 47.95 -70.94
N ARG D 141 16.97 48.93 -70.20
CA ARG D 141 18.02 49.82 -70.74
C ARG D 141 19.40 49.54 -70.13
N GLU D 142 20.46 49.96 -70.81
CA GLU D 142 21.83 49.87 -70.28
C GLU D 142 21.99 50.40 -68.84
N THR D 143 21.37 51.55 -68.55
CA THR D 143 21.51 52.22 -67.25
C THR D 143 20.18 52.64 -66.68
N ALA D 144 20.24 53.24 -65.49
CA ALA D 144 19.07 53.76 -64.80
C ALA D 144 18.58 55.08 -65.44
N ASP D 145 19.47 55.74 -66.18
CA ASP D 145 19.15 56.92 -66.98
C ASP D 145 18.18 56.44 -68.08
N PRO D 146 16.94 56.95 -68.07
CA PRO D 146 15.93 56.50 -69.05
C PRO D 146 16.26 56.94 -70.51
N LYS D 147 17.13 57.93 -70.67
CA LYS D 147 17.58 58.34 -72.00
C LYS D 147 18.65 57.37 -72.54
N SER D 148 19.03 56.36 -71.74
CA SER D 148 20.06 55.37 -72.12
C SER D 148 19.57 54.38 -73.17
N ALA D 149 20.51 53.66 -73.78
CA ALA D 149 20.22 52.73 -74.87
C ALA D 149 19.38 51.52 -74.42
N VAL D 150 18.49 51.07 -75.30
CA VAL D 150 17.58 49.97 -75.03
C VAL D 150 18.21 48.62 -75.38
N LYS D 151 18.11 47.68 -74.46
CA LYS D 151 18.66 46.35 -74.67
C LYS D 151 17.57 45.41 -75.13
N GLU D 152 16.41 45.53 -74.50
CA GLU D 152 15.27 44.64 -74.72
C GLU D 152 13.95 45.41 -74.52
N ARG D 153 12.86 44.80 -75.00
CA ARG D 153 11.51 45.32 -74.83
C ARG D 153 10.69 44.07 -74.72
N LEU D 154 10.07 43.90 -73.55
CA LEU D 154 9.32 42.70 -73.21
C LEU D 154 7.87 43.06 -72.93
N GLN D 155 6.96 42.31 -73.55
CA GLN D 155 5.55 42.52 -73.37
C GLN D 155 5.07 41.46 -72.42
N ALA D 156 4.02 41.77 -71.66
CA ALA D 156 3.54 40.89 -70.62
C ALA D 156 2.06 41.08 -70.40
N ASP D 157 1.34 40.02 -70.07
CA ASP D 157 -0.04 40.17 -69.56
C ASP D 157 0.02 40.77 -68.18
N HIS D 158 1.08 40.39 -67.46
CA HIS D 158 1.20 40.66 -66.04
C HIS D 158 2.62 41.09 -65.72
N ILE D 159 2.71 42.18 -64.96
CA ILE D 159 3.98 42.85 -64.66
C ILE D 159 4.15 42.94 -63.17
N LEU D 160 5.22 42.39 -62.65
CA LEU D 160 5.47 42.45 -61.21
C LEU D 160 6.67 43.33 -60.83
N LEU D 161 6.43 44.25 -59.89
CA LEU D 161 7.46 45.18 -59.46
C LEU D 161 8.06 44.65 -58.16
N ALA D 162 9.37 44.37 -58.15
CA ALA D 162 10.03 43.86 -56.93
C ALA D 162 11.47 44.35 -56.81
N THR D 163 11.60 45.67 -56.93
CA THR D 163 12.89 46.32 -56.93
C THR D 163 13.35 46.65 -55.53
N GLY D 164 12.70 46.10 -54.48
CA GLY D 164 13.11 46.32 -53.09
C GLY D 164 13.25 47.76 -52.58
N SER D 165 14.19 47.97 -51.66
CA SER D 165 14.28 49.28 -50.97
C SER D 165 15.72 49.74 -51.14
N TRP D 166 16.09 50.87 -50.51
CA TRP D 166 17.47 51.41 -50.63
C TRP D 166 17.83 52.27 -49.43
N PRO D 167 19.13 52.48 -49.18
CA PRO D 167 19.42 53.21 -47.95
C PRO D 167 19.02 54.65 -48.02
N GLN D 168 18.33 55.11 -46.99
CA GLN D 168 17.97 56.49 -46.88
C GLN D 168 19.20 57.22 -46.39
N MET D 169 19.48 58.37 -47.02
CA MET D 169 20.64 59.19 -46.71
C MET D 169 20.13 60.59 -46.38
N PRO D 170 20.48 61.13 -45.17
CA PRO D 170 19.88 62.42 -44.85
C PRO D 170 20.54 63.53 -45.62
N ALA D 171 19.81 64.59 -45.88
CA ALA D 171 20.28 65.66 -46.69
C ALA D 171 21.15 66.63 -45.87
N ILE D 172 22.18 66.14 -45.22
CA ILE D 172 23.09 67.01 -44.45
C ILE D 172 24.33 67.37 -45.25
N PRO D 173 24.94 68.53 -44.96
CA PRO D 173 26.18 68.86 -45.64
C PRO D 173 27.25 67.81 -45.36
N GLY D 174 27.91 67.32 -46.40
CA GLY D 174 28.94 66.29 -46.22
C GLY D 174 28.42 64.86 -46.21
N ILE D 175 27.12 64.68 -46.49
CA ILE D 175 26.53 63.34 -46.65
C ILE D 175 27.35 62.45 -47.59
N GLU D 176 27.95 63.07 -48.59
CA GLU D 176 28.75 62.33 -49.55
C GLU D 176 29.99 61.69 -48.92
N HIS D 177 30.33 62.06 -47.68
CA HIS D 177 31.50 61.46 -47.07
C HIS D 177 31.11 60.28 -46.15
N CYS D 178 29.83 59.91 -46.20
CA CYS D 178 29.33 58.85 -45.33
C CYS D 178 29.08 57.66 -46.20
N ILE D 179 28.97 56.48 -45.61
CA ILE D 179 28.66 55.28 -46.38
C ILE D 179 27.33 54.68 -45.92
N SER D 180 26.89 53.63 -46.60
CA SER D 180 25.75 52.89 -46.15
C SER D 180 26.18 51.43 -45.84
N SER D 181 25.25 50.56 -45.50
CA SER D 181 25.56 49.14 -45.34
C SER D 181 26.12 48.59 -46.65
N ASN D 182 25.68 49.13 -47.78
CA ASN D 182 26.24 48.64 -49.07
C ASN D 182 27.75 48.72 -49.05
N GLU D 183 28.30 49.84 -48.59
CA GLU D 183 29.75 50.05 -48.69
C GLU D 183 30.42 49.38 -47.53
N ALA D 184 29.64 49.16 -46.48
CA ALA D 184 30.14 48.54 -45.28
C ALA D 184 30.62 47.12 -45.62
N PHE D 185 29.86 46.42 -46.45
CA PHE D 185 30.19 45.04 -46.84
C PHE D 185 31.47 44.95 -47.66
N TYR D 186 31.97 46.08 -48.16
CA TYR D 186 33.19 46.02 -48.93
C TYR D 186 34.40 46.79 -48.37
N LEU D 187 34.32 47.34 -47.18
CA LEU D 187 35.49 48.03 -46.66
C LEU D 187 36.78 47.17 -46.82
N PRO D 188 37.85 47.77 -47.39
CA PRO D 188 39.11 47.03 -47.53
C PRO D 188 39.74 46.78 -46.16
N GLU D 189 39.61 47.71 -45.24
CA GLU D 189 40.02 47.45 -43.87
C GLU D 189 38.98 47.83 -42.82
N PRO D 190 39.02 47.16 -41.66
CA PRO D 190 38.03 47.47 -40.65
C PRO D 190 38.32 48.83 -39.99
N PRO D 191 37.29 49.66 -39.81
CA PRO D 191 37.59 51.02 -39.34
C PRO D 191 38.11 50.98 -37.94
N ARG D 192 38.96 51.93 -37.63
CA ARG D 192 39.53 52.01 -36.31
C ARG D 192 38.55 52.72 -35.41
N ARG D 193 37.99 53.81 -35.92
CA ARG D 193 36.90 54.47 -35.30
C ARG D 193 35.80 54.52 -36.34
N VAL D 194 34.59 54.12 -35.93
CA VAL D 194 33.46 54.15 -36.82
C VAL D 194 32.30 54.72 -36.03
N LEU D 195 31.47 55.53 -36.69
CA LEU D 195 30.23 55.97 -36.14
C LEU D 195 29.06 55.37 -36.90
N THR D 196 28.34 54.43 -36.29
CA THR D 196 27.10 53.96 -36.89
C THR D 196 25.98 54.92 -36.51
N VAL D 197 25.26 55.42 -37.51
CA VAL D 197 24.25 56.43 -37.29
C VAL D 197 22.90 55.77 -37.44
N GLY D 198 22.10 55.85 -36.37
CA GLY D 198 20.77 55.16 -36.32
C GLY D 198 20.67 54.22 -35.13
N GLY D 199 19.45 53.93 -34.68
CA GLY D 199 19.24 53.00 -33.56
C GLY D 199 18.36 51.81 -33.87
N GLY D 200 18.27 51.49 -35.15
CA GLY D 200 17.48 50.34 -35.62
C GLY D 200 18.33 49.14 -35.93
N PHE D 201 17.84 48.26 -36.79
CA PHE D 201 18.51 46.97 -37.09
C PHE D 201 20.01 47.08 -37.49
N ILE D 202 20.24 47.85 -38.56
CA ILE D 202 21.49 47.87 -39.25
C ILE D 202 22.58 48.50 -38.39
N SER D 203 22.23 49.60 -37.73
CA SER D 203 23.18 50.27 -36.82
C SER D 203 23.66 49.32 -35.74
N VAL D 204 22.72 48.63 -35.14
CA VAL D 204 23.04 47.73 -34.06
C VAL D 204 23.80 46.53 -34.57
N GLU D 205 23.37 45.97 -35.70
CA GLU D 205 24.03 44.77 -36.19
C GLU D 205 25.48 45.04 -36.64
N PHE D 206 25.67 46.12 -37.41
CA PHE D 206 26.97 46.50 -37.88
C PHE D 206 27.87 47.03 -36.79
N ALA D 207 27.28 47.78 -35.87
CA ALA D 207 28.00 48.18 -34.68
C ALA D 207 28.69 46.99 -34.02
N GLY D 208 27.99 45.86 -33.86
CA GLY D 208 28.60 44.65 -33.25
C GLY D 208 29.64 43.95 -34.14
N ILE D 209 29.43 44.00 -35.44
CA ILE D 209 30.46 43.48 -36.33
C ILE D 209 31.73 44.30 -36.23
N PHE D 210 31.62 45.62 -36.18
CA PHE D 210 32.83 46.42 -36.22
C PHE D 210 33.57 46.30 -34.91
N ASN D 211 32.80 45.98 -33.88
CA ASN D 211 33.32 45.92 -32.53
C ASN D 211 34.22 44.71 -32.45
N ALA D 212 33.83 43.66 -33.13
CA ALA D 212 34.67 42.47 -33.17
C ALA D 212 35.95 42.59 -34.04
N TYR D 213 35.85 43.19 -35.22
CA TYR D 213 36.96 43.20 -36.16
C TYR D 213 37.84 44.44 -36.10
N LYS D 214 37.53 45.33 -35.18
CA LYS D 214 38.31 46.55 -34.99
C LYS D 214 39.75 46.27 -34.58
N PRO D 215 40.69 47.07 -35.14
CA PRO D 215 42.10 47.04 -34.82
C PRO D 215 42.35 47.50 -33.39
N PRO D 216 43.52 47.13 -32.83
CA PRO D 216 44.04 47.50 -31.51
C PRO D 216 43.76 48.95 -31.19
N GLY D 217 43.21 49.21 -30.01
CA GLY D 217 42.89 50.57 -29.57
C GLY D 217 41.70 51.21 -30.28
N GLY D 218 40.99 50.45 -31.11
CA GLY D 218 39.81 50.98 -31.83
C GLY D 218 38.56 51.20 -30.99
N LYS D 219 37.53 51.76 -31.61
CA LYS D 219 36.33 52.13 -30.87
C LYS D 219 35.13 52.34 -31.80
N VAL D 220 34.06 51.61 -31.53
CA VAL D 220 32.78 51.78 -32.19
C VAL D 220 31.87 52.71 -31.36
N THR D 221 31.25 53.69 -32.03
CA THR D 221 30.26 54.55 -31.40
C THR D 221 28.98 54.46 -32.20
N LEU D 222 27.87 54.26 -31.53
CA LEU D 222 26.57 54.31 -32.19
C LEU D 222 25.83 55.56 -31.71
N CYS D 223 25.19 56.27 -32.63
CA CYS D 223 24.40 57.35 -32.13
C CYS D 223 22.97 57.28 -32.59
N TYR D 224 22.09 57.75 -31.70
CA TYR D 224 20.65 57.72 -31.89
C TYR D 224 20.08 59.09 -31.54
N ARG D 225 19.11 59.54 -32.35
CA ARG D 225 18.46 60.86 -32.20
C ARG D 225 17.68 61.06 -30.88
N ASN D 226 17.16 59.97 -30.28
CA ASN D 226 16.36 60.06 -29.05
C ASN D 226 16.96 59.31 -27.85
N ASN D 227 16.14 59.01 -26.84
CA ASN D 227 16.72 58.59 -25.55
C ASN D 227 17.07 57.12 -25.49
N LEU D 228 16.47 56.30 -26.37
CA LEU D 228 16.53 54.86 -26.20
C LEU D 228 16.41 54.21 -27.53
N ILE D 229 17.47 53.53 -27.96
CA ILE D 229 17.51 52.89 -29.27
C ILE D 229 16.43 51.83 -29.42
N LEU D 230 16.27 51.35 -30.66
CA LEU D 230 15.40 50.21 -31.02
C LEU D 230 13.94 50.41 -30.64
N ARG D 231 13.43 51.60 -30.90
CA ARG D 231 12.03 51.95 -30.66
C ARG D 231 11.20 51.04 -31.48
N GLY D 232 10.16 50.46 -30.87
CA GLY D 232 9.30 49.51 -31.55
C GLY D 232 9.62 48.12 -31.03
N PHE D 233 10.69 47.99 -30.24
CA PHE D 233 10.97 46.72 -29.58
C PHE D 233 10.56 46.86 -28.15
N ASP D 234 10.53 45.72 -27.45
CA ASP D 234 10.15 45.66 -26.06
C ASP D 234 11.12 46.51 -25.25
N GLU D 235 10.58 47.34 -24.36
CA GLU D 235 11.37 48.35 -23.60
C GLU D 235 12.45 47.78 -22.65
N THR D 236 12.13 46.76 -21.89
CA THR D 236 13.14 46.05 -21.11
C THR D 236 14.32 45.64 -21.99
N ILE D 237 14.02 45.04 -23.13
CA ILE D 237 15.00 44.50 -24.01
C ILE D 237 15.81 45.66 -24.65
N ARG D 238 15.16 46.77 -25.03
CA ARG D 238 15.92 47.93 -25.54
C ARG D 238 16.96 48.42 -24.53
N GLU D 239 16.58 48.51 -23.26
CA GLU D 239 17.50 48.92 -22.22
C GLU D 239 18.59 47.88 -21.97
N GLU D 240 18.17 46.61 -21.90
CA GLU D 240 19.12 45.54 -21.72
C GLU D 240 20.09 45.38 -22.90
N VAL D 241 19.62 45.57 -24.12
CA VAL D 241 20.54 45.46 -25.24
C VAL D 241 21.57 46.59 -25.16
N THR D 242 21.11 47.78 -24.77
CA THR D 242 21.96 48.96 -24.53
C THR D 242 23.11 48.69 -23.57
N LYS D 243 22.76 48.13 -22.40
CA LYS D 243 23.74 47.79 -21.39
C LYS D 243 24.72 46.75 -21.92
N GLN D 244 24.22 45.74 -22.61
CA GLN D 244 25.11 44.66 -23.04
C GLN D 244 26.02 45.05 -24.19
N LEU D 245 25.55 45.94 -25.05
CA LEU D 245 26.45 46.51 -26.03
C LEU D 245 27.46 47.43 -25.35
N THR D 246 27.01 48.22 -24.39
CA THR D 246 27.95 49.03 -23.63
C THR D 246 29.04 48.13 -23.05
N ALA D 247 28.65 47.05 -22.38
CA ALA D 247 29.62 46.18 -21.67
C ALA D 247 30.65 45.54 -22.61
N ASN D 248 30.28 45.31 -23.84
CA ASN D 248 31.24 44.73 -24.75
C ASN D 248 32.02 45.84 -25.51
N GLY D 249 32.00 47.07 -25.02
CA GLY D 249 32.93 48.09 -25.48
C GLY D 249 32.46 49.13 -26.50
N ILE D 250 31.20 49.03 -26.93
CA ILE D 250 30.54 49.98 -27.87
C ILE D 250 29.98 51.20 -27.08
N GLU D 251 30.29 52.42 -27.52
CA GLU D 251 29.69 53.64 -26.93
C GLU D 251 28.32 53.96 -27.52
N ILE D 252 27.29 53.93 -26.70
CA ILE D 252 25.97 54.36 -27.19
C ILE D 252 25.77 55.84 -26.88
N MET D 253 25.74 56.68 -27.90
CA MET D 253 25.54 58.11 -27.76
C MET D 253 24.08 58.41 -27.99
N THR D 254 23.35 58.77 -26.95
CA THR D 254 21.90 58.93 -27.11
C THR D 254 21.59 60.42 -27.29
N ASN D 255 20.44 60.73 -27.86
CA ASN D 255 20.09 62.14 -28.06
C ASN D 255 21.11 62.93 -28.89
N GLU D 256 21.64 62.29 -29.91
CA GLU D 256 22.65 62.93 -30.74
C GLU D 256 22.37 62.57 -32.18
N ASN D 257 22.52 63.56 -33.08
CA ASN D 257 22.33 63.34 -34.51
C ASN D 257 23.28 64.20 -35.33
N PRO D 258 24.00 63.61 -36.28
CA PRO D 258 25.00 64.31 -37.14
C PRO D 258 24.41 65.50 -37.88
N ALA D 259 24.99 66.68 -37.75
CA ALA D 259 24.46 67.82 -38.52
C ALA D 259 25.34 68.18 -39.74
N LYS D 260 26.60 67.75 -39.70
CA LYS D 260 27.55 68.06 -40.73
C LYS D 260 28.63 67.05 -40.62
N VAL D 261 29.10 66.62 -41.79
CA VAL D 261 30.28 65.77 -41.85
C VAL D 261 31.25 66.49 -42.76
N SER D 262 32.50 66.61 -42.30
CA SER D 262 33.55 67.11 -43.17
C SER D 262 34.75 66.19 -43.26
N LEU D 263 35.43 66.27 -44.41
CA LEU D 263 36.54 65.39 -44.72
C LEU D 263 37.87 66.03 -44.26
N ASN D 264 38.60 65.32 -43.40
CA ASN D 264 39.93 65.76 -43.01
C ASN D 264 40.90 65.38 -44.12
N THR D 265 42.01 66.09 -44.24
CA THR D 265 42.88 65.73 -45.35
C THR D 265 43.45 64.32 -45.22
N ASP D 266 43.62 63.83 -43.99
CA ASP D 266 44.04 62.43 -43.80
C ASP D 266 43.00 61.36 -44.07
N GLY D 267 41.86 61.70 -44.63
CA GLY D 267 40.87 60.65 -44.95
C GLY D 267 39.79 60.39 -43.90
N SER D 268 40.09 60.77 -42.66
CA SER D 268 39.11 60.64 -41.60
C SER D 268 37.94 61.69 -41.75
N LYS D 269 36.94 61.59 -40.89
CA LYS D 269 35.76 62.46 -41.01
C LYS D 269 35.50 63.13 -39.71
N HIS D 270 35.26 64.43 -39.78
CA HIS D 270 34.94 65.21 -38.62
C HIS D 270 33.44 65.42 -38.66
N VAL D 271 32.77 64.84 -37.64
CA VAL D 271 31.33 64.89 -37.48
C VAL D 271 30.96 65.94 -36.42
N THR D 272 30.05 66.85 -36.79
CA THR D 272 29.50 67.84 -35.90
C THR D 272 28.04 67.44 -35.65
N PHE D 273 27.64 67.40 -34.38
CA PHE D 273 26.26 67.02 -34.01
C PHE D 273 25.38 68.26 -33.87
N GLU D 274 24.05 68.08 -33.97
CA GLU D 274 23.09 69.18 -33.71
C GLU D 274 23.35 69.80 -32.34
N SER D 275 23.72 68.98 -31.36
CA SER D 275 24.21 69.51 -30.10
C SER D 275 25.49 70.42 -30.24
N GLY D 276 26.30 70.18 -31.25
CA GLY D 276 27.55 70.93 -31.34
C GLY D 276 28.74 70.16 -30.78
N LYS D 277 28.47 69.02 -30.17
CA LYS D 277 29.52 68.08 -29.83
C LYS D 277 30.16 67.73 -31.18
N THR D 278 31.45 67.37 -31.18
CA THR D 278 32.05 66.88 -32.43
C THR D 278 32.67 65.51 -32.19
N LEU D 279 33.06 64.82 -33.29
CA LEU D 279 33.70 63.50 -33.20
C LEU D 279 34.45 63.16 -34.47
N ASP D 280 35.68 62.71 -34.31
CA ASP D 280 36.49 62.25 -35.42
C ASP D 280 36.47 60.73 -35.51
N VAL D 281 36.24 60.22 -36.74
CA VAL D 281 36.17 58.80 -37.03
C VAL D 281 36.72 58.44 -38.43
N ASP D 282 36.98 57.16 -38.67
CA ASP D 282 37.51 56.74 -39.95
C ASP D 282 36.38 56.50 -40.94
N VAL D 283 35.23 56.14 -40.40
CA VAL D 283 34.06 55.83 -41.20
C VAL D 283 32.77 56.20 -40.47
N VAL D 284 31.88 56.91 -41.19
CA VAL D 284 30.49 57.18 -40.80
C VAL D 284 29.47 56.36 -41.63
N MET D 285 28.85 55.35 -40.98
CA MET D 285 27.89 54.51 -41.71
C MET D 285 26.42 54.85 -41.41
N MET D 286 25.76 55.60 -42.30
CA MET D 286 24.36 56.01 -42.09
C MET D 286 23.43 54.82 -42.17
N ALA D 287 22.67 54.56 -41.12
CA ALA D 287 21.69 53.51 -41.13
C ALA D 287 20.38 54.06 -40.49
N ILE D 288 19.78 55.03 -41.17
CA ILE D 288 18.62 55.73 -40.61
C ILE D 288 17.32 55.36 -41.31
N GLY D 289 17.34 54.31 -42.12
CA GLY D 289 16.14 53.86 -42.79
C GLY D 289 16.45 53.23 -44.13
N ARG D 290 15.44 52.56 -44.69
CA ARG D 290 15.48 52.13 -46.07
C ARG D 290 14.15 52.55 -46.72
N ILE D 291 14.26 53.15 -47.90
CA ILE D 291 13.09 53.60 -48.64
C ILE D 291 12.81 52.77 -49.92
N PRO D 292 11.52 52.71 -50.35
CA PRO D 292 11.14 52.09 -51.62
C PRO D 292 11.97 52.61 -52.78
N ARG D 293 12.35 51.69 -53.65
CA ARG D 293 13.12 52.01 -54.81
C ARG D 293 12.19 52.15 -56.05
N THR D 294 11.52 53.28 -56.11
CA THR D 294 10.54 53.49 -57.14
C THR D 294 11.18 54.38 -58.19
N ASN D 295 12.13 55.17 -57.75
CA ASN D 295 12.55 56.29 -58.54
C ASN D 295 12.96 55.99 -59.99
N ASP D 296 13.36 54.74 -60.29
CA ASP D 296 13.84 54.42 -61.65
C ASP D 296 12.83 53.72 -62.57
N LEU D 297 11.79 53.14 -62.00
CA LEU D 297 10.86 52.33 -62.79
C LEU D 297 10.04 53.14 -63.80
N GLN D 298 10.26 54.45 -63.80
CA GLN D 298 9.50 55.35 -64.66
C GLN D 298 7.99 55.04 -64.51
N LEU D 299 7.51 55.09 -63.27
CA LEU D 299 6.11 54.78 -62.94
C LEU D 299 5.08 55.76 -63.53
N GLY D 300 5.55 56.99 -63.78
CA GLY D 300 4.77 58.07 -64.39
C GLY D 300 4.22 57.69 -65.75
N ASN D 301 5.02 56.96 -66.52
CA ASN D 301 4.60 56.46 -67.84
C ASN D 301 3.26 55.73 -67.84
N VAL D 302 2.90 55.06 -66.74
CA VAL D 302 1.59 54.35 -66.68
C VAL D 302 0.62 54.78 -65.54
N GLY D 303 1.07 55.67 -64.66
CA GLY D 303 0.23 56.20 -63.56
C GLY D 303 0.06 55.37 -62.28
N VAL D 304 0.90 54.35 -62.07
CA VAL D 304 0.90 53.54 -60.82
C VAL D 304 1.09 54.44 -59.60
N LYS D 305 0.14 54.44 -58.66
CA LYS D 305 0.16 55.42 -57.57
C LYS D 305 1.07 55.02 -56.41
N LEU D 306 1.70 56.01 -55.81
CA LEU D 306 2.54 55.84 -54.62
C LEU D 306 1.90 56.31 -53.32
N THR D 307 2.37 55.72 -52.21
CA THR D 307 1.97 56.10 -50.86
C THR D 307 2.69 57.40 -50.55
N PRO D 308 2.17 58.15 -49.54
CA PRO D 308 2.85 59.43 -49.18
C PRO D 308 4.34 59.27 -48.82
N LYS D 309 4.76 58.11 -48.34
CA LYS D 309 6.19 57.88 -48.06
C LYS D 309 7.02 57.15 -49.15
N GLY D 310 6.57 57.21 -50.40
CA GLY D 310 7.36 56.71 -51.53
C GLY D 310 7.08 55.28 -52.02
N GLY D 311 6.34 54.50 -51.22
CA GLY D 311 6.03 53.10 -51.55
C GLY D 311 4.99 52.90 -52.64
N VAL D 312 5.01 51.76 -53.33
CA VAL D 312 3.94 51.49 -54.28
C VAL D 312 2.67 51.14 -53.51
N GLN D 313 1.61 51.85 -53.84
CA GLN D 313 0.30 51.62 -53.25
C GLN D 313 -0.24 50.30 -53.79
N VAL D 314 -0.68 49.44 -52.88
CA VAL D 314 -1.21 48.13 -53.20
C VAL D 314 -2.36 47.80 -52.26
N ASP D 315 -3.27 46.92 -52.66
CA ASP D 315 -4.28 46.36 -51.75
C ASP D 315 -3.67 45.11 -51.05
N GLU D 316 -4.46 44.39 -50.27
CA GLU D 316 -3.96 43.22 -49.53
C GLU D 316 -3.41 42.12 -50.40
N PHE D 317 -3.82 42.12 -51.69
CA PHE D 317 -3.48 41.08 -52.67
C PHE D 317 -2.38 41.55 -53.61
N SER D 318 -1.75 42.68 -53.25
CA SER D 318 -0.58 43.26 -53.97
C SER D 318 -0.86 43.87 -55.33
N ARG D 319 -2.12 44.22 -55.55
CA ARG D 319 -2.51 44.80 -56.81
C ARG D 319 -2.27 46.31 -56.71
N THR D 320 -1.74 46.90 -57.77
CA THR D 320 -1.73 48.36 -57.82
C THR D 320 -3.08 48.86 -58.38
N ASN D 321 -3.22 50.17 -58.58
CA ASN D 321 -4.41 50.70 -59.23
C ASN D 321 -4.40 50.40 -60.74
N VAL D 322 -3.26 49.97 -61.26
CA VAL D 322 -3.20 49.52 -62.65
C VAL D 322 -3.42 47.99 -62.82
N PRO D 323 -4.49 47.62 -63.54
CA PRO D 323 -5.08 46.32 -63.77
C PRO D 323 -4.18 45.11 -63.65
N ASN D 324 -3.06 45.14 -64.38
CA ASN D 324 -2.21 43.95 -64.49
C ASN D 324 -0.77 44.18 -63.95
N ILE D 325 -0.64 45.20 -63.11
CA ILE D 325 0.63 45.51 -62.51
C ILE D 325 0.56 45.29 -61.02
N TYR D 326 1.48 44.47 -60.53
CA TYR D 326 1.54 44.16 -59.11
C TYR D 326 2.87 44.55 -58.48
N ALA D 327 2.82 44.73 -57.16
CA ALA D 327 4.02 44.95 -56.38
C ALA D 327 4.02 44.25 -55.04
N ILE D 328 5.14 43.59 -54.77
CA ILE D 328 5.33 42.92 -53.52
C ILE D 328 6.74 43.26 -53.05
N GLY D 329 6.99 43.15 -51.75
CA GLY D 329 8.37 43.25 -51.24
C GLY D 329 8.63 44.55 -50.52
N ASP D 330 9.90 44.94 -50.41
CA ASP D 330 10.27 46.15 -49.71
C ASP D 330 9.66 47.33 -50.44
N ILE D 331 9.44 47.13 -51.74
CA ILE D 331 8.89 48.19 -52.56
C ILE D 331 7.52 48.65 -52.04
N THR D 332 6.85 47.79 -51.27
CA THR D 332 5.55 48.18 -50.74
C THR D 332 5.62 48.99 -49.42
N ASP D 333 6.79 49.02 -48.77
CA ASP D 333 6.94 49.62 -47.44
C ASP D 333 6.10 48.89 -46.38
N ARG D 334 5.77 47.62 -46.60
CA ARG D 334 4.86 46.94 -45.65
C ARG D 334 5.60 46.33 -44.46
N LEU D 335 6.23 45.19 -44.62
CA LEU D 335 7.21 44.75 -43.64
C LEU D 335 8.46 44.34 -44.40
N MET D 336 9.54 45.07 -44.15
CA MET D 336 10.75 44.83 -44.89
C MET D 336 11.51 43.71 -44.24
N LEU D 337 11.01 42.50 -44.43
CA LEU D 337 11.72 41.25 -44.07
C LEU D 337 11.84 40.33 -45.30
N THR D 338 12.95 39.60 -45.42
CA THR D 338 13.08 38.68 -46.58
C THR D 338 11.92 37.70 -46.69
N PRO D 339 11.57 37.00 -45.59
CA PRO D 339 10.55 35.93 -45.71
C PRO D 339 9.17 36.47 -45.97
N VAL D 340 8.89 37.70 -45.54
CA VAL D 340 7.65 38.37 -45.89
C VAL D 340 7.58 38.64 -47.39
N ALA D 341 8.67 39.10 -48.00
CA ALA D 341 8.69 39.32 -49.46
C ALA D 341 8.52 38.01 -50.24
N ILE D 342 8.97 36.91 -49.64
CA ILE D 342 8.81 35.59 -50.27
C ILE D 342 7.32 35.15 -50.19
N ASN D 343 6.72 35.24 -49.02
CA ASN D 343 5.30 34.98 -48.86
C ASN D 343 4.45 35.84 -49.84
N GLU D 344 4.63 37.16 -49.78
CA GLU D 344 3.95 38.11 -50.66
C GLU D 344 3.97 37.69 -52.13
N GLY D 345 5.16 37.41 -52.60
CA GLY D 345 5.32 36.99 -53.99
C GLY D 345 4.72 35.64 -54.35
N ALA D 346 4.78 34.69 -53.43
CA ALA D 346 4.15 33.40 -53.65
C ALA D 346 2.60 33.53 -53.69
N ALA D 347 2.04 34.35 -52.79
CA ALA D 347 0.63 34.62 -52.71
C ALA D 347 0.13 35.44 -53.93
N LEU D 348 0.91 36.41 -54.38
CA LEU D 348 0.55 37.09 -55.60
C LEU D 348 0.46 36.12 -56.80
N VAL D 349 1.52 35.35 -57.06
CA VAL D 349 1.45 34.31 -58.11
C VAL D 349 0.27 33.34 -57.99
N ASP D 350 -0.05 32.89 -56.79
CA ASP D 350 -1.26 32.08 -56.57
C ASP D 350 -2.56 32.82 -56.93
N THR D 351 -2.61 34.12 -56.67
CA THR D 351 -3.80 34.88 -56.96
C THR D 351 -3.96 35.18 -58.46
N VAL D 352 -2.86 35.39 -59.15
CA VAL D 352 -2.93 35.67 -60.59
C VAL D 352 -3.09 34.39 -61.43
N PHE D 353 -2.42 33.31 -61.05
CA PHE D 353 -2.37 32.12 -61.90
C PHE D 353 -2.99 30.84 -61.35
N GLY D 354 -3.49 30.86 -60.12
CA GLY D 354 -4.18 29.70 -59.53
C GLY D 354 -5.66 30.03 -59.38
N ASN D 355 -6.39 29.18 -58.67
CA ASN D 355 -7.83 29.44 -58.50
C ASN D 355 -8.20 30.13 -57.18
N LYS D 356 -7.22 30.30 -56.29
CA LYS D 356 -7.45 30.87 -54.94
C LYS D 356 -6.70 32.18 -54.64
N PRO D 357 -7.44 33.29 -54.60
CA PRO D 357 -6.88 34.51 -54.03
C PRO D 357 -6.28 34.27 -52.63
N ARG D 358 -5.03 34.71 -52.43
CA ARG D 358 -4.32 34.56 -51.17
C ARG D 358 -3.55 35.81 -50.77
N LYS D 359 -3.70 36.17 -49.50
CA LYS D 359 -3.00 37.31 -48.92
C LYS D 359 -2.02 36.95 -47.78
N THR D 360 -0.91 37.69 -47.77
CA THR D 360 0.06 37.64 -46.71
C THR D 360 -0.53 38.24 -45.42
N ASP D 361 -0.32 37.55 -44.30
CA ASP D 361 -0.65 38.12 -42.98
C ASP D 361 0.58 38.82 -42.42
N HIS D 362 0.52 40.14 -42.31
CA HIS D 362 1.58 41.01 -41.74
C HIS D 362 1.59 41.18 -40.20
N THR D 363 0.78 40.39 -39.52
CA THR D 363 0.66 40.49 -38.09
C THR D 363 1.34 39.24 -37.58
N ARG D 364 1.79 39.26 -36.33
CA ARG D 364 2.39 38.04 -35.72
C ARG D 364 3.57 37.45 -36.51
N VAL D 365 4.30 38.34 -37.18
CA VAL D 365 5.44 37.93 -37.94
C VAL D 365 6.67 37.88 -37.01
N ALA D 366 7.30 36.73 -36.87
CA ALA D 366 8.46 36.58 -35.95
C ALA D 366 9.68 37.17 -36.58
N SER D 367 10.48 37.88 -35.82
CA SER D 367 11.75 38.31 -36.38
C SER D 367 12.84 38.43 -35.34
N ALA D 368 14.04 38.72 -35.84
CA ALA D 368 15.24 38.71 -35.06
C ALA D 368 16.01 40.00 -35.37
N VAL D 369 16.69 40.56 -34.36
CA VAL D 369 17.85 41.37 -34.64
C VAL D 369 19.07 40.50 -34.32
N PHE D 370 19.95 40.35 -35.30
CA PHE D 370 21.21 39.67 -35.10
C PHE D 370 22.34 40.52 -34.51
N SER D 371 21.99 41.22 -33.44
CA SER D 371 22.95 41.87 -32.60
C SER D 371 23.67 40.83 -31.76
N ILE D 372 24.70 41.31 -31.07
CA ILE D 372 25.40 40.58 -30.05
C ILE D 372 25.11 41.25 -28.67
N PRO D 373 24.17 40.66 -27.90
CA PRO D 373 23.50 39.39 -28.16
C PRO D 373 22.23 39.60 -29.00
N PRO D 374 21.63 38.53 -29.52
CA PRO D 374 20.64 38.78 -30.53
C PRO D 374 19.24 38.89 -29.92
N ILE D 375 18.31 39.51 -30.64
CA ILE D 375 16.91 39.63 -30.22
C ILE D 375 16.04 38.75 -31.08
N GLY D 376 15.04 38.16 -30.42
CA GLY D 376 13.99 37.47 -31.10
C GLY D 376 12.68 37.96 -30.54
N THR D 377 11.71 38.19 -31.43
CA THR D 377 10.46 38.71 -31.03
C THR D 377 9.37 38.31 -31.99
N CYS D 378 8.13 38.32 -31.48
CA CYS D 378 6.96 38.02 -32.30
C CYS D 378 5.76 38.55 -31.58
N GLY D 379 5.02 39.40 -32.27
CA GLY D 379 3.78 39.97 -31.75
C GLY D 379 3.93 41.32 -31.08
N LEU D 380 2.98 41.64 -30.20
CA LEU D 380 2.86 42.97 -29.69
C LEU D 380 3.78 43.26 -28.50
N ILE D 381 4.36 44.46 -28.44
CA ILE D 381 4.99 44.90 -27.19
C ILE D 381 3.91 45.41 -26.25
N GLU D 382 4.25 45.47 -24.96
CA GLU D 382 3.26 45.81 -23.95
C GLU D 382 2.56 47.18 -24.12
N GLU D 383 3.27 48.24 -24.52
CA GLU D 383 2.58 49.53 -24.63
C GLU D 383 1.53 49.54 -25.73
N VAL D 384 1.73 48.76 -26.78
CA VAL D 384 0.74 48.69 -27.84
C VAL D 384 -0.43 47.84 -27.35
N ALA D 385 -0.14 46.74 -26.68
CA ALA D 385 -1.18 45.88 -26.12
C ALA D 385 -2.02 46.66 -25.14
N ALA D 386 -1.39 47.43 -24.25
CA ALA D 386 -2.18 48.22 -23.30
C ALA D 386 -3.08 49.30 -23.92
N LYS D 387 -2.90 49.67 -25.18
CA LYS D 387 -3.83 50.68 -25.78
C LYS D 387 -5.00 50.03 -26.48
N GLU D 388 -4.99 48.69 -26.56
CA GLU D 388 -6.02 47.93 -27.27
C GLU D 388 -6.88 47.03 -26.38
N PHE D 389 -6.33 46.59 -25.24
CA PHE D 389 -7.01 45.67 -24.34
C PHE D 389 -7.02 46.28 -22.95
N GLU D 390 -8.08 46.03 -22.20
CA GLU D 390 -8.28 46.66 -20.91
C GLU D 390 -7.25 46.19 -19.87
N LYS D 391 -7.00 44.88 -19.87
CA LYS D 391 -6.09 44.22 -18.94
C LYS D 391 -5.02 43.42 -19.69
N VAL D 392 -3.77 43.80 -19.42
CA VAL D 392 -2.61 43.20 -20.06
C VAL D 392 -1.72 42.71 -18.93
N ALA D 393 -1.32 41.45 -19.02
CA ALA D 393 -0.35 40.93 -18.04
C ALA D 393 1.00 40.71 -18.73
N VAL D 394 2.07 40.84 -17.96
CA VAL D 394 3.42 40.73 -18.49
C VAL D 394 4.18 39.76 -17.64
N TYR D 395 4.64 38.66 -18.24
CA TYR D 395 5.48 37.70 -17.53
C TYR D 395 6.95 37.90 -17.90
N MET D 396 7.82 37.95 -16.92
CA MET D 396 9.21 38.27 -17.22
C MET D 396 10.18 37.43 -16.47
N SER D 397 11.14 36.87 -17.21
CA SER D 397 12.31 36.27 -16.61
C SER D 397 13.51 37.01 -17.14
N SER D 398 14.42 37.43 -16.27
CA SER D 398 15.63 38.05 -16.75
C SER D 398 16.77 37.82 -15.80
N PHE D 399 17.77 37.06 -16.24
CA PHE D 399 18.95 36.75 -15.41
C PHE D 399 20.08 36.10 -16.19
N THR D 400 21.30 36.24 -15.69
CA THR D 400 22.52 35.65 -16.24
C THR D 400 22.54 34.16 -16.05
N PRO D 401 22.43 33.40 -17.16
CA PRO D 401 22.61 31.97 -17.16
C PRO D 401 23.93 31.57 -16.50
N LEU D 402 23.90 30.44 -15.81
CA LEU D 402 25.07 29.88 -15.14
C LEU D 402 26.29 29.73 -16.06
N MET D 403 26.10 29.26 -17.29
CA MET D 403 27.23 29.10 -18.19
C MET D 403 28.05 30.41 -18.30
N HIS D 404 27.37 31.56 -18.13
CA HIS D 404 28.03 32.90 -18.18
C HIS D 404 28.58 33.43 -16.87
N ASN D 405 28.25 32.76 -15.77
CA ASN D 405 28.96 33.03 -14.52
C ASN D 405 30.34 32.37 -14.58
N ILE D 406 30.47 31.34 -15.41
CA ILE D 406 31.71 30.62 -15.49
C ILE D 406 32.58 31.29 -16.49
N SER D 407 31.94 31.73 -17.56
CA SER D 407 32.61 32.28 -18.71
C SER D 407 33.16 33.68 -18.48
N GLY D 408 32.67 34.38 -17.46
CA GLY D 408 33.16 35.75 -17.23
C GLY D 408 32.25 36.86 -17.76
N SER D 409 31.28 36.52 -18.62
CA SER D 409 30.30 37.49 -19.12
C SER D 409 29.06 37.60 -18.22
N LYS D 410 29.28 37.95 -16.97
CA LYS D 410 28.17 38.11 -16.01
C LYS D 410 27.12 39.04 -16.53
N TYR D 411 27.48 39.90 -17.49
CA TYR D 411 26.54 40.92 -17.95
C TYR D 411 25.48 40.34 -18.92
N LYS D 412 25.66 39.10 -19.35
CA LYS D 412 24.79 38.52 -20.40
C LYS D 412 23.48 37.94 -19.89
N LYS D 413 22.62 38.78 -19.33
CA LYS D 413 21.30 38.27 -18.96
C LYS D 413 20.54 37.81 -20.20
N PHE D 414 19.84 36.70 -20.00
CA PHE D 414 18.79 36.26 -20.90
C PHE D 414 17.42 36.80 -20.45
N VAL D 415 16.76 37.50 -21.37
CA VAL D 415 15.42 38.05 -21.12
C VAL D 415 14.33 37.30 -21.87
N ALA D 416 13.27 36.89 -21.16
CA ALA D 416 12.07 36.29 -21.80
C ALA D 416 10.87 37.02 -21.27
N LYS D 417 9.99 37.49 -22.16
CA LYS D 417 8.77 38.14 -21.74
C LYS D 417 7.61 37.66 -22.55
N ILE D 418 6.47 37.49 -21.90
CA ILE D 418 5.27 37.08 -22.59
C ILE D 418 4.23 38.09 -22.20
N VAL D 419 3.49 38.55 -23.19
CA VAL D 419 2.50 39.58 -23.01
C VAL D 419 1.15 38.98 -23.29
N THR D 420 0.25 39.03 -22.32
CA THR D 420 -1.07 38.47 -22.50
C THR D 420 -2.10 39.51 -22.30
N ASN D 421 -3.25 39.31 -22.96
CA ASN D 421 -4.53 39.90 -22.57
C ASN D 421 -4.89 39.12 -21.36
N HIS D 422 -4.96 39.76 -20.21
CA HIS D 422 -5.15 39.02 -18.99
C HIS D 422 -6.59 38.63 -18.74
N SER D 423 -7.53 39.21 -19.48
CA SER D 423 -8.94 38.77 -19.41
C SER D 423 -9.16 37.31 -19.81
N ASP D 424 -8.50 36.86 -20.87
CA ASP D 424 -8.66 35.49 -21.32
C ASP D 424 -7.35 34.70 -21.40
N GLY D 425 -6.20 35.34 -21.15
CA GLY D 425 -4.90 34.62 -21.10
C GLY D 425 -4.19 34.45 -22.45
N THR D 426 -4.83 34.95 -23.52
CA THR D 426 -4.26 34.98 -24.86
C THR D 426 -2.87 35.61 -24.86
N VAL D 427 -1.94 34.93 -25.53
CA VAL D 427 -0.62 35.46 -25.74
C VAL D 427 -0.61 36.45 -26.92
N LEU D 428 -0.24 37.69 -26.62
CA LEU D 428 -0.22 38.79 -27.60
C LEU D 428 1.15 39.01 -28.17
N GLY D 429 2.18 38.62 -27.44
CA GLY D 429 3.53 38.85 -27.91
C GLY D 429 4.51 38.15 -27.00
N VAL D 430 5.61 37.67 -27.58
CA VAL D 430 6.73 37.14 -26.81
C VAL D 430 8.01 37.88 -27.20
N HIS D 431 8.88 38.21 -26.22
CA HIS D 431 10.18 38.86 -26.56
C HIS D 431 11.42 38.35 -25.83
N LEU D 432 12.50 38.25 -26.60
CA LEU D 432 13.70 37.55 -26.15
C LEU D 432 15.00 38.28 -26.50
N LEU D 433 15.98 38.10 -25.62
CA LEU D 433 17.34 38.60 -25.81
C LEU D 433 18.21 37.56 -25.18
N GLY D 434 19.25 37.18 -25.89
CA GLY D 434 20.23 36.24 -25.36
C GLY D 434 20.47 35.31 -26.50
N ASP D 435 21.58 34.58 -26.48
CA ASP D 435 21.88 33.62 -27.52
C ASP D 435 20.70 32.71 -27.77
N GLY D 436 20.45 32.41 -29.03
CA GLY D 436 19.38 31.51 -29.35
C GLY D 436 18.04 32.20 -29.53
N ALA D 437 17.88 33.44 -29.05
CA ALA D 437 16.61 34.14 -29.30
C ALA D 437 16.06 33.95 -30.74
N PRO D 438 16.90 34.12 -31.77
CA PRO D 438 16.28 34.05 -33.11
C PRO D 438 15.74 32.66 -33.42
N GLU D 439 16.39 31.62 -32.89
CA GLU D 439 15.97 30.23 -33.09
C GLU D 439 14.76 29.83 -32.25
N ILE D 440 14.78 30.26 -30.98
CA ILE D 440 13.72 30.01 -30.02
C ILE D 440 12.37 30.50 -30.52
N ILE D 441 12.37 31.62 -31.24
CA ILE D 441 11.18 32.37 -31.43
C ILE D 441 10.42 31.85 -32.60
N GLN D 442 11.06 31.01 -33.43
CA GLN D 442 10.42 30.65 -34.68
C GLN D 442 9.09 30.00 -34.41
N ALA D 443 9.12 28.95 -33.57
CA ALA D 443 7.96 28.12 -33.29
C ALA D 443 6.96 28.91 -32.54
N VAL D 444 7.43 29.86 -31.73
CA VAL D 444 6.48 30.76 -31.07
C VAL D 444 5.53 31.41 -32.09
N GLY D 445 6.05 31.78 -33.27
CA GLY D 445 5.21 32.34 -34.34
C GLY D 445 4.07 31.40 -34.69
N VAL D 446 4.31 30.09 -34.68
CA VAL D 446 3.26 29.13 -34.98
C VAL D 446 2.24 29.18 -33.86
N CYS D 447 2.74 29.22 -32.62
CA CYS D 447 1.87 29.32 -31.41
C CYS D 447 0.83 30.39 -31.47
N LEU D 448 1.23 31.57 -31.98
CA LEU D 448 0.36 32.73 -32.05
C LEU D 448 -0.72 32.61 -33.13
N ARG D 449 -0.49 31.71 -34.10
CA ARG D 449 -1.50 31.36 -35.07
C ARG D 449 -2.54 30.42 -34.49
N LEU D 450 -2.23 29.79 -33.36
CA LEU D 450 -3.10 28.73 -32.82
C LEU D 450 -3.78 29.19 -31.56
N ASN D 451 -3.92 30.51 -31.39
CA ASN D 451 -4.71 31.04 -30.26
C ASN D 451 -4.10 30.61 -28.90
N ALA D 452 -2.76 30.59 -28.83
CA ALA D 452 -2.07 30.17 -27.61
C ALA D 452 -2.37 31.04 -26.42
N LYS D 453 -2.55 30.41 -25.27
CA LYS D 453 -2.66 31.13 -24.00
C LYS D 453 -1.41 30.93 -23.16
N ILE D 454 -1.29 31.75 -22.12
CA ILE D 454 -0.18 31.62 -21.20
C ILE D 454 -0.16 30.22 -20.56
N SER D 455 -1.32 29.70 -20.21
CA SER D 455 -1.39 28.38 -19.62
C SER D 455 -0.96 27.28 -20.62
N ASP D 456 -1.04 27.53 -21.93
CA ASP D 456 -0.45 26.60 -22.92
C ASP D 456 1.09 26.59 -22.90
N PHE D 457 1.69 27.73 -22.59
CA PHE D 457 3.13 27.73 -22.41
C PHE D 457 3.43 27.12 -21.08
N TYR D 458 2.75 27.57 -20.03
CA TYR D 458 3.11 27.11 -18.70
C TYR D 458 2.99 25.58 -18.58
N ASN D 459 1.98 25.01 -19.20
CA ASN D 459 1.67 23.59 -19.03
C ASN D 459 2.48 22.63 -19.88
N THR D 460 3.11 23.15 -20.93
CA THR D 460 4.07 22.39 -21.71
C THR D 460 5.28 22.21 -20.84
N ILE D 461 5.85 21.01 -20.92
CA ILE D 461 6.97 20.58 -20.08
C ILE D 461 8.26 21.11 -20.67
N GLY D 462 9.08 21.73 -19.85
CA GLY D 462 10.32 22.32 -20.32
C GLY D 462 11.32 21.35 -20.94
N VAL D 463 12.28 21.92 -21.68
CA VAL D 463 13.48 21.18 -22.09
C VAL D 463 14.64 21.73 -21.27
N HIS D 464 15.39 20.86 -20.65
CA HIS D 464 16.32 21.32 -19.61
C HIS D 464 17.68 20.68 -19.79
N PRO D 465 18.78 21.48 -19.76
CA PRO D 465 18.81 22.93 -19.52
C PRO D 465 18.82 23.78 -20.79
N THR D 466 17.86 24.71 -20.92
CA THR D 466 17.89 25.65 -22.01
C THR D 466 17.48 27.03 -21.51
N SER D 467 17.72 28.06 -22.33
CA SER D 467 17.17 29.35 -22.07
C SER D 467 15.69 29.31 -22.34
N ALA D 468 15.34 28.66 -23.45
CA ALA D 468 13.96 28.60 -23.91
C ALA D 468 12.94 28.13 -22.86
N GLU D 469 13.34 27.21 -21.98
CA GLU D 469 12.39 26.63 -20.99
C GLU D 469 11.82 27.71 -20.08
N GLU D 470 12.45 28.89 -20.09
CA GLU D 470 11.98 30.05 -19.31
C GLU D 470 10.56 30.40 -19.75
N LEU D 471 10.27 30.11 -21.01
CA LEU D 471 9.00 30.40 -21.66
C LEU D 471 7.90 29.54 -21.09
N CYS D 472 8.27 28.37 -20.60
CA CYS D 472 7.32 27.41 -20.12
C CYS D 472 7.38 27.19 -18.62
N SER D 473 7.90 28.18 -17.89
CA SER D 473 8.04 28.13 -16.42
C SER D 473 7.42 29.33 -15.70
N MET D 474 6.73 30.16 -16.46
CA MET D 474 6.14 31.37 -15.91
C MET D 474 4.61 31.26 -15.82
N ARG D 475 4.07 31.67 -14.67
CA ARG D 475 2.69 31.36 -14.23
C ARG D 475 2.04 32.59 -13.62
N THR D 476 2.89 33.45 -13.05
CA THR D 476 2.44 34.61 -12.29
C THR D 476 2.90 35.94 -12.91
N PRO D 477 1.97 36.76 -13.38
CA PRO D 477 2.44 38.06 -13.92
C PRO D 477 3.49 38.75 -13.03
N SER D 478 4.40 39.50 -13.66
CA SER D 478 5.36 40.33 -12.91
C SER D 478 4.73 41.68 -12.69
N TYR D 479 3.95 42.11 -13.67
CA TYR D 479 3.12 43.27 -13.50
C TYR D 479 2.01 43.27 -14.54
N TYR D 480 1.24 44.36 -14.55
CA TYR D 480 0.08 44.53 -15.40
C TYR D 480 -0.06 45.96 -15.91
N TYR D 481 -0.88 46.10 -16.93
CA TYR D 481 -1.40 47.38 -17.31
C TYR D 481 -2.90 47.22 -17.29
N VAL D 482 -3.54 48.16 -16.60
CA VAL D 482 -5.00 48.23 -16.53
C VAL D 482 -5.43 49.63 -16.96
N LYS D 483 -6.27 49.69 -17.98
CA LYS D 483 -6.63 50.96 -18.62
C LYS D 483 -5.39 51.80 -18.93
N GLY D 484 -4.34 51.14 -19.46
CA GLY D 484 -3.08 51.83 -19.79
C GLY D 484 -2.13 52.12 -18.61
N GLU D 485 -2.62 51.98 -17.38
CA GLU D 485 -1.78 52.24 -16.22
C GLU D 485 -0.94 51.01 -15.78
N LYS D 486 0.38 51.11 -15.97
CA LYS D 486 1.32 50.12 -15.48
C LYS D 486 1.28 50.07 -13.95
N MET D 487 0.99 48.91 -13.40
CA MET D 487 0.88 48.72 -11.94
C MET D 487 1.32 47.31 -11.51
N GLU D 488 1.95 47.23 -10.35
CA GLU D 488 2.56 46.01 -9.85
C GLU D 488 1.51 44.93 -9.59
N LYS D 489 0.47 45.29 -8.84
CA LYS D 489 -0.66 44.40 -8.59
C LYS D 489 -1.94 44.88 -9.31
N LEU D 490 -2.90 43.96 -9.52
CA LEU D 490 -4.23 44.31 -10.02
C LEU D 490 -5.00 45.22 -9.05
N PRO D 491 -5.79 46.16 -9.59
CA PRO D 491 -6.58 47.11 -8.79
C PRO D 491 -7.82 46.47 -8.11
PA NDP E . -16.86 -50.73 40.16
O1A NDP E . -17.20 -49.34 39.39
O2A NDP E . -18.04 -51.61 40.46
O5B NDP E . -15.72 -51.52 39.27
C5B NDP E . -15.04 -52.63 39.88
C4B NDP E . -13.99 -53.25 38.94
O4B NDP E . -13.46 -54.44 39.63
C3B NDP E . -14.57 -53.76 37.63
O3B NDP E . -13.57 -53.66 36.65
C2B NDP E . -14.84 -55.25 37.93
O2B NDP E . -14.81 -56.07 36.77
C1B NDP E . -13.62 -55.57 38.76
N9A NDP E . -13.96 -56.62 39.68
C8A NDP E . -15.14 -56.80 40.29
N7A NDP E . -15.04 -57.89 41.06
C5A NDP E . -13.82 -58.38 40.96
C6A NDP E . -13.17 -59.46 41.54
N6A NDP E . -13.81 -60.26 42.42
N1A NDP E . -11.89 -59.68 41.19
C2A NDP E . -11.25 -58.89 40.31
N3A NDP E . -11.83 -57.85 39.76
C4A NDP E . -13.11 -57.58 40.07
O3 NDP E . -16.18 -50.49 41.58
PN NDP E . -15.25 -49.34 42.17
O1N NDP E . -14.11 -48.73 41.15
O2N NDP E . -14.68 -49.93 43.41
O5D NDP E . -16.30 -48.13 42.57
C5D NDP E . -17.58 -48.56 43.13
C4D NDP E . -18.72 -47.67 42.78
O4D NDP E . -18.42 -46.42 43.42
C3D NDP E . -18.65 -47.36 41.30
O3D NDP E . -19.37 -48.32 40.53
C2D NDP E . -19.35 -46.01 41.23
O2D NDP E . -20.74 -46.19 41.36
C1D NDP E . -18.83 -45.31 42.48
N1N NDP E . -17.75 -44.34 42.08
C2N NDP E . -18.07 -43.24 41.24
C3N NDP E . -17.07 -42.31 40.90
C7N NDP E . -17.48 -41.17 40.00
O7N NDP E . -18.64 -41.08 39.61
N7N NDP E . -16.53 -40.30 39.65
C4N NDP E . -15.62 -42.43 41.40
C5N NDP E . -15.41 -43.54 42.26
C6N NDP E . -16.44 -44.46 42.60
P2B NDP E . -16.17 -56.51 35.96
O1X NDP E . -15.71 -57.87 35.31
O2X NDP E . -17.23 -56.85 37.04
O3X NDP E . -16.62 -55.58 34.95
PA FAD F . -22.05 -42.07 52.51
O1A FAD F . -20.93 -43.11 52.44
O2A FAD F . -21.66 -40.75 51.85
O5B FAD F . -22.43 -41.89 54.03
C5B FAD F . -22.41 -43.03 54.85
C4B FAD F . -21.99 -42.52 56.22
O4B FAD F . -22.46 -43.42 57.19
C3B FAD F . -20.49 -42.50 56.37
O3B FAD F . -20.20 -41.20 56.80
C2B FAD F . -20.18 -43.53 57.45
O2B FAD F . -19.28 -42.98 58.38
C1B FAD F . -21.48 -43.67 58.16
N9A FAD F . -21.78 -44.98 58.80
C8A FAD F . -21.61 -46.26 58.34
N7A FAD F . -22.09 -47.12 59.28
C5A FAD F . -22.51 -46.41 60.33
C6A FAD F . -23.07 -46.78 61.55
N6A FAD F . -23.62 -47.99 61.69
N1A FAD F . -23.41 -45.80 62.44
C2A FAD F . -23.23 -44.46 62.12
N3A FAD F . -22.68 -44.10 60.94
C4A FAD F . -22.34 -45.06 60.05
N1 FAD F . -19.79 -40.30 43.49
C2 FAD F . -19.99 -39.28 42.56
O2 FAD F . -21.11 -38.91 42.22
N3 FAD F . -18.94 -38.59 42.03
C4 FAD F . -17.65 -38.93 42.40
O4 FAD F . -16.71 -38.31 41.88
C4X FAD F . -17.44 -39.98 43.31
N5 FAD F . -16.20 -40.30 43.66
C5X FAD F . -15.94 -41.34 44.56
C6 FAD F . -14.61 -41.66 44.90
C7 FAD F . -14.36 -42.67 45.80
C7M FAD F . -12.93 -43.04 46.17
C8 FAD F . -15.44 -43.36 46.36
C8M FAD F . -15.21 -44.48 47.36
C9 FAD F . -16.74 -43.04 46.02
C9A FAD F . -17.01 -42.02 45.12
N10 FAD F . -18.31 -41.71 44.75
C10 FAD F . -18.52 -40.67 43.85
C1' FAD F . -19.50 -42.45 45.34
C2' FAD F . -20.21 -41.65 46.43
O2' FAD F . -19.28 -41.27 47.44
C3' FAD F . -21.37 -42.43 47.09
O3' FAD F . -22.30 -42.92 46.14
C4' FAD F . -22.07 -41.58 48.15
O4' FAD F . -21.10 -41.27 49.10
C5' FAD F . -23.16 -42.34 48.90
O5' FAD F . -23.81 -41.46 49.79
P FAD F . -24.53 -42.18 51.03
O1P FAD F . -25.28 -41.21 51.87
O2P FAD F . -25.31 -43.38 50.54
O3P FAD F . -23.33 -42.77 51.92
NA NA G . -26.61 -26.79 15.04
PA NDP H . -18.45 -5.18 20.36
O1A NDP H . -18.57 -6.67 20.89
O2A NDP H . -19.73 -4.68 19.78
O5B NDP H . -17.86 -4.26 21.52
C5B NDP H . -17.55 -2.93 21.14
C4B NDP H . -17.12 -2.08 22.34
O4B NDP H . -16.66 -0.82 21.77
C3B NDP H . -18.33 -1.78 23.24
O3B NDP H . -17.94 -1.85 24.63
C2B NDP H . -18.66 -0.35 22.82
O2B NDP H . -19.14 0.36 23.93
C1B NDP H . -17.33 0.26 22.40
N9A NDP H . -17.57 1.33 21.37
C8A NDP H . -18.54 1.34 20.46
N7A NDP H . -18.48 2.45 19.71
C5A NDP H . -17.44 3.15 20.14
C6A NDP H . -16.89 4.40 19.77
N6A NDP H . -17.44 5.07 18.77
N1A NDP H . -15.81 4.89 20.40
C2A NDP H . -15.29 4.19 21.40
N3A NDP H . -15.80 3.01 21.79
C4A NDP H . -16.87 2.45 21.19
O3 NDP H . -17.34 -5.08 19.19
PN NDP H . -15.97 -5.96 19.09
O1N NDP H . -15.58 -6.37 20.60
O2N NDP H . -14.92 -5.34 18.22
O5D NDP H . -16.42 -7.35 18.36
C5D NDP H . -17.48 -7.27 17.34
C4D NDP H . -18.33 -8.54 17.24
O4D NDP H . -17.55 -9.72 16.75
C3D NDP H . -18.81 -8.93 18.64
O3D NDP H . -19.94 -8.17 19.10
C2D NDP H . -19.17 -10.39 18.46
O2D NDP H . -20.46 -10.47 17.87
C1D NDP H . -18.04 -10.89 17.50
N1N NDP H . -17.06 -11.65 18.35
C2N NDP H . -17.47 -12.86 18.92
C3N NDP H . -16.59 -13.55 19.78
C7N NDP H . -17.06 -14.88 20.40
O7N NDP H . -18.18 -15.38 20.15
N7N NDP H . -16.10 -15.46 21.12
C4N NDP H . -15.16 -13.04 20.08
C5N NDP H . -14.85 -11.83 19.43
C6N NDP H . -15.76 -11.16 18.62
P2B NDP H . -20.76 0.62 24.12
O1X NDP H . -21.24 -0.60 24.93
O2X NDP H . -20.88 1.84 25.14
O3X NDP H . -21.46 0.87 22.89
PA FAD I . -16.54 -14.14 7.17
O1A FAD I . -15.95 -12.90 7.85
O2A FAD I . -16.42 -15.41 7.99
O5B FAD I . -15.97 -14.26 5.71
C5B FAD I . -16.24 -13.20 4.85
C4B FAD I . -15.29 -13.41 3.70
O4B FAD I . -15.55 -12.47 2.67
C3B FAD I . -13.87 -13.12 4.18
O3B FAD I . -13.09 -14.29 4.15
C2B FAD I . -13.38 -12.02 3.24
O2B FAD I . -12.05 -12.17 2.84
C1B FAD I . -14.33 -12.14 2.08
N9A FAD I . -14.61 -10.92 1.29
C8A FAD I . -14.98 -9.69 1.74
N7A FAD I . -15.17 -8.91 0.65
C5A FAD I . -14.95 -9.63 -0.49
C6A FAD I . -15.01 -9.32 -1.86
N6A FAD I . -15.42 -8.14 -2.27
N1A FAD I . -14.72 -10.27 -2.81
C2A FAD I . -14.37 -11.54 -2.37
N3A FAD I . -14.30 -11.84 -1.02
C4A FAD I . -14.59 -10.89 -0.09
N1 FAD I . -17.53 -15.76 16.50
C2 FAD I . -17.80 -16.88 17.25
O2 FAD I . -18.92 -17.43 17.15
N3 FAD I . -16.85 -17.39 18.10
C4 FAD I . -15.62 -16.79 18.23
O4 FAD I . -14.79 -17.29 19.04
C4X FAD I . -15.35 -15.63 17.49
N5 FAD I . -14.13 -15.01 17.62
C5X FAD I . -13.81 -13.90 16.88
C6 FAD I . -12.57 -13.29 17.02
C7 FAD I . -12.25 -12.13 16.27
C7M FAD I . -10.88 -11.47 16.42
C8 FAD I . -13.20 -11.65 15.38
C8M FAD I . -12.96 -10.44 14.53
C9 FAD I . -14.44 -12.24 15.28
C9A FAD I . -14.76 -13.37 16.01
N10 FAD I . -16.00 -13.98 15.88
C10 FAD I . -16.29 -15.13 16.63
C1' FAD I . -17.03 -13.45 14.93
C2' FAD I . -17.15 -14.36 13.71
O2' FAD I . -15.90 -14.50 13.06
C3' FAD I . -18.15 -13.85 12.65
O3' FAD I . -19.48 -13.63 13.17
C4' FAD I . -18.10 -14.78 11.38
O4' FAD I . -16.78 -14.90 10.85
C5' FAD I . -19.14 -14.37 10.29
O5' FAD I . -18.83 -14.99 9.08
P FAD I . -19.30 -14.45 7.64
O1P FAD I . -19.60 -15.67 6.82
O2P FAD I . -20.46 -13.51 7.88
O3P FAD I . -18.07 -13.80 6.86
NA NA J . -30.71 -31.62 41.29
NA NA K . -14.15 -28.31 -7.79
PA NDP L . 19.55 4.95 -22.08
O1A NDP L . 19.25 6.37 -22.79
O2A NDP L . 18.40 4.12 -21.66
O5B NDP L . 20.69 4.18 -23.01
C5B NDP L . 21.36 3.04 -22.54
C4B NDP L . 22.06 2.36 -23.71
O4B NDP L . 22.64 1.09 -23.34
C3B NDP L . 21.08 2.03 -24.81
O3B NDP L . 21.85 2.23 -25.99
C2B NDP L . 20.77 0.56 -24.61
O2B NDP L . 20.66 -0.12 -25.85
C1B NDP L . 22.09 0.04 -24.10
N9A NDP L . 21.87 -1.09 -23.22
C8A NDP L . 20.77 -1.36 -22.51
N7A NDP L . 20.90 -2.47 -21.80
C5A NDP L . 22.12 -2.94 -22.08
C6A NDP L . 22.84 -4.06 -21.65
N6A NDP L . 22.32 -4.92 -20.80
N1A NDP L . 24.06 -4.26 -22.10
C2A NDP L . 24.59 -3.39 -22.97
N3A NDP L . 23.95 -2.31 -23.42
C4A NDP L . 22.73 -2.06 -22.97
O3 NDP L . 20.24 5.15 -20.65
PN NDP L . 21.43 6.13 -20.12
O1N NDP L . 22.22 7.03 -21.31
O2N NDP L . 22.26 5.32 -19.15
O5D NDP L . 20.56 7.38 -19.42
C5D NDP L . 19.44 7.06 -18.57
C4D NDP L . 18.22 7.94 -18.78
O4D NDP L . 18.53 9.18 -18.10
C3D NDP L . 18.08 8.32 -20.23
O3D NDP L . 17.28 7.35 -20.90
C2D NDP L . 17.31 9.61 -20.09
O2D NDP L . 15.98 9.29 -19.78
C1D NDP L . 18.01 10.29 -18.91
N1N NDP L . 18.99 11.29 -19.47
C2N NDP L . 18.53 12.41 -20.19
C3N NDP L . 19.38 13.35 -20.77
C7N NDP L . 18.78 14.53 -21.50
O7N NDP L . 17.55 14.62 -21.57
N7N NDP L . 19.65 15.38 -22.06
C4N NDP L . 20.86 13.20 -20.67
C5N NDP L . 21.22 12.05 -19.96
C6N NDP L . 20.36 11.14 -19.34
P2B NDP L . 19.31 -0.69 -26.52
O1X NDP L . 19.79 -2.01 -27.39
O2X NDP L . 18.42 -1.27 -25.37
O3X NDP L . 18.60 0.35 -27.25
PA FAD M . 16.70 12.82 -8.42
O1A FAD M . 17.56 11.67 -8.79
O2A FAD M . 17.16 14.18 -8.94
O5B FAD M . 16.69 12.95 -6.83
C5B FAD M . 16.60 11.76 -6.08
C4B FAD M . 17.34 12.09 -4.81
O4B FAD M . 17.14 11.03 -3.92
C3B FAD M . 18.82 12.10 -5.00
O3B FAD M . 19.11 13.42 -4.59
C2B FAD M . 19.36 11.00 -4.08
O2B FAD M . 20.50 11.38 -3.35
C1B FAD M . 18.23 10.89 -3.10
N9A FAD M . 18.02 9.60 -2.37
C8A FAD M . 18.05 8.37 -2.93
N7A FAD M . 17.79 7.51 -1.91
C5A FAD M . 17.59 8.14 -0.73
C6A FAD M . 17.29 7.65 0.55
N6A FAD M . 16.81 6.39 0.70
N1A FAD M . 17.13 8.55 1.57
C2A FAD M . 17.27 9.89 1.27
N3A FAD M . 17.57 10.35 -0.02
C4A FAD M . 17.73 9.47 -1.01
N1 FAD M . 17.24 15.14 -17.59
C2 FAD M . 16.84 16.25 -18.32
O2 FAD M . 15.67 16.55 -18.36
N3 FAD M . 17.73 16.97 -19.04
C4 FAD M . 19.08 16.61 -19.01
O4 FAD M . 19.90 17.32 -19.66
C4X FAD M . 19.49 15.50 -18.25
N5 FAD M . 20.82 15.11 -18.17
C5X FAD M . 21.24 14.01 -17.41
C6 FAD M . 22.58 13.65 -17.36
C7 FAD M . 22.96 12.54 -16.59
C7M FAD M . 24.38 12.09 -16.49
C8 FAD M . 22.01 11.81 -15.87
C8M FAD M . 22.48 10.63 -15.04
C9 FAD M . 20.66 12.20 -15.92
C9A FAD M . 20.28 13.30 -16.69
N10 FAD M . 18.95 13.68 -16.79
C10 FAD M . 18.57 14.77 -17.55
C1' FAD M . 17.90 12.94 -16.05
C2' FAD M . 17.55 13.73 -14.79
O2' FAD M . 18.77 14.10 -14.11
C3' FAD M . 16.62 12.90 -13.91
O3' FAD M . 15.56 12.41 -14.71
C4' FAD M . 16.10 13.73 -12.72
O4' FAD M . 17.22 13.96 -11.86
C5' FAD M . 14.96 13.02 -11.96
O5' FAD M . 14.53 13.71 -10.80
P FAD M . 14.00 12.86 -9.53
O1P FAD M . 13.07 13.72 -8.76
O2P FAD M . 13.34 11.59 -9.87
O3P FAD M . 15.16 12.40 -8.57
NA NA N . 6.06 29.92 -44.24
NA NA O . 12.73 25.74 7.09
PA NDP P . 15.21 51.12 -39.21
O1A NDP P . 15.12 49.60 -38.62
O2A NDP P . 13.89 51.64 -39.68
O5B NDP P . 15.97 52.11 -38.15
C5B NDP P . 16.41 53.42 -38.53
C4B NDP P . 16.96 54.20 -37.32
O4B NDP P . 17.19 55.60 -37.78
C3B NDP P . 15.94 54.29 -36.22
O3B NDP P . 16.61 54.35 -34.99
C2B NDP P . 15.29 55.64 -36.51
O2B NDP P . 14.90 56.16 -35.26
C1B NDP P . 16.43 56.50 -36.99
N9A NDP P . 16.06 57.57 -37.96
C8A NDP P . 15.02 57.61 -38.81
N7A NDP P . 15.02 58.76 -39.50
C5A NDP P . 16.09 59.46 -39.10
C6A NDP P . 16.63 60.73 -39.45
N6A NDP P . 16.10 61.55 -40.39
N1A NDP P . 17.76 61.12 -38.84
C2A NDP P . 18.33 60.38 -37.91
N3A NDP P . 17.83 59.21 -37.56
C4A NDP P . 16.74 58.71 -38.14
O3 NDP P . 16.16 51.16 -40.43
PN NDP P . 17.46 50.32 -40.78
O1N NDP P . 18.28 49.99 -39.46
O2N NDP P . 18.26 51.01 -41.86
O5D NDP P . 16.86 48.98 -41.49
C5D NDP P . 15.69 49.17 -42.35
C4D NDP P . 14.90 47.88 -42.50
O4D NDP P . 15.58 46.77 -43.24
C3D NDP P . 14.73 47.32 -41.09
O3D NDP P . 13.74 48.07 -40.36
C2D NDP P . 14.24 45.94 -41.45
O2D NDP P . 12.85 46.03 -41.85
C1D NDP P . 15.20 45.52 -42.63
N1N NDP P . 16.31 44.83 -41.92
C2N NDP P . 16.02 43.64 -41.26
C3N NDP P . 17.00 42.97 -40.51
C7N NDP P . 16.59 41.67 -39.81
O7N NDP P . 15.43 41.24 -39.94
N7N NDP P . 17.55 41.08 -39.07
C4N NDP P . 18.42 43.53 -40.36
C5N NDP P . 18.61 44.72 -41.10
C6N NDP P . 17.59 45.38 -41.81
P2B NDP P . 13.36 56.40 -34.84
O1X NDP P . 13.42 57.82 -34.21
O2X NDP P . 12.43 56.53 -36.15
O3X NDP P . 12.94 55.42 -33.87
PA FAD Q . 15.33 42.68 -52.99
O1A FAD Q . 16.06 43.97 -52.62
O2A FAD Q . 15.69 41.43 -52.20
O5B FAD Q . 15.67 42.45 -54.55
C5B FAD Q . 15.51 43.57 -55.39
C4B FAD Q . 16.31 43.44 -56.68
O4B FAD Q . 15.84 44.38 -57.62
C3B FAD Q . 17.78 43.78 -56.45
O3B FAD Q . 18.56 42.62 -56.74
C2B FAD Q . 18.09 44.99 -57.35
O2B FAD Q . 19.30 44.88 -58.07
C1B FAD Q . 16.95 44.92 -58.32
N9A FAD Q . 16.53 46.16 -58.99
C8A FAD Q . 16.27 47.40 -58.46
N7A FAD Q . 15.84 48.23 -59.43
C5A FAD Q . 15.83 47.53 -60.58
C6A FAD Q . 15.49 47.87 -61.87
N6A FAD Q . 15.28 49.14 -62.16
N1A FAD Q . 15.58 46.93 -62.86
C2A FAD Q . 15.97 45.63 -62.60
N3A FAD Q . 16.32 45.29 -61.31
C4A FAD Q . 16.23 46.22 -60.32
N1 FAD Q . 15.69 40.68 -43.75
C2 FAD Q . 15.49 39.53 -42.99
O2 FAD Q . 14.42 38.91 -43.02
N3 FAD Q . 16.48 39.06 -42.18
C4 FAD Q . 17.70 39.72 -42.12
O4 FAD Q . 18.58 39.23 -41.35
C4X FAD Q . 17.90 40.88 -42.89
N5 FAD Q . 19.10 41.55 -42.86
C5X FAD Q . 19.30 42.69 -43.63
C6 FAD Q . 20.50 43.35 -43.57
C7 FAD Q . 20.71 44.50 -44.32
C7M FAD Q . 22.08 45.17 -44.25
C8 FAD Q . 19.70 44.99 -45.15
C8M FAD Q . 19.89 46.21 -46.02
C9 FAD Q . 18.49 44.33 -45.20
C9A FAD Q . 18.29 43.18 -44.44
N10 FAD Q . 17.05 42.51 -44.46
C10 FAD Q . 16.89 41.36 -43.70
C1' FAD Q . 15.93 43.04 -45.35
C2' FAD Q . 15.76 42.18 -46.59
O2' FAD Q . 17.01 42.04 -47.26
C3' FAD Q . 14.66 42.71 -47.50
O3' FAD Q . 13.46 42.88 -46.79
C4' FAD Q . 14.47 41.81 -48.71
O4' FAD Q . 15.71 41.64 -49.37
C5' FAD Q . 13.42 42.36 -49.72
O5' FAD Q . 13.38 41.59 -50.93
P FAD Q . 12.69 42.22 -52.22
O1P FAD Q . 12.25 41.03 -53.03
O2P FAD Q . 11.59 43.18 -51.79
O3P FAD Q . 13.76 43.06 -53.05
NA NA R . 6.31 23.87 -17.47
NA NA S . 15.00 29.36 -69.21
#